data_2WM8
# 
_entry.id   2WM8 
# 
_audit_conform.dict_name       mmcif_pdbx.dic 
_audit_conform.dict_version    5.382 
_audit_conform.dict_location   http://mmcif.pdb.org/dictionaries/ascii/mmcif_pdbx.dic 
# 
loop_
_database_2.database_id 
_database_2.database_code 
_database_2.pdbx_database_accession 
_database_2.pdbx_DOI 
PDB   2WM8         pdb_00002wm8 10.2210/pdb2wm8/pdb 
PDBE  EBI-40301    ?            ?                   
WWPDB D_1290040301 ?            ?                   
# 
_pdbx_database_status.status_code                     REL 
_pdbx_database_status.entry_id                        2WM8 
_pdbx_database_status.deposit_site                    PDBE 
_pdbx_database_status.process_site                    PDBE 
_pdbx_database_status.SG_entry                        . 
_pdbx_database_status.recvd_initial_deposition_date   2009-06-30 
_pdbx_database_status.pdb_format_compatible           Y 
_pdbx_database_status.status_code_sf                  REL 
_pdbx_database_status.status_code_mr                  ? 
_pdbx_database_status.status_code_cs                  ? 
_pdbx_database_status.methods_development_category    ? 
_pdbx_database_status.status_code_nmr_data            ? 
# 
loop_
_audit_author.name 
_audit_author.pdbx_ordinal 
'Yue, W.W.'           1  
'Shafqat, N.'         2  
'Pike, A.C.W.'        3  
'Chaikuad, A.'        4  
'Bray, J.E.'          5  
'Pilka, E.W.'         6  
'Burgess-Brown, N.'   7  
'Hapka, E.'           8  
'Filippakopoulos, P.' 9  
'von Delft, F.'       10 
'Arrowsmith, C.'      11 
'Weigelt, J.'         12 
'Edwards, A.'         13 
'Bountra, C.'         14 
'Oppermann, U.'       15 
# 
_citation.id                        primary 
_citation.title                     
'Crystal Structure of Human Magnesium-Dependent Phosphatase 1 of the Haloacid Dehalogenase Superfamily (Mgc5987)' 
_citation.journal_abbrev            'To be Published' 
_citation.journal_volume            ? 
_citation.page_first                ? 
_citation.page_last                 ? 
_citation.year                      ? 
_citation.journal_id_ASTM           ? 
_citation.country                   ? 
_citation.journal_id_ISSN           ? 
_citation.journal_id_CSD            0353 
_citation.book_publisher            ? 
_citation.pdbx_database_id_PubMed   ? 
_citation.pdbx_database_id_DOI      ? 
# 
loop_
_citation_author.citation_id 
_citation_author.name 
_citation_author.ordinal 
_citation_author.identifier_ORCID 
primary 'Yue, W.W.'           1  ? 
primary 'Shafqat, N.'         2  ? 
primary 'Pike, A.C.W.'        3  ? 
primary 'Chaikuad, A.'        4  ? 
primary 'Bray, J.E.'          5  ? 
primary 'Filippakopoulos, P.' 6  ? 
primary 'von Delft, F.'       7  ? 
primary 'Arrowsmith, C.'      8  ? 
primary 'Weigelt, J.'         9  ? 
primary 'Edwards, A.'         10 ? 
primary 'Bountra, C.'         11 ? 
primary 'Oppermann, U.'       12 ? 
# 
_cell.entry_id           2WM8 
_cell.length_a           62.340 
_cell.length_b           62.340 
_cell.length_c           111.860 
_cell.angle_alpha        90.00 
_cell.angle_beta         90.00 
_cell.angle_gamma        90.00 
_cell.Z_PDB              8 
_cell.pdbx_unique_axis   ? 
# 
_symmetry.entry_id                         2WM8 
_symmetry.space_group_name_H-M             'P 43 21 2' 
_symmetry.pdbx_full_space_group_name_H-M   ? 
_symmetry.cell_setting                     ? 
_symmetry.Int_Tables_number                96 
# 
loop_
_entity.id 
_entity.type 
_entity.src_method 
_entity.pdbx_description 
_entity.formula_weight 
_entity.pdbx_number_of_molecules 
_entity.pdbx_ec 
_entity.pdbx_mutation 
_entity.pdbx_fragment 
_entity.details 
1 polymer     man 'MAGNESIUM-DEPENDENT PHOSPHATASE 1' 21458.297 1   3.8.1.- ? 'RESIDUES 1-165' ? 
2 non-polymer syn 1,2-ETHANEDIOL                      62.068    1   ?       ? ?                ? 
3 water       nat water                               18.015    251 ?       ? ?                ? 
# 
_entity_name_com.entity_id   1 
_entity_name_com.name        MDP-1 
# 
_entity_poly.entity_id                      1 
_entity_poly.type                           'polypeptide(L)' 
_entity_poly.nstd_linkage                   no 
_entity_poly.nstd_monomer                   no 
_entity_poly.pdbx_seq_one_letter_code       
;MHHHHHHSSGVDLGTENLYFQSMARLPKLAVFDLDYTLWPFWVDTHVDPPFHKSSDGTVRDRRGQDVRLYPEVPEVLKRL
QSLGVPGAAASRTSEIEGANQLLELFDLFRYFVHREIYPGSKITHFERLQQKTGIPFSQMIFFDDERRNIVDVSKLGVTC
IHIQNGMNLQTLSQGLETFAKAQTGPL
;
_entity_poly.pdbx_seq_one_letter_code_can   
;MHHHHHHSSGVDLGTENLYFQSMARLPKLAVFDLDYTLWPFWVDTHVDPPFHKSSDGTVRDRRGQDVRLYPEVPEVLKRL
QSLGVPGAAASRTSEIEGANQLLELFDLFRYFVHREIYPGSKITHFERLQQKTGIPFSQMIFFDDERRNIVDVSKLGVTC
IHIQNGMNLQTLSQGLETFAKAQTGPL
;
_entity_poly.pdbx_strand_id                 A 
_entity_poly.pdbx_target_identifier         ? 
# 
loop_
_entity_poly_seq.entity_id 
_entity_poly_seq.num 
_entity_poly_seq.mon_id 
_entity_poly_seq.hetero 
1 1   MET n 
1 2   HIS n 
1 3   HIS n 
1 4   HIS n 
1 5   HIS n 
1 6   HIS n 
1 7   HIS n 
1 8   SER n 
1 9   SER n 
1 10  GLY n 
1 11  VAL n 
1 12  ASP n 
1 13  LEU n 
1 14  GLY n 
1 15  THR n 
1 16  GLU n 
1 17  ASN n 
1 18  LEU n 
1 19  TYR n 
1 20  PHE n 
1 21  GLN n 
1 22  SER n 
1 23  MET n 
1 24  ALA n 
1 25  ARG n 
1 26  LEU n 
1 27  PRO n 
1 28  LYS n 
1 29  LEU n 
1 30  ALA n 
1 31  VAL n 
1 32  PHE n 
1 33  ASP n 
1 34  LEU n 
1 35  ASP n 
1 36  TYR n 
1 37  THR n 
1 38  LEU n 
1 39  TRP n 
1 40  PRO n 
1 41  PHE n 
1 42  TRP n 
1 43  VAL n 
1 44  ASP n 
1 45  THR n 
1 46  HIS n 
1 47  VAL n 
1 48  ASP n 
1 49  PRO n 
1 50  PRO n 
1 51  PHE n 
1 52  HIS n 
1 53  LYS n 
1 54  SER n 
1 55  SER n 
1 56  ASP n 
1 57  GLY n 
1 58  THR n 
1 59  VAL n 
1 60  ARG n 
1 61  ASP n 
1 62  ARG n 
1 63  ARG n 
1 64  GLY n 
1 65  GLN n 
1 66  ASP n 
1 67  VAL n 
1 68  ARG n 
1 69  LEU n 
1 70  TYR n 
1 71  PRO n 
1 72  GLU n 
1 73  VAL n 
1 74  PRO n 
1 75  GLU n 
1 76  VAL n 
1 77  LEU n 
1 78  LYS n 
1 79  ARG n 
1 80  LEU n 
1 81  GLN n 
1 82  SER n 
1 83  LEU n 
1 84  GLY n 
1 85  VAL n 
1 86  PRO n 
1 87  GLY n 
1 88  ALA n 
1 89  ALA n 
1 90  ALA n 
1 91  SER n 
1 92  ARG n 
1 93  THR n 
1 94  SER n 
1 95  GLU n 
1 96  ILE n 
1 97  GLU n 
1 98  GLY n 
1 99  ALA n 
1 100 ASN n 
1 101 GLN n 
1 102 LEU n 
1 103 LEU n 
1 104 GLU n 
1 105 LEU n 
1 106 PHE n 
1 107 ASP n 
1 108 LEU n 
1 109 PHE n 
1 110 ARG n 
1 111 TYR n 
1 112 PHE n 
1 113 VAL n 
1 114 HIS n 
1 115 ARG n 
1 116 GLU n 
1 117 ILE n 
1 118 TYR n 
1 119 PRO n 
1 120 GLY n 
1 121 SER n 
1 122 LYS n 
1 123 ILE n 
1 124 THR n 
1 125 HIS n 
1 126 PHE n 
1 127 GLU n 
1 128 ARG n 
1 129 LEU n 
1 130 GLN n 
1 131 GLN n 
1 132 LYS n 
1 133 THR n 
1 134 GLY n 
1 135 ILE n 
1 136 PRO n 
1 137 PHE n 
1 138 SER n 
1 139 GLN n 
1 140 MET n 
1 141 ILE n 
1 142 PHE n 
1 143 PHE n 
1 144 ASP n 
1 145 ASP n 
1 146 GLU n 
1 147 ARG n 
1 148 ARG n 
1 149 ASN n 
1 150 ILE n 
1 151 VAL n 
1 152 ASP n 
1 153 VAL n 
1 154 SER n 
1 155 LYS n 
1 156 LEU n 
1 157 GLY n 
1 158 VAL n 
1 159 THR n 
1 160 CYS n 
1 161 ILE n 
1 162 HIS n 
1 163 ILE n 
1 164 GLN n 
1 165 ASN n 
1 166 GLY n 
1 167 MET n 
1 168 ASN n 
1 169 LEU n 
1 170 GLN n 
1 171 THR n 
1 172 LEU n 
1 173 SER n 
1 174 GLN n 
1 175 GLY n 
1 176 LEU n 
1 177 GLU n 
1 178 THR n 
1 179 PHE n 
1 180 ALA n 
1 181 LYS n 
1 182 ALA n 
1 183 GLN n 
1 184 THR n 
1 185 GLY n 
1 186 PRO n 
1 187 LEU n 
# 
_entity_src_gen.entity_id                          1 
_entity_src_gen.pdbx_src_id                        1 
_entity_src_gen.pdbx_alt_source_flag               sample 
_entity_src_gen.pdbx_seq_type                      ? 
_entity_src_gen.pdbx_beg_seq_num                   ? 
_entity_src_gen.pdbx_end_seq_num                   ? 
_entity_src_gen.gene_src_common_name               HUMAN 
_entity_src_gen.gene_src_genus                     ? 
_entity_src_gen.pdbx_gene_src_gene                 ? 
_entity_src_gen.gene_src_species                   ? 
_entity_src_gen.gene_src_strain                    ? 
_entity_src_gen.gene_src_tissue                    ? 
_entity_src_gen.gene_src_tissue_fraction           ? 
_entity_src_gen.gene_src_details                   ? 
_entity_src_gen.pdbx_gene_src_fragment             ? 
_entity_src_gen.pdbx_gene_src_scientific_name      'HOMO SAPIENS' 
_entity_src_gen.pdbx_gene_src_ncbi_taxonomy_id     9606 
_entity_src_gen.pdbx_gene_src_variant              ? 
_entity_src_gen.pdbx_gene_src_cell_line            ? 
_entity_src_gen.pdbx_gene_src_atcc                 ? 
_entity_src_gen.pdbx_gene_src_organ                ? 
_entity_src_gen.pdbx_gene_src_organelle            ? 
_entity_src_gen.pdbx_gene_src_cell                 ? 
_entity_src_gen.pdbx_gene_src_cellular_location    ? 
_entity_src_gen.host_org_common_name               ? 
_entity_src_gen.pdbx_host_org_scientific_name      'ESCHERICHIA COLI' 
_entity_src_gen.pdbx_host_org_ncbi_taxonomy_id     469008 
_entity_src_gen.host_org_genus                     ? 
_entity_src_gen.pdbx_host_org_gene                 ? 
_entity_src_gen.pdbx_host_org_organ                ? 
_entity_src_gen.host_org_species                   ? 
_entity_src_gen.pdbx_host_org_tissue               ? 
_entity_src_gen.pdbx_host_org_tissue_fraction      ? 
_entity_src_gen.pdbx_host_org_strain               'BL21(DE3)-R3-PRARE2' 
_entity_src_gen.pdbx_host_org_variant              ? 
_entity_src_gen.pdbx_host_org_cell_line            ? 
_entity_src_gen.pdbx_host_org_atcc                 ? 
_entity_src_gen.pdbx_host_org_culture_collection   ? 
_entity_src_gen.pdbx_host_org_cell                 ? 
_entity_src_gen.pdbx_host_org_organelle            ? 
_entity_src_gen.pdbx_host_org_cellular_location    ? 
_entity_src_gen.pdbx_host_org_vector_type          ? 
_entity_src_gen.pdbx_host_org_vector               ? 
_entity_src_gen.host_org_details                   ? 
_entity_src_gen.expression_system_id               ? 
_entity_src_gen.plasmid_name                       PNIC28-BSA4 
_entity_src_gen.plasmid_details                    ? 
_entity_src_gen.pdbx_description                   ? 
# 
loop_
_struct_ref.id 
_struct_ref.db_name 
_struct_ref.db_code 
_struct_ref.entity_id 
_struct_ref.pdbx_seq_one_letter_code 
_struct_ref.pdbx_align_begin 
_struct_ref.pdbx_db_accession 
_struct_ref.pdbx_db_isoform 
1 PDB 2WM8        1 ? ? 2WM8   ? 
2 UNP MGDP1_HUMAN 1 ? ? Q86V88 ? 
# 
loop_
_struct_ref_seq.align_id 
_struct_ref_seq.ref_id 
_struct_ref_seq.pdbx_PDB_id_code 
_struct_ref_seq.pdbx_strand_id 
_struct_ref_seq.seq_align_beg 
_struct_ref_seq.pdbx_seq_align_beg_ins_code 
_struct_ref_seq.seq_align_end 
_struct_ref_seq.pdbx_seq_align_end_ins_code 
_struct_ref_seq.pdbx_db_accession 
_struct_ref_seq.db_align_beg 
_struct_ref_seq.pdbx_db_align_beg_ins_code 
_struct_ref_seq.db_align_end 
_struct_ref_seq.pdbx_db_align_end_ins_code 
_struct_ref_seq.pdbx_auth_seq_align_beg 
_struct_ref_seq.pdbx_auth_seq_align_end 
1 1 2WM8 A 1  ? 22  ? 2WM8   -20 ? 1   ? -20 1   
2 2 2WM8 A 23 ? 187 ? Q86V88 1   ? 165 ? 2   166 
# 
loop_
_chem_comp.id 
_chem_comp.type 
_chem_comp.mon_nstd_flag 
_chem_comp.name 
_chem_comp.pdbx_synonyms 
_chem_comp.formula 
_chem_comp.formula_weight 
ALA 'L-peptide linking' y ALANINE         ?                 'C3 H7 N O2'     89.093  
ARG 'L-peptide linking' y ARGININE        ?                 'C6 H15 N4 O2 1' 175.209 
ASN 'L-peptide linking' y ASPARAGINE      ?                 'C4 H8 N2 O3'    132.118 
ASP 'L-peptide linking' y 'ASPARTIC ACID' ?                 'C4 H7 N O4'     133.103 
CYS 'L-peptide linking' y CYSTEINE        ?                 'C3 H7 N O2 S'   121.158 
EDO non-polymer         . 1,2-ETHANEDIOL  'ETHYLENE GLYCOL' 'C2 H6 O2'       62.068  
GLN 'L-peptide linking' y GLUTAMINE       ?                 'C5 H10 N2 O3'   146.144 
GLU 'L-peptide linking' y 'GLUTAMIC ACID' ?                 'C5 H9 N O4'     147.129 
GLY 'peptide linking'   y GLYCINE         ?                 'C2 H5 N O2'     75.067  
HIS 'L-peptide linking' y HISTIDINE       ?                 'C6 H10 N3 O2 1' 156.162 
HOH non-polymer         . WATER           ?                 'H2 O'           18.015  
ILE 'L-peptide linking' y ISOLEUCINE      ?                 'C6 H13 N O2'    131.173 
LEU 'L-peptide linking' y LEUCINE         ?                 'C6 H13 N O2'    131.173 
LYS 'L-peptide linking' y LYSINE          ?                 'C6 H15 N2 O2 1' 147.195 
MET 'L-peptide linking' y METHIONINE      ?                 'C5 H11 N O2 S'  149.211 
PHE 'L-peptide linking' y PHENYLALANINE   ?                 'C9 H11 N O2'    165.189 
PRO 'L-peptide linking' y PROLINE         ?                 'C5 H9 N O2'     115.130 
SER 'L-peptide linking' y SERINE          ?                 'C3 H7 N O3'     105.093 
THR 'L-peptide linking' y THREONINE       ?                 'C4 H9 N O3'     119.119 
TRP 'L-peptide linking' y TRYPTOPHAN      ?                 'C11 H12 N2 O2'  204.225 
TYR 'L-peptide linking' y TYROSINE        ?                 'C9 H11 N O3'    181.189 
VAL 'L-peptide linking' y VALINE          ?                 'C5 H11 N O2'    117.146 
# 
_exptl.entry_id          2WM8 
_exptl.method            'X-RAY DIFFRACTION' 
_exptl.crystals_number   1 
# 
_exptl_crystal.id                    1 
_exptl_crystal.density_meas          ? 
_exptl_crystal.density_Matthews      2.55 
_exptl_crystal.density_percent_sol   51.78 
_exptl_crystal.description           NONE 
# 
_exptl_crystal_grow.crystal_id      1 
_exptl_crystal_grow.method          ? 
_exptl_crystal_grow.temp            ? 
_exptl_crystal_grow.temp_details    ? 
_exptl_crystal_grow.pH              ? 
_exptl_crystal_grow.pdbx_pH_range   ? 
_exptl_crystal_grow.pdbx_details    '0.2M NA3(CIT),20% PEG 3350' 
# 
_diffrn.id                     1 
_diffrn.ambient_temp           100 
_diffrn.ambient_temp_details   ? 
_diffrn.crystal_id             1 
# 
_diffrn_detector.diffrn_id              1 
_diffrn_detector.detector               CCD 
_diffrn_detector.type                   'ADSC CCD' 
_diffrn_detector.pdbx_collection_date   2009-06-29 
_diffrn_detector.details                ? 
# 
_diffrn_radiation.diffrn_id                        1 
_diffrn_radiation.wavelength_id                    1 
_diffrn_radiation.pdbx_monochromatic_or_laue_m_l   M 
_diffrn_radiation.monochromator                    ? 
_diffrn_radiation.pdbx_diffrn_protocol             'SINGLE WAVELENGTH' 
_diffrn_radiation.pdbx_scattering_type             x-ray 
# 
_diffrn_radiation_wavelength.id           1 
_diffrn_radiation_wavelength.wavelength   0.9763 
_diffrn_radiation_wavelength.wt           1.0 
# 
_diffrn_source.diffrn_id                   1 
_diffrn_source.source                      SYNCHROTRON 
_diffrn_source.type                        'DIAMOND BEAMLINE I03' 
_diffrn_source.pdbx_synchrotron_site       Diamond 
_diffrn_source.pdbx_synchrotron_beamline   I03 
_diffrn_source.pdbx_wavelength             0.9763 
_diffrn_source.pdbx_wavelength_list        ? 
# 
_reflns.pdbx_diffrn_id               1 
_reflns.pdbx_ordinal                 1 
_reflns.entry_id                     2WM8 
_reflns.observed_criterion_sigma_I   2.0 
_reflns.observed_criterion_sigma_F   ? 
_reflns.d_resolution_low             40.00 
_reflns.d_resolution_high            1.75 
_reflns.number_obs                   37274 
_reflns.number_all                   ? 
_reflns.percent_possible_obs         99.9 
_reflns.pdbx_Rmerge_I_obs            0.11 
_reflns.pdbx_Rsym_value              ? 
_reflns.pdbx_netI_over_sigmaI        15.30 
_reflns.B_iso_Wilson_estimate        ? 
_reflns.pdbx_redundancy              6.2 
# 
_reflns_shell.pdbx_diffrn_id         1 
_reflns_shell.pdbx_ordinal           1 
_reflns_shell.d_res_high             1.75 
_reflns_shell.d_res_low              1.84 
_reflns_shell.percent_possible_all   99.9 
_reflns_shell.Rmerge_I_obs           0.84 
_reflns_shell.pdbx_Rsym_value        ? 
_reflns_shell.meanI_over_sigI_obs    2.00 
_reflns_shell.pdbx_redundancy        6.4 
# 
_refine.pdbx_refine_id                           'X-RAY DIFFRACTION' 
_refine.entry_id                                 2WM8 
_refine.pdbx_diffrn_id                           1 
_refine.pdbx_TLS_residual_ADP_flag               'LIKELY RESIDUAL' 
_refine.ls_number_reflns_obs                     21741 
_refine.ls_number_reflns_all                     ? 
_refine.pdbx_ls_sigma_I                          ? 
_refine.pdbx_ls_sigma_F                          . 
_refine.pdbx_data_cutoff_high_absF               ? 
_refine.pdbx_data_cutoff_low_absF                ? 
_refine.pdbx_data_cutoff_high_rms_absF           ? 
_refine.ls_d_res_low                             54.45 
_refine.ls_d_res_high                            1.75 
_refine.ls_percent_reflns_obs                    99.83 
_refine.ls_R_factor_obs                          0.16517 
_refine.ls_R_factor_all                          ? 
_refine.ls_R_factor_R_work                       0.16341 
_refine.ls_R_factor_R_free                       0.19816 
_refine.ls_R_factor_R_free_error                 ? 
_refine.ls_R_factor_R_free_error_details         ? 
_refine.ls_percent_reflns_R_free                 5.3 
_refine.ls_number_reflns_R_free                  1215 
_refine.ls_number_parameters                     ? 
_refine.ls_number_restraints                     ? 
_refine.occupancy_min                            ? 
_refine.occupancy_max                            ? 
_refine.correlation_coeff_Fo_to_Fc               0.965 
_refine.correlation_coeff_Fo_to_Fc_free          0.956 
_refine.B_iso_mean                               9.697 
_refine.aniso_B[1][1]                            0.61 
_refine.aniso_B[2][2]                            0.61 
_refine.aniso_B[3][3]                            -1.22 
_refine.aniso_B[1][2]                            0.00 
_refine.aniso_B[1][3]                            0.00 
_refine.aniso_B[2][3]                            0.00 
_refine.solvent_model_details                    MASK 
_refine.solvent_model_param_ksol                 ? 
_refine.solvent_model_param_bsol                 ? 
_refine.pdbx_solvent_vdw_probe_radii             1.40 
_refine.pdbx_solvent_ion_probe_radii             0.80 
_refine.pdbx_solvent_shrinkage_radii             0.80 
_refine.pdbx_ls_cross_valid_method               THROUGHOUT 
_refine.details                                  'HYDROGENS HAVE BEEN ADDED IN THE RIDING POSITIONS.' 
_refine.pdbx_starting_model                      'PDB ENTRY 1U1P' 
_refine.pdbx_method_to_determine_struct          'MOLECULAR REPLACEMENT' 
_refine.pdbx_isotropic_thermal_model             ? 
_refine.pdbx_stereochemistry_target_values       'MAXIMUM LIKELIHOOD' 
_refine.pdbx_stereochem_target_val_spec_case     ? 
_refine.pdbx_R_Free_selection_details            RANDOM 
_refine.pdbx_overall_ESU_R                       0.097 
_refine.pdbx_overall_ESU_R_Free                  0.098 
_refine.overall_SU_ML                            0.063 
_refine.pdbx_overall_phase_error                 ? 
_refine.overall_SU_B                             4.445 
_refine.overall_SU_R_Cruickshank_DPI             ? 
_refine.pdbx_overall_SU_R_free_Cruickshank_DPI   ? 
_refine.pdbx_overall_SU_R_Blow_DPI               ? 
_refine.pdbx_overall_SU_R_free_Blow_DPI          ? 
# 
_refine_hist.pdbx_refine_id                   'X-RAY DIFFRACTION' 
_refine_hist.cycle_id                         LAST 
_refine_hist.pdbx_number_atoms_protein        1381 
_refine_hist.pdbx_number_atoms_nucleic_acid   0 
_refine_hist.pdbx_number_atoms_ligand         4 
_refine_hist.number_atoms_solvent             251 
_refine_hist.number_atoms_total               1636 
_refine_hist.d_res_high                       1.75 
_refine_hist.d_res_low                        54.45 
# 
loop_
_refine_ls_restr.type 
_refine_ls_restr.dev_ideal 
_refine_ls_restr.dev_ideal_target 
_refine_ls_restr.weight 
_refine_ls_restr.number 
_refine_ls_restr.pdbx_refine_id 
_refine_ls_restr.pdbx_restraint_function 
r_bond_refined_d             0.010  0.022  ? 1471 'X-RAY DIFFRACTION' ? 
r_bond_other_d               0.001  0.020  ? 1036 'X-RAY DIFFRACTION' ? 
r_angle_refined_deg          1.139  1.953  ? 2001 'X-RAY DIFFRACTION' ? 
r_angle_other_deg            0.859  3.000  ? 2510 'X-RAY DIFFRACTION' ? 
r_dihedral_angle_1_deg       5.336  5.000  ? 185  'X-RAY DIFFRACTION' ? 
r_dihedral_angle_2_deg       32.954 23.418 ? 79   'X-RAY DIFFRACTION' ? 
r_dihedral_angle_3_deg       12.908 15.000 ? 255  'X-RAY DIFFRACTION' ? 
r_dihedral_angle_4_deg       17.919 15.000 ? 14   'X-RAY DIFFRACTION' ? 
r_chiral_restr               0.075  0.200  ? 215  'X-RAY DIFFRACTION' ? 
r_gen_planes_refined         0.005  0.021  ? 1656 'X-RAY DIFFRACTION' ? 
r_gen_planes_other           0.001  0.020  ? 324  'X-RAY DIFFRACTION' ? 
r_nbd_refined                ?      ?      ? ?    'X-RAY DIFFRACTION' ? 
r_nbd_other                  ?      ?      ? ?    'X-RAY DIFFRACTION' ? 
r_nbtor_refined              ?      ?      ? ?    'X-RAY DIFFRACTION' ? 
r_nbtor_other                ?      ?      ? ?    'X-RAY DIFFRACTION' ? 
r_xyhbond_nbd_refined        ?      ?      ? ?    'X-RAY DIFFRACTION' ? 
r_xyhbond_nbd_other          ?      ?      ? ?    'X-RAY DIFFRACTION' ? 
r_metal_ion_refined          ?      ?      ? ?    'X-RAY DIFFRACTION' ? 
r_metal_ion_other            ?      ?      ? ?    'X-RAY DIFFRACTION' ? 
r_symmetry_vdw_refined       ?      ?      ? ?    'X-RAY DIFFRACTION' ? 
r_symmetry_vdw_other         ?      ?      ? ?    'X-RAY DIFFRACTION' ? 
r_symmetry_hbond_refined     ?      ?      ? ?    'X-RAY DIFFRACTION' ? 
r_symmetry_hbond_other       ?      ?      ? ?    'X-RAY DIFFRACTION' ? 
r_symmetry_metal_ion_refined ?      ?      ? ?    'X-RAY DIFFRACTION' ? 
r_symmetry_metal_ion_other   ?      ?      ? ?    'X-RAY DIFFRACTION' ? 
r_mcbond_it                  1.577  3.000  ? 871  'X-RAY DIFFRACTION' ? 
r_mcbond_other               0.450  3.000  ? 349  'X-RAY DIFFRACTION' ? 
r_mcangle_it                 2.840  5.000  ? 1421 'X-RAY DIFFRACTION' ? 
r_mcangle_other              ?      ?      ? ?    'X-RAY DIFFRACTION' ? 
r_scbond_it                  4.765  8.000  ? 600  'X-RAY DIFFRACTION' ? 
r_scbond_other               ?      ?      ? ?    'X-RAY DIFFRACTION' ? 
r_scangle_it                 7.651  10.000 ? 572  'X-RAY DIFFRACTION' ? 
r_scangle_other              ?      ?      ? ?    'X-RAY DIFFRACTION' ? 
r_long_range_B_refined       ?      ?      ? ?    'X-RAY DIFFRACTION' ? 
r_long_range_B_other         ?      ?      ? ?    'X-RAY DIFFRACTION' ? 
r_rigid_bond_restr           ?      ?      ? ?    'X-RAY DIFFRACTION' ? 
r_sphericity_free            ?      ?      ? ?    'X-RAY DIFFRACTION' ? 
r_sphericity_bonded          ?      ?      ? ?    'X-RAY DIFFRACTION' ? 
# 
_refine_ls_shell.pdbx_refine_id                   'X-RAY DIFFRACTION' 
_refine_ls_shell.pdbx_total_number_of_bins_used   20 
_refine_ls_shell.d_res_high                       1.750 
_refine_ls_shell.d_res_low                        1.795 
_refine_ls_shell.number_reflns_R_work             1548 
_refine_ls_shell.R_factor_R_work                  0.276 
_refine_ls_shell.percent_reflns_obs               99.82 
_refine_ls_shell.R_factor_R_free                  0.338 
_refine_ls_shell.R_factor_R_free_error            ? 
_refine_ls_shell.percent_reflns_R_free            ? 
_refine_ls_shell.number_reflns_R_free             107 
_refine_ls_shell.number_reflns_all                ? 
_refine_ls_shell.R_factor_all                     ? 
# 
_struct.entry_id                  2WM8 
_struct.title                     
'Crystal structure of human magnesium-dependent phosphatase 1 of the haloacid dehalogenase superfamily (MGC5987)' 
_struct.pdbx_model_details        ? 
_struct.pdbx_CASP_flag            ? 
_struct.pdbx_model_type_details   ? 
# 
_struct_keywords.entry_id        2WM8 
_struct_keywords.pdbx_keywords   HYDROLASE 
_struct_keywords.text            'HALOACID DEHALOGENASE, PROTEIN PHOSPHATASE, HYDROLASE, MAGNESIUM, METAL-BINDING' 
# 
loop_
_struct_asym.id 
_struct_asym.pdbx_blank_PDB_chainid_flag 
_struct_asym.pdbx_modified 
_struct_asym.entity_id 
_struct_asym.details 
A N N 1 ? 
B N N 2 ? 
C N N 3 ? 
# 
_struct_biol.id   1 
# 
loop_
_struct_conf.conf_type_id 
_struct_conf.id 
_struct_conf.pdbx_PDB_helix_id 
_struct_conf.beg_label_comp_id 
_struct_conf.beg_label_asym_id 
_struct_conf.beg_label_seq_id 
_struct_conf.pdbx_beg_PDB_ins_code 
_struct_conf.end_label_comp_id 
_struct_conf.end_label_asym_id 
_struct_conf.end_label_seq_id 
_struct_conf.pdbx_end_PDB_ins_code 
_struct_conf.beg_auth_comp_id 
_struct_conf.beg_auth_asym_id 
_struct_conf.beg_auth_seq_id 
_struct_conf.end_auth_comp_id 
_struct_conf.end_auth_asym_id 
_struct_conf.end_auth_seq_id 
_struct_conf.pdbx_PDB_helix_class 
_struct_conf.details 
_struct_conf.pdbx_PDB_helix_length 
HELX_P HELX_P1 1 GLY A 14  ? ARG A 25  ? GLY A -7  ARG A 4   1 ? 12 
HELX_P HELX_P2 2 GLU A 72  ? GLY A 84  ? GLU A 51  GLY A 63  1 ? 13 
HELX_P HELX_P3 3 GLU A 95  ? PHE A 106 ? GLU A 74  PHE A 85  1 ? 12 
HELX_P HELX_P4 4 SER A 121 ? GLY A 134 ? SER A 100 GLY A 113 1 ? 14 
HELX_P HELX_P5 5 PRO A 136 ? SER A 138 ? PRO A 115 SER A 117 5 ? 3  
HELX_P HELX_P6 6 GLU A 146 ? LYS A 155 ? GLU A 125 LYS A 134 1 ? 10 
HELX_P HELX_P7 7 ASN A 168 ? ALA A 182 ? ASN A 147 ALA A 161 1 ? 15 
# 
_struct_conf_type.id          HELX_P 
_struct_conf_type.criteria    ? 
_struct_conf_type.reference   ? 
# 
_struct_mon_prot_cis.pdbx_id                1 
_struct_mon_prot_cis.label_comp_id          PRO 
_struct_mon_prot_cis.label_seq_id           49 
_struct_mon_prot_cis.label_asym_id          A 
_struct_mon_prot_cis.label_alt_id           . 
_struct_mon_prot_cis.pdbx_PDB_ins_code      ? 
_struct_mon_prot_cis.auth_comp_id           PRO 
_struct_mon_prot_cis.auth_seq_id            28 
_struct_mon_prot_cis.auth_asym_id           A 
_struct_mon_prot_cis.pdbx_label_comp_id_2   PRO 
_struct_mon_prot_cis.pdbx_label_seq_id_2    50 
_struct_mon_prot_cis.pdbx_label_asym_id_2   A 
_struct_mon_prot_cis.pdbx_PDB_ins_code_2    ? 
_struct_mon_prot_cis.pdbx_auth_comp_id_2    PRO 
_struct_mon_prot_cis.pdbx_auth_seq_id_2     29 
_struct_mon_prot_cis.pdbx_auth_asym_id_2    A 
_struct_mon_prot_cis.pdbx_PDB_model_num     1 
_struct_mon_prot_cis.pdbx_omega_angle       2.31 
# 
loop_
_struct_sheet.id 
_struct_sheet.type 
_struct_sheet.number_strands 
_struct_sheet.details 
AA ? 5 ? 
AB ? 3 ? 
# 
loop_
_struct_sheet_order.sheet_id 
_struct_sheet_order.range_id_1 
_struct_sheet_order.range_id_2 
_struct_sheet_order.offset 
_struct_sheet_order.sense 
AA 1 2 ? parallel      
AA 2 3 ? parallel      
AA 3 4 ? parallel      
AA 4 5 ? parallel      
AB 1 2 ? anti-parallel 
AB 2 3 ? anti-parallel 
# 
loop_
_struct_sheet_range.sheet_id 
_struct_sheet_range.id 
_struct_sheet_range.beg_label_comp_id 
_struct_sheet_range.beg_label_asym_id 
_struct_sheet_range.beg_label_seq_id 
_struct_sheet_range.pdbx_beg_PDB_ins_code 
_struct_sheet_range.end_label_comp_id 
_struct_sheet_range.end_label_asym_id 
_struct_sheet_range.end_label_seq_id 
_struct_sheet_range.pdbx_end_PDB_ins_code 
_struct_sheet_range.beg_auth_comp_id 
_struct_sheet_range.beg_auth_asym_id 
_struct_sheet_range.beg_auth_seq_id 
_struct_sheet_range.end_auth_comp_id 
_struct_sheet_range.end_auth_asym_id 
_struct_sheet_range.end_auth_seq_id 
AA 1 PHE A 112 ? ILE A 117 ? PHE A 91  ILE A 96  
AA 2 GLY A 87  ? SER A 91  ? GLY A 66  SER A 70  
AA 3 LEU A 29  ? PHE A 32  ? LEU A 8   PHE A 11  
AA 4 MET A 140 ? ASP A 144 ? MET A 119 ASP A 123 
AA 5 THR A 159 ? HIS A 162 ? THR A 138 HIS A 141 
AB 1 HIS A 52  ? LYS A 53  ? HIS A 31  LYS A 32  
AB 2 VAL A 59  ? ARG A 60  ? VAL A 38  ARG A 39  
AB 3 ASP A 66  ? VAL A 67  ? ASP A 45  VAL A 46  
# 
loop_
_pdbx_struct_sheet_hbond.sheet_id 
_pdbx_struct_sheet_hbond.range_id_1 
_pdbx_struct_sheet_hbond.range_id_2 
_pdbx_struct_sheet_hbond.range_1_label_atom_id 
_pdbx_struct_sheet_hbond.range_1_label_comp_id 
_pdbx_struct_sheet_hbond.range_1_label_asym_id 
_pdbx_struct_sheet_hbond.range_1_label_seq_id 
_pdbx_struct_sheet_hbond.range_1_PDB_ins_code 
_pdbx_struct_sheet_hbond.range_1_auth_atom_id 
_pdbx_struct_sheet_hbond.range_1_auth_comp_id 
_pdbx_struct_sheet_hbond.range_1_auth_asym_id 
_pdbx_struct_sheet_hbond.range_1_auth_seq_id 
_pdbx_struct_sheet_hbond.range_2_label_atom_id 
_pdbx_struct_sheet_hbond.range_2_label_comp_id 
_pdbx_struct_sheet_hbond.range_2_label_asym_id 
_pdbx_struct_sheet_hbond.range_2_label_seq_id 
_pdbx_struct_sheet_hbond.range_2_PDB_ins_code 
_pdbx_struct_sheet_hbond.range_2_auth_atom_id 
_pdbx_struct_sheet_hbond.range_2_auth_comp_id 
_pdbx_struct_sheet_hbond.range_2_auth_asym_id 
_pdbx_struct_sheet_hbond.range_2_auth_seq_id 
AA 1 2 N HIS A 114 ? N HIS A 93  O GLY A 87  ? O GLY A 66  
AA 2 3 N ALA A 88  ? N ALA A 67  O ALA A 30  ? O ALA A 9   
AA 3 4 N VAL A 31  ? N VAL A 10  O ILE A 141 ? O ILE A 120 
AA 4 5 N PHE A 142 ? N PHE A 121 O THR A 159 ? O THR A 138 
AB 1 2 N HIS A 52  ? N HIS A 31  O ARG A 60  ? O ARG A 39  
AB 2 3 N VAL A 59  ? N VAL A 38  O VAL A 67  ? O VAL A 46  
# 
_struct_site.id                   AC1 
_struct_site.pdbx_evidence_code   Software 
_struct_site.pdbx_auth_asym_id    A 
_struct_site.pdbx_auth_comp_id    EDO 
_struct_site.pdbx_auth_seq_id     1163 
_struct_site.pdbx_auth_ins_code   ? 
_struct_site.pdbx_num_residues    4 
_struct_site.details              'BINDING SITE FOR RESIDUE EDO A 1163' 
# 
loop_
_struct_site_gen.id 
_struct_site_gen.site_id 
_struct_site_gen.pdbx_num_res 
_struct_site_gen.label_comp_id 
_struct_site_gen.label_asym_id 
_struct_site_gen.label_seq_id 
_struct_site_gen.pdbx_auth_ins_code 
_struct_site_gen.auth_comp_id 
_struct_site_gen.auth_asym_id 
_struct_site_gen.auth_seq_id 
_struct_site_gen.label_atom_id 
_struct_site_gen.label_alt_id 
_struct_site_gen.symmetry 
_struct_site_gen.details 
1 AC1 4 HIS A 52 ? HIS A 31   . ? 1_555 ? 
2 AC1 4 SER A 54 ? SER A 33   . ? 1_555 ? 
3 AC1 4 HOH C .  ? HOH A 2086 . ? 1_555 ? 
4 AC1 4 HOH C .  ? HOH A 2251 . ? 1_555 ? 
# 
_atom_sites.entry_id                    2WM8 
_atom_sites.fract_transf_matrix[1][1]   0.01083123 
_atom_sites.fract_transf_matrix[1][2]   0.00297429 
_atom_sites.fract_transf_matrix[1][3]   -0.01145215 
_atom_sites.fract_transf_matrix[2][1]   0.00356353 
_atom_sites.fract_transf_matrix[2][2]   0.01398502 
_atom_sites.fract_transf_matrix[2][3]   0.00700244 
_atom_sites.fract_transf_matrix[3][1]   0.00628810 
_atom_sites.fract_transf_matrix[3][2]   -0.00405302 
_atom_sites.fract_transf_matrix[3][3]   0.00489454 
_atom_sites.fract_transf_vector[1]      0.018239 
_atom_sites.fract_transf_vector[2]      -0.245950 
_atom_sites.fract_transf_vector[3]      0.102465 
# 
loop_
_atom_type.symbol 
C 
N 
O 
S 
# 
loop_
_atom_site.group_PDB 
_atom_site.id 
_atom_site.type_symbol 
_atom_site.label_atom_id 
_atom_site.label_alt_id 
_atom_site.label_comp_id 
_atom_site.label_asym_id 
_atom_site.label_entity_id 
_atom_site.label_seq_id 
_atom_site.pdbx_PDB_ins_code 
_atom_site.Cartn_x 
_atom_site.Cartn_y 
_atom_site.Cartn_z 
_atom_site.occupancy 
_atom_site.B_iso_or_equiv 
_atom_site.pdbx_formal_charge 
_atom_site.auth_seq_id 
_atom_site.auth_comp_id 
_atom_site.auth_asym_id 
_atom_site.auth_atom_id 
_atom_site.pdbx_PDB_model_num 
ATOM   1    N N   . GLY A 1 14  ? 6.454   -28.199 -18.396 1.00 19.79 ? -7   GLY A N   1 
ATOM   2    C CA  . GLY A 1 14  ? 7.892   -27.863 -18.604 1.00 17.86 ? -7   GLY A CA  1 
ATOM   3    C C   . GLY A 1 14  ? 8.321   -26.771 -17.635 1.00 13.04 ? -7   GLY A C   1 
ATOM   4    O O   . GLY A 1 14  ? 7.496   -25.989 -17.168 1.00 15.54 ? -7   GLY A O   1 
ATOM   5    N N   . THR A 1 15  ? 9.610   -26.732 -17.322 1.00 12.20 ? -6   THR A N   1 
ATOM   6    C CA  . THR A 1 15  ? 10.135  -25.808 -16.301 1.00 11.95 ? -6   THR A CA  1 
ATOM   7    C C   . THR A 1 15  ? 9.982   -24.340 -16.722 1.00 10.77 ? -6   THR A C   1 
ATOM   8    O O   . THR A 1 15  ? 9.480   -23.514 -15.948 1.00 6.52  ? -6   THR A O   1 
ATOM   9    C CB  . THR A 1 15  ? 11.601  -26.120 -15.998 1.00 13.27 ? -6   THR A CB  1 
ATOM   10   O OG1 . THR A 1 15  ? 11.707  -27.502 -15.637 1.00 13.33 ? -6   THR A OG1 1 
ATOM   11   C CG2 . THR A 1 15  ? 12.136  -25.255 -14.844 1.00 6.98  ? -6   THR A CG2 1 
ATOM   12   N N   . GLU A 1 16  ? 10.384  -24.024 -17.947 1.00 11.00 ? -5   GLU A N   1 
ATOM   13   C CA  . GLU A 1 16  ? 10.243  -22.647 -18.443 1.00 13.09 ? -5   GLU A CA  1 
ATOM   14   C C   . GLU A 1 16  ? 8.776   -22.209 -18.493 1.00 10.78 ? -5   GLU A C   1 
ATOM   15   O O   . GLU A 1 16  ? 8.454   -21.082 -18.127 1.00 9.09  ? -5   GLU A O   1 
ATOM   16   C CB  . GLU A 1 16  ? 10.944  -22.448 -19.798 1.00 15.94 ? -5   GLU A CB  1 
ATOM   17   C CG  . GLU A 1 16  ? 12.489  -22.339 -19.680 1.00 19.14 ? -5   GLU A CG  1 
ATOM   18   C CD  . GLU A 1 16  ? 13.154  -21.569 -20.833 1.00 29.20 ? -5   GLU A CD  1 
ATOM   19   O OE1 . GLU A 1 16  ? 12.485  -20.762 -21.517 1.00 27.15 ? -5   GLU A OE1 1 
ATOM   20   O OE2 . GLU A 1 16  ? 14.371  -21.765 -21.051 1.00 33.71 ? -5   GLU A OE2 1 
ATOM   21   N N   . ASN A 1 17  ? 7.883   -23.093 -18.929 1.00 12.02 ? -4   ASN A N   1 
ATOM   22   C CA  . ASN A 1 17  ? 6.448   -22.779 -18.940 1.00 13.10 ? -4   ASN A CA  1 
ATOM   23   C C   . ASN A 1 17  ? 5.909   -22.476 -17.549 1.00 12.40 ? -4   ASN A C   1 
ATOM   24   O O   . ASN A 1 17  ? 5.169   -21.516 -17.364 1.00 11.30 ? -4   ASN A O   1 
ATOM   25   C CB  . ASN A 1 17  ? 5.629   -23.928 -19.556 1.00 16.57 ? -4   ASN A CB  1 
ATOM   26   C CG  . ASN A 1 17  ? 5.802   -24.028 -21.063 1.00 24.01 ? -4   ASN A CG  1 
ATOM   27   O OD1 . ASN A 1 17  ? 6.199   -23.063 -21.716 1.00 25.80 ? -4   ASN A OD1 1 
ATOM   28   N ND2 . ASN A 1 17  ? 5.492   -25.201 -21.626 1.00 19.74 ? -4   ASN A ND2 1 
ATOM   29   N N   . LEU A 1 18  ? 6.274   -23.302 -16.572 1.00 11.29 ? -3   LEU A N   1 
ATOM   30   C CA  . LEU A 1 18  ? 5.841   -23.081 -15.191 1.00 12.24 ? -3   LEU A CA  1 
ATOM   31   C C   . LEU A 1 18  ? 6.342   -21.724 -14.700 1.00 8.03  ? -3   LEU A C   1 
ATOM   32   O O   . LEU A 1 18  ? 5.583   -20.953 -14.114 1.00 9.98  ? -3   LEU A O   1 
ATOM   33   C CB  . LEU A 1 18  ? 6.371   -24.185 -14.277 1.00 15.04 ? -3   LEU A CB  1 
ATOM   34   C CG  . LEU A 1 18  ? 6.052   -24.062 -12.782 1.00 21.46 ? -3   LEU A CG  1 
ATOM   35   C CD1 . LEU A 1 18  ? 4.565   -24.344 -12.524 1.00 33.34 ? -3   LEU A CD1 1 
ATOM   36   C CD2 . LEU A 1 18  ? 6.935   -25.013 -11.958 1.00 33.01 ? -3   LEU A CD2 1 
ATOM   37   N N   . TYR A 1 19  ? 7.619   -21.450 -14.939 1.00 7.53  ? -2   TYR A N   1 
ATOM   38   C CA  . TYR A 1 19  ? 8.220   -20.186 -14.525 1.00 5.63  ? -2   TYR A CA  1 
ATOM   39   C C   . TYR A 1 19  ? 7.511   -18.990 -15.161 1.00 4.95  ? -2   TYR A C   1 
ATOM   40   O O   . TYR A 1 19  ? 7.063   -18.087 -14.453 1.00 7.63  ? -2   TYR A O   1 
ATOM   41   C CB  . TYR A 1 19  ? 9.715   -20.155 -14.840 1.00 4.42  ? -2   TYR A CB  1 
ATOM   42   C CG  . TYR A 1 19  ? 10.352  -18.821 -14.540 1.00 6.43  ? -2   TYR A CG  1 
ATOM   43   C CD1 . TYR A 1 19  ? 10.560  -18.405 -13.222 1.00 5.97  ? -2   TYR A CD1 1 
ATOM   44   C CD2 . TYR A 1 19  ? 10.740  -17.969 -15.569 1.00 5.43  ? -2   TYR A CD2 1 
ATOM   45   C CE1 . TYR A 1 19  ? 11.152  -17.175 -12.950 1.00 6.44  ? -2   TYR A CE1 1 
ATOM   46   C CE2 . TYR A 1 19  ? 11.309  -16.746 -15.312 1.00 9.18  ? -2   TYR A CE2 1 
ATOM   47   C CZ  . TYR A 1 19  ? 11.524  -16.355 -13.999 1.00 5.19  ? -2   TYR A CZ  1 
ATOM   48   O OH  . TYR A 1 19  ? 12.097  -15.142 -13.759 1.00 8.00  ? -2   TYR A OH  1 
ATOM   49   N N   . PHE A 1 20  ? 7.424   -18.966 -16.485 1.00 5.48  ? -1   PHE A N   1 
ATOM   50   C CA  . PHE A 1 20  ? 6.853   -17.799 -17.171 1.00 7.19  ? -1   PHE A CA  1 
ATOM   51   C C   . PHE A 1 20  ? 5.363   -17.617 -16.898 1.00 7.23  ? -1   PHE A C   1 
ATOM   52   O O   . PHE A 1 20  ? 4.896   -16.486 -16.797 1.00 10.28 ? -1   PHE A O   1 
ATOM   53   C CB  . PHE A 1 20  ? 7.165   -17.832 -18.676 1.00 8.45  ? -1   PHE A CB  1 
ATOM   54   C CG  . PHE A 1 20  ? 8.588   -17.473 -18.992 1.00 6.59  ? -1   PHE A CG  1 
ATOM   55   C CD1 . PHE A 1 20  ? 9.089   -16.228 -18.646 1.00 12.38 ? -1   PHE A CD1 1 
ATOM   56   C CD2 . PHE A 1 20  ? 9.425   -18.369 -19.624 1.00 8.38  ? -1   PHE A CD2 1 
ATOM   57   C CE1 . PHE A 1 20  ? 10.408  -15.893 -18.928 1.00 7.96  ? -1   PHE A CE1 1 
ATOM   58   C CE2 . PHE A 1 20  ? 10.743  -18.038 -19.908 1.00 13.96 ? -1   PHE A CE2 1 
ATOM   59   C CZ  . PHE A 1 20  ? 11.234  -16.803 -19.556 1.00 10.20 ? -1   PHE A CZ  1 
ATOM   60   N N   . GLN A 1 21  ? 4.628   -18.725 -16.741 1.00 7.96  ? 0    GLN A N   1 
ATOM   61   C CA  . GLN A 1 21  ? 3.196   -18.654 -16.427 1.00 10.09 ? 0    GLN A CA  1 
ATOM   62   C C   . GLN A 1 21  ? 2.999   -18.093 -15.032 1.00 10.23 ? 0    GLN A C   1 
ATOM   63   O O   . GLN A 1 21  ? 2.108   -17.267 -14.806 1.00 9.11  ? 0    GLN A O   1 
ATOM   64   C CB  . GLN A 1 21  ? 2.524   -20.023 -16.567 1.00 12.11 ? 0    GLN A CB  1 
ATOM   65   C CG  . GLN A 1 21  ? 2.346   -20.456 -18.038 1.00 19.08 ? 0    GLN A CG  1 
ATOM   66   C CD  . GLN A 1 21  ? 1.936   -21.920 -18.192 1.00 29.10 ? 0    GLN A CD  1 
ATOM   67   O OE1 . GLN A 1 21  ? 1.576   -22.584 -17.220 1.00 34.90 ? 0    GLN A OE1 1 
ATOM   68   N NE2 . GLN A 1 21  ? 1.981   -22.421 -19.426 1.00 26.77 ? 0    GLN A NE2 1 
ATOM   69   N N   . SER A 1 22  ? 3.869   -18.490 -14.106 1.00 8.93  ? 1    SER A N   1 
ATOM   70   C CA  . SER A 1 22  ? 3.811   -17.962 -12.753 1.00 10.50 ? 1    SER A CA  1 
ATOM   71   C C   . SER A 1 22  ? 4.100   -16.450 -12.736 1.00 13.17 ? 1    SER A C   1 
ATOM   72   O O   . SER A 1 22  ? 3.398   -15.678 -12.069 1.00 14.83 ? 1    SER A O   1 
ATOM   73   C CB  . SER A 1 22  ? 4.786   -18.727 -11.857 1.00 13.70 ? 1    SER A CB  1 
ATOM   74   O OG  . SER A 1 22  ? 4.726   -18.253 -10.535 1.00 23.52 ? 1    SER A OG  1 
ATOM   75   N N   . MET A 1 23  ? 5.114   -16.029 -13.483 1.00 12.10 ? 2    MET A N   1 
ATOM   76   C CA  . MET A 1 23  ? 5.440   -14.599 -13.627 1.00 14.88 ? 2    MET A CA  1 
ATOM   77   C C   . MET A 1 23  ? 4.254   -13.800 -14.181 1.00 13.27 ? 2    MET A C   1 
ATOM   78   O O   . MET A 1 23  ? 3.889   -12.764 -13.627 1.00 12.03 ? 2    MET A O   1 
ATOM   79   C CB  . MET A 1 23  ? 6.634   -14.416 -14.564 1.00 16.60 ? 2    MET A CB  1 
ATOM   80   C CG  . MET A 1 23  ? 7.959   -14.909 -14.012 1.00 23.81 ? 2    MET A CG  1 
ATOM   81   S SD  . MET A 1 23  ? 8.941   -13.596 -13.271 1.00 28.73 ? 2    MET A SD  1 
ATOM   82   C CE  . MET A 1 23  ? 9.240   -12.526 -14.673 1.00 28.28 ? 2    MET A CE  1 
ATOM   83   N N   . ALA A 1 24  ? 3.651   -14.295 -15.260 1.00 12.41 ? 3    ALA A N   1 
ATOM   84   C CA  . ALA A 1 24  ? 2.566   -13.576 -15.942 1.00 12.52 ? 3    ALA A CA  1 
ATOM   85   C C   . ALA A 1 24  ? 1.286   -13.395 -15.112 1.00 12.29 ? 3    ALA A C   1 
ATOM   86   O O   . ALA A 1 24  ? 0.487   -12.508 -15.424 1.00 12.55 ? 3    ALA A O   1 
ATOM   87   C CB  . ALA A 1 24  ? 2.230   -14.248 -17.254 1.00 11.22 ? 3    ALA A CB  1 
ATOM   88   N N   . ARG A 1 25  ? 1.096   -14.242 -14.096 1.00 10.26 ? 4    ARG A N   1 
ATOM   89   C CA  A ARG A 1 25  ? -0.083  -14.247 -13.219 0.48 11.68 ? 4    ARG A CA  1 
ATOM   90   C CA  B ARG A 1 25  ? -0.125  -14.202 -13.279 0.52 10.78 ? 4    ARG A CA  1 
ATOM   91   C C   . ARG A 1 25  ? -0.090  -13.093 -12.225 1.00 11.16 ? 4    ARG A C   1 
ATOM   92   O O   . ARG A 1 25  ? -1.128  -12.778 -11.624 1.00 12.41 ? 4    ARG A O   1 
ATOM   93   C CB  A ARG A 1 25  ? -0.107  -15.542 -12.394 0.48 13.59 ? 4    ARG A CB  1 
ATOM   94   C CB  B ARG A 1 25  ? -0.371  -15.545 -12.579 0.52 11.85 ? 4    ARG A CB  1 
ATOM   95   C CG  A ARG A 1 25  ? -1.292  -16.441 -12.631 0.48 17.58 ? 4    ARG A CG  1 
ATOM   96   C CG  B ARG A 1 25  ? -0.854  -16.673 -13.481 0.52 13.32 ? 4    ARG A CG  1 
ATOM   97   C CD  A ARG A 1 25  ? -1.256  -17.624 -11.658 0.48 19.22 ? 4    ARG A CD  1 
ATOM   98   C CD  B ARG A 1 25  ? -1.063  -17.972 -12.685 0.52 13.66 ? 4    ARG A CD  1 
ATOM   99   N NE  A ARG A 1 25  ? -2.594  -18.130 -11.376 0.48 23.74 ? 4    ARG A NE  1 
ATOM   100  N NE  B ARG A 1 25  ? -0.893  -19.165 -13.519 0.52 21.97 ? 4    ARG A NE  1 
ATOM   101  C CZ  A ARG A 1 25  ? -3.238  -17.955 -10.227 0.48 21.74 ? 4    ARG A CZ  1 
ATOM   102  C CZ  B ARG A 1 25  ? 0.079   -20.074 -13.401 0.52 18.33 ? 4    ARG A CZ  1 
ATOM   103  N NH1 A ARG A 1 25  ? -2.671  -17.290 -9.226  0.48 17.66 ? 4    ARG A NH1 1 
ATOM   104  N NH1 B ARG A 1 25  ? 1.020   -19.993 -12.457 0.52 12.88 ? 4    ARG A NH1 1 
ATOM   105  N NH2 A ARG A 1 25  ? -4.456  -18.449 -10.080 0.48 25.18 ? 4    ARG A NH2 1 
ATOM   106  N NH2 B ARG A 1 25  ? 0.100   -21.096 -14.239 0.52 26.71 ? 4    ARG A NH2 1 
ATOM   107  N N   . LEU A 1 26  ? 1.087   -12.515 -12.006 1.00 10.11 ? 5    LEU A N   1 
ATOM   108  C CA  . LEU A 1 26  ? 1.293   -11.543 -10.950 1.00 8.84  ? 5    LEU A CA  1 
ATOM   109  C C   . LEU A 1 26  ? 1.165   -10.102 -11.446 1.00 8.76  ? 5    LEU A C   1 
ATOM   110  O O   . LEU A 1 26  ? 1.503   -9.781  -12.585 1.00 8.58  ? 5    LEU A O   1 
ATOM   111  C CB  . LEU A 1 26  ? 2.677   -11.721 -10.311 1.00 9.28  ? 5    LEU A CB  1 
ATOM   112  C CG  . LEU A 1 26  ? 2.845   -12.963 -9.428  1.00 11.02 ? 5    LEU A CG  1 
ATOM   113  C CD1 . LEU A 1 26  ? 4.308   -13.185 -9.113  1.00 15.65 ? 5    LEU A CD1 1 
ATOM   114  C CD2 . LEU A 1 26  ? 2.025   -12.869 -8.145  1.00 13.23 ? 5    LEU A CD2 1 
ATOM   115  N N   . PRO A 1 27  ? 0.708   -9.221  -10.557 1.00 6.02  ? 6    PRO A N   1 
ATOM   116  C CA  . PRO A 1 27  ? 0.744   -7.805  -10.874 1.00 7.89  ? 6    PRO A CA  1 
ATOM   117  C C   . PRO A 1 27  ? 2.185   -7.318  -10.988 1.00 6.37  ? 6    PRO A C   1 
ATOM   118  O O   . PRO A 1 27  ? 3.092   -7.890  -10.372 1.00 7.34  ? 6    PRO A O   1 
ATOM   119  C CB  . PRO A 1 27  ? 0.034   -7.134  -9.686  1.00 10.15 ? 6    PRO A CB  1 
ATOM   120  C CG  . PRO A 1 27  ? -0.372  -8.203  -8.752  1.00 9.04  ? 6    PRO A CG  1 
ATOM   121  C CD  . PRO A 1 27  ? 0.185   -9.509  -9.211  1.00 6.53  ? 6    PRO A CD  1 
ATOM   122  N N   . LYS A 1 28  ? 2.380   -6.265  -11.764 1.00 5.26  ? 7    LYS A N   1 
ATOM   123  C CA  . LYS A 1 28  ? 3.678   -5.624  -11.890 1.00 7.79  ? 7    LYS A CA  1 
ATOM   124  C C   . LYS A 1 28  ? 3.871   -4.481  -10.887 1.00 9.45  ? 7    LYS A C   1 
ATOM   125  O O   . LYS A 1 28  ? 4.965   -3.949  -10.780 1.00 8.34  ? 7    LYS A O   1 
ATOM   126  C CB  . LYS A 1 28  ? 3.862   -5.092  -13.314 1.00 10.63 ? 7    LYS A CB  1 
ATOM   127  C CG  . LYS A 1 28  ? 3.894   -6.164  -14.391 1.00 17.32 ? 7    LYS A CG  1 
ATOM   128  C CD  . LYS A 1 28  ? 5.082   -7.096  -14.216 1.00 27.39 ? 7    LYS A CD  1 
ATOM   129  C CE  . LYS A 1 28  ? 5.107   -8.152  -15.303 1.00 35.05 ? 7    LYS A CE  1 
ATOM   130  N NZ  . LYS A 1 28  ? 3.883   -8.991  -15.255 1.00 34.20 ? 7    LYS A NZ  1 
ATOM   131  N N   . LEU A 1 29  ? 2.821   -4.108  -10.158 1.00 8.69  ? 8    LEU A N   1 
ATOM   132  C CA  . LEU A 1 29  ? 2.911   -3.063  -9.117  1.00 5.88  ? 8    LEU A CA  1 
ATOM   133  C C   . LEU A 1 29  ? 1.771   -3.265  -8.140  1.00 7.31  ? 8    LEU A C   1 
ATOM   134  O O   . LEU A 1 29  ? 0.638   -3.491  -8.569  1.00 5.26  ? 8    LEU A O   1 
ATOM   135  C CB  . LEU A 1 29  ? 2.765   -1.672  -9.724  1.00 4.19  ? 8    LEU A CB  1 
ATOM   136  C CG  . LEU A 1 29  ? 3.019   -0.443  -8.845  1.00 3.13  ? 8    LEU A CG  1 
ATOM   137  C CD1 . LEU A 1 29  ? 4.484   -0.409  -8.368  1.00 5.66  ? 8    LEU A CD1 1 
ATOM   138  C CD2 . LEU A 1 29  ? 2.660   0.867   -9.585  1.00 10.13 ? 8    LEU A CD2 1 
ATOM   139  N N   . ALA A 1 30  ? 2.072   -3.199  -6.848  1.00 4.49  ? 9    ALA A N   1 
ATOM   140  C CA  . ALA A 1 30  ? 1.040   -3.255  -5.809  1.00 5.47  ? 9    ALA A CA  1 
ATOM   141  C C   . ALA A 1 30  ? 0.972   -1.895  -5.151  1.00 4.58  ? 9    ALA A C   1 
ATOM   142  O O   . ALA A 1 30  ? 1.930   -1.464  -4.494  1.00 6.71  ? 9    ALA A O   1 
ATOM   143  C CB  . ALA A 1 30  ? 1.340   -4.335  -4.773  1.00 6.61  ? 9    ALA A CB  1 
ATOM   144  N N   . VAL A 1 31  ? -0.163  -1.227  -5.321  1.00 3.02  ? 10   VAL A N   1 
ATOM   145  C CA  . VAL A 1 31  ? -0.370  0.099   -4.748  1.00 2.63  ? 10   VAL A CA  1 
ATOM   146  C C   . VAL A 1 31  ? -1.203  0.025   -3.459  1.00 2.00  ? 10   VAL A C   1 
ATOM   147  O O   . VAL A 1 31  ? -2.233  -0.676  -3.402  1.00 5.11  ? 10   VAL A O   1 
ATOM   148  C CB  . VAL A 1 31  ? -1.053  1.037   -5.772  1.00 3.39  ? 10   VAL A CB  1 
ATOM   149  C CG1 . VAL A 1 31  ? -1.117  2.473   -5.226  1.00 4.22  ? 10   VAL A CG1 1 
ATOM   150  C CG2 . VAL A 1 31  ? -0.318  0.976   -7.124  1.00 3.39  ? 10   VAL A CG2 1 
ATOM   151  N N   . PHE A 1 32  ? -0.741  0.720   -2.429  1.00 3.32  ? 11   PHE A N   1 
ATOM   152  C CA  . PHE A 1 32  ? -1.413  0.754   -1.138  1.00 5.04  ? 11   PHE A CA  1 
ATOM   153  C C   . PHE A 1 32  ? -1.757  2.188   -0.754  1.00 6.13  ? 11   PHE A C   1 
ATOM   154  O O   . PHE A 1 32  ? -0.934  3.088   -0.873  1.00 4.70  ? 11   PHE A O   1 
ATOM   155  C CB  . PHE A 1 32  ? -0.526  0.135   -0.044  1.00 4.06  ? 11   PHE A CB  1 
ATOM   156  C CG  . PHE A 1 32  ? -0.344  -1.348  -0.182  1.00 5.57  ? 11   PHE A CG  1 
ATOM   157  C CD1 . PHE A 1 32  ? -1.208  -2.220  0.464   1.00 6.20  ? 11   PHE A CD1 1 
ATOM   158  C CD2 . PHE A 1 32  ? 0.670   -1.878  -0.985  1.00 7.11  ? 11   PHE A CD2 1 
ATOM   159  C CE1 . PHE A 1 32  ? -1.069  -3.597  0.327   1.00 10.22 ? 11   PHE A CE1 1 
ATOM   160  C CE2 . PHE A 1 32  ? 0.828   -3.274  -1.116  1.00 8.60  ? 11   PHE A CE2 1 
ATOM   161  C CZ  . PHE A 1 32  ? -0.044  -4.126  -0.458  1.00 12.28 ? 11   PHE A CZ  1 
ATOM   162  N N   . ASP A 1 33  ? -2.979  2.395   -0.276  1.00 5.29  ? 12   ASP A N   1 
ATOM   163  C CA  . ASP A 1 33  ? -3.283  3.576   0.533   1.00 6.14  ? 12   ASP A CA  1 
ATOM   164  C C   . ASP A 1 33  ? -2.557  3.421   1.881   1.00 6.25  ? 12   ASP A C   1 
ATOM   165  O O   . ASP A 1 33  ? -2.017  2.357   2.185   1.00 6.17  ? 12   ASP A O   1 
ATOM   166  C CB  . ASP A 1 33  ? -4.800  3.701   0.706   1.00 7.35  ? 12   ASP A CB  1 
ATOM   167  C CG  . ASP A 1 33  ? -5.234  5.012   1.408   1.00 11.42 ? 12   ASP A CG  1 
ATOM   168  O OD1 . ASP A 1 33  ? -4.475  6.009   1.443   1.00 15.76 ? 12   ASP A OD1 1 
ATOM   169  O OD2 . ASP A 1 33  ? -6.359  5.030   1.923   1.00 24.09 ? 12   ASP A OD2 1 
ATOM   170  N N   . LEU A 1 34  ? -2.522  4.482   2.671   1.00 5.88  ? 13   LEU A N   1 
ATOM   171  C CA  . LEU A 1 34  ? -1.851  4.478   3.961   1.00 6.25  ? 13   LEU A CA  1 
ATOM   172  C C   . LEU A 1 34  ? -2.814  4.377   5.148   1.00 6.33  ? 13   LEU A C   1 
ATOM   173  O O   . LEU A 1 34  ? -2.893  3.330   5.803   1.00 6.16  ? 13   LEU A O   1 
ATOM   174  C CB  . LEU A 1 34  ? -0.951  5.717   4.072   1.00 4.63  ? 13   LEU A CB  1 
ATOM   175  C CG  . LEU A 1 34  ? 0.175   5.806   3.031   1.00 6.91  ? 13   LEU A CG  1 
ATOM   176  C CD1 . LEU A 1 34  ? 1.039   7.080   3.262   1.00 7.30  ? 13   LEU A CD1 1 
ATOM   177  C CD2 . LEU A 1 34  ? 1.041   4.530   3.013   1.00 8.69  ? 13   LEU A CD2 1 
ATOM   178  N N   . ASP A 1 35  ? -3.545  5.459   5.438   1.00 6.78  ? 14   ASP A N   1 
ATOM   179  C CA  . ASP A 1 35  ? -4.523  5.461   6.544   1.00 5.38  ? 14   ASP A CA  1 
ATOM   180  C C   . ASP A 1 35  ? -5.559  4.341   6.345   1.00 4.81  ? 14   ASP A C   1 
ATOM   181  O O   . ASP A 1 35  ? -6.174  4.225   5.275   1.00 5.90  ? 14   ASP A O   1 
ATOM   182  C CB  . ASP A 1 35  ? -5.284  6.799   6.620   1.00 5.53  ? 14   ASP A CB  1 
ATOM   183  C CG  . ASP A 1 35  ? -4.382  8.017   6.867   1.00 10.04 ? 14   ASP A CG  1 
ATOM   184  O OD1 . ASP A 1 35  ? -3.331  7.940   7.557   1.00 7.97  ? 14   ASP A OD1 1 
ATOM   185  O OD2 . ASP A 1 35  ? -4.796  9.106   6.412   1.00 8.55  ? 14   ASP A OD2 1 
ATOM   186  N N   . TYR A 1 36  ? -5.728  3.518   7.378   1.00 4.38  ? 15   TYR A N   1 
ATOM   187  C CA  . TYR A 1 36  ? -6.713  2.440   7.436   1.00 2.72  ? 15   TYR A CA  1 
ATOM   188  C C   . TYR A 1 36  ? -6.421  1.270   6.480   1.00 6.17  ? 15   TYR A C   1 
ATOM   189  O O   . TYR A 1 36  ? -7.245  0.365   6.316   1.00 5.08  ? 15   TYR A O   1 
ATOM   190  C CB  . TYR A 1 36  ? -8.145  2.994   7.326   1.00 5.38  ? 15   TYR A CB  1 
ATOM   191  C CG  . TYR A 1 36  ? -8.554  3.801   8.542   1.00 4.74  ? 15   TYR A CG  1 
ATOM   192  C CD1 . TYR A 1 36  ? -8.893  3.172   9.729   1.00 6.94  ? 15   TYR A CD1 1 
ATOM   193  C CD2 . TYR A 1 36  ? -8.573  5.188   8.513   1.00 7.63  ? 15   TYR A CD2 1 
ATOM   194  C CE1 . TYR A 1 36  ? -9.249  3.895   10.857  1.00 10.27 ? 15   TYR A CE1 1 
ATOM   195  C CE2 . TYR A 1 36  ? -8.934  5.926   9.630   1.00 9.33  ? 15   TYR A CE2 1 
ATOM   196  C CZ  . TYR A 1 36  ? -9.273  5.277   10.797  1.00 10.13 ? 15   TYR A CZ  1 
ATOM   197  O OH  . TYR A 1 36  ? -9.633  5.998   11.907  1.00 10.26 ? 15   TYR A OH  1 
ATOM   198  N N   . THR A 1 37  ? -5.234  1.295   5.879   1.00 5.12  ? 16   THR A N   1 
ATOM   199  C CA  . THR A 1 37  ? -4.738  0.205   5.036   1.00 5.31  ? 16   THR A CA  1 
ATOM   200  C C   . THR A 1 37  ? -3.482  -0.377  5.680   1.00 5.56  ? 16   THR A C   1 
ATOM   201  O O   . THR A 1 37  ? -3.454  -1.574  5.995   1.00 5.46  ? 16   THR A O   1 
ATOM   202  C CB  . THR A 1 37  ? -4.476  0.697   3.577   1.00 7.80  ? 16   THR A CB  1 
ATOM   203  O OG1 . THR A 1 37  ? -5.723  1.049   2.957   1.00 7.57  ? 16   THR A OG1 1 
ATOM   204  C CG2 . THR A 1 37  ? -3.789  -0.379  2.740   1.00 9.91  ? 16   THR A CG2 1 
ATOM   205  N N   . LEU A 1 38  ? -2.461  0.461   5.899   1.00 3.55  ? 17   LEU A N   1 
ATOM   206  C CA  . LEU A 1 38  ? -1.237  0.038   6.576   1.00 4.07  ? 17   LEU A CA  1 
ATOM   207  C C   . LEU A 1 38  ? -1.300  0.266   8.083   1.00 5.41  ? 17   LEU A C   1 
ATOM   208  O O   . LEU A 1 38  ? -0.661  -0.475  8.850   1.00 5.31  ? 17   LEU A O   1 
ATOM   209  C CB  . LEU A 1 38  ? -0.010  0.756   6.004   1.00 6.47  ? 17   LEU A CB  1 
ATOM   210  C CG  . LEU A 1 38  ? 0.309   0.525   4.518   1.00 6.33  ? 17   LEU A CG  1 
ATOM   211  C CD1 . LEU A 1 38  ? 1.673   1.110   4.185   1.00 7.23  ? 17   LEU A CD1 1 
ATOM   212  C CD2 . LEU A 1 38  ? 0.228   -0.941  4.106   1.00 7.04  ? 17   LEU A CD2 1 
ATOM   213  N N   . TRP A 1 39  ? -2.055  1.281   8.507   1.00 4.80  ? 18   TRP A N   1 
ATOM   214  C CA  . TRP A 1 39  ? -2.154  1.628   9.940   1.00 4.52  ? 18   TRP A CA  1 
ATOM   215  C C   . TRP A 1 39  ? -3.583  2.096   10.323  1.00 4.87  ? 18   TRP A C   1 
ATOM   216  O O   . TRP A 1 39  ? -4.282  2.704   9.506   1.00 5.48  ? 18   TRP A O   1 
ATOM   217  C CB  . TRP A 1 39  ? -1.068  2.647   10.331  1.00 3.62  ? 18   TRP A CB  1 
ATOM   218  C CG  . TRP A 1 39  ? -1.019  3.931   9.533   1.00 3.73  ? 18   TRP A CG  1 
ATOM   219  C CD1 . TRP A 1 39  ? -1.994  4.883   9.455   1.00 6.38  ? 18   TRP A CD1 1 
ATOM   220  C CD2 . TRP A 1 39  ? 0.083   4.427   8.752   1.00 3.80  ? 18   TRP A CD2 1 
ATOM   221  N NE1 . TRP A 1 39  ? -1.586  5.914   8.650   1.00 5.76  ? 18   TRP A NE1 1 
ATOM   222  C CE2 . TRP A 1 39  ? -0.307  5.672   8.224   1.00 4.65  ? 18   TRP A CE2 1 
ATOM   223  C CE3 . TRP A 1 39  ? 1.374   3.948   8.473   1.00 5.63  ? 18   TRP A CE3 1 
ATOM   224  C CZ2 . TRP A 1 39  ? 0.540   6.447   7.410   1.00 6.93  ? 18   TRP A CZ2 1 
ATOM   225  C CZ3 . TRP A 1 39  ? 2.202   4.707   7.655   1.00 9.46  ? 18   TRP A CZ3 1 
ATOM   226  C CH2 . TRP A 1 39  ? 1.779   5.941   7.135   1.00 7.04  ? 18   TRP A CH2 1 
ATOM   227  N N   . PRO A 1 40  ? -4.024  1.804   11.569  1.00 6.15  ? 19   PRO A N   1 
ATOM   228  C CA  . PRO A 1 40  ? -5.439  1.970   11.945  1.00 7.77  ? 19   PRO A CA  1 
ATOM   229  C C   . PRO A 1 40  ? -5.860  3.362   12.405  1.00 5.58  ? 19   PRO A C   1 
ATOM   230  O O   . PRO A 1 40  ? -6.550  3.512   13.439  1.00 6.12  ? 19   PRO A O   1 
ATOM   231  C CB  . PRO A 1 40  ? -5.604  0.946   13.071  1.00 8.14  ? 19   PRO A CB  1 
ATOM   232  C CG  . PRO A 1 40  ? -4.279  0.956   13.740  1.00 6.71  ? 19   PRO A CG  1 
ATOM   233  C CD  . PRO A 1 40  ? -3.270  1.103   12.630  1.00 7.03  ? 19   PRO A CD  1 
ATOM   234  N N   . PHE A 1 41  ? -5.495  4.379   11.631  1.00 5.37  ? 20   PHE A N   1 
ATOM   235  C CA  . PHE A 1 41  ? -5.828  5.746   11.984  1.00 3.38  ? 20   PHE A CA  1 
ATOM   236  C C   . PHE A 1 41  ? -5.615  6.695   10.810  1.00 3.17  ? 20   PHE A C   1 
ATOM   237  O O   . PHE A 1 41  ? -5.018  6.320   9.791   1.00 4.13  ? 20   PHE A O   1 
ATOM   238  C CB  . PHE A 1 41  ? -5.002  6.206   13.206  1.00 4.05  ? 20   PHE A CB  1 
ATOM   239  C CG  . PHE A 1 41  ? -3.510  6.126   12.999  1.00 2.91  ? 20   PHE A CG  1 
ATOM   240  C CD1 . PHE A 1 41  ? -2.828  7.159   12.365  1.00 7.88  ? 20   PHE A CD1 1 
ATOM   241  C CD2 . PHE A 1 41  ? -2.791  5.010   13.418  1.00 6.77  ? 20   PHE A CD2 1 
ATOM   242  C CE1 . PHE A 1 41  ? -1.466  7.080   12.144  1.00 5.53  ? 20   PHE A CE1 1 
ATOM   243  C CE2 . PHE A 1 41  ? -1.426  4.925   13.210  1.00 5.93  ? 20   PHE A CE2 1 
ATOM   244  C CZ  . PHE A 1 41  ? -0.756  5.955   12.562  1.00 7.29  ? 20   PHE A CZ  1 
ATOM   245  N N   . TRP A 1 42  ? -6.151  7.907   10.938  1.00 3.43  ? 21   TRP A N   1 
ATOM   246  C CA  . TRP A 1 42  ? -5.813  9.029   10.043  1.00 2.37  ? 21   TRP A CA  1 
ATOM   247  C C   . TRP A 1 42  ? -4.607  9.792   10.604  1.00 4.20  ? 21   TRP A C   1 
ATOM   248  O O   . TRP A 1 42  ? -4.689  10.391  11.677  1.00 2.98  ? 21   TRP A O   1 
ATOM   249  C CB  . TRP A 1 42  ? -6.985  10.018  9.930   1.00 2.44  ? 21   TRP A CB  1 
ATOM   250  C CG  . TRP A 1 42  ? -8.107  9.642   8.992   1.00 3.99  ? 21   TRP A CG  1 
ATOM   251  C CD1 . TRP A 1 42  ? -8.025  8.918   7.838   1.00 7.40  ? 21   TRP A CD1 1 
ATOM   252  C CD2 . TRP A 1 42  ? -9.468  10.069  9.096   1.00 3.35  ? 21   TRP A CD2 1 
ATOM   253  N NE1 . TRP A 1 42  ? -9.267  8.835   7.237   1.00 7.84  ? 21   TRP A NE1 1 
ATOM   254  C CE2 . TRP A 1 42  ? -10.164 9.543   7.992   1.00 5.65  ? 21   TRP A CE2 1 
ATOM   255  C CE3 . TRP A 1 42  ? -10.164 10.847  10.024  1.00 6.17  ? 21   TRP A CE3 1 
ATOM   256  C CZ2 . TRP A 1 42  ? -11.538 9.775   7.789   1.00 6.07  ? 21   TRP A CZ2 1 
ATOM   257  C CZ3 . TRP A 1 42  ? -11.524 11.064  9.831   1.00 5.63  ? 21   TRP A CZ3 1 
ATOM   258  C CH2 . TRP A 1 42  ? -12.189 10.528  8.726   1.00 7.14  ? 21   TRP A CH2 1 
ATOM   259  N N   . VAL A 1 43  ? -3.504  9.808   9.861   1.00 2.21  ? 22   VAL A N   1 
ATOM   260  C CA  . VAL A 1 43  ? -2.270  10.466  10.312  1.00 4.93  ? 22   VAL A CA  1 
ATOM   261  C C   . VAL A 1 43  ? -2.416  12.000  10.493  1.00 5.67  ? 22   VAL A C   1 
ATOM   262  O O   . VAL A 1 43  ? -1.709  12.584  11.326  1.00 5.57  ? 22   VAL A O   1 
ATOM   263  C CB  . VAL A 1 43  ? -1.060  10.079  9.409   1.00 5.76  ? 22   VAL A CB  1 
ATOM   264  C CG1 . VAL A 1 43  ? -1.232  10.605  7.986   1.00 4.76  ? 22   VAL A CG1 1 
ATOM   265  C CG2 . VAL A 1 43  ? 0.282   10.547  10.037  1.00 4.34  ? 22   VAL A CG2 1 
ATOM   266  N N   . ASP A 1 44  ? -3.366  12.641  9.794   1.00 3.48  ? 23   ASP A N   1 
ATOM   267  C CA  . ASP A 1 44  ? -3.595  14.083  9.986   1.00 6.22  ? 23   ASP A CA  1 
ATOM   268  C C   . ASP A 1 44  ? -4.584  14.460  11.099  1.00 5.34  ? 23   ASP A C   1 
ATOM   269  O O   . ASP A 1 44  ? -4.832  15.657  11.331  1.00 5.22  ? 23   ASP A O   1 
ATOM   270  C CB  . ASP A 1 44  ? -3.925  14.805  8.657   1.00 4.27  ? 23   ASP A CB  1 
ATOM   271  C CG  . ASP A 1 44  ? -5.325  14.502  8.104   1.00 9.20  ? 23   ASP A CG  1 
ATOM   272  O OD1 . ASP A 1 44  ? -6.158  13.838  8.759   1.00 4.90  ? 23   ASP A OD1 1 
ATOM   273  O OD2 . ASP A 1 44  ? -5.574  14.958  6.962   1.00 8.75  ? 23   ASP A OD2 1 
ATOM   274  N N   . THR A 1 45  ? -5.139  13.460  11.791  1.00 6.02  ? 24   THR A N   1 
ATOM   275  C CA  . THR A 1 45  ? -6.181  13.708  12.800  1.00 4.36  ? 24   THR A CA  1 
ATOM   276  C C   . THR A 1 45  ? -5.957  13.035  14.161  1.00 5.12  ? 24   THR A C   1 
ATOM   277  O O   . THR A 1 45  ? -6.069  13.677  15.208  1.00 4.61  ? 24   THR A O   1 
ATOM   278  C CB  . THR A 1 45  ? -7.566  13.282  12.256  1.00 4.89  ? 24   THR A CB  1 
ATOM   279  O OG1 . THR A 1 45  ? -7.814  13.944  11.004  1.00 6.41  ? 24   THR A OG1 1 
ATOM   280  C CG2 . THR A 1 45  ? -8.662  13.621  13.251  1.00 9.18  ? 24   THR A CG2 1 
ATOM   281  N N   . HIS A 1 46  ? -5.656  11.745  14.158  1.00 6.01  ? 25   HIS A N   1 
ATOM   282  C CA  . HIS A 1 46  ? -5.763  10.942  15.376  1.00 4.07  ? 25   HIS A CA  1 
ATOM   283  C C   . HIS A 1 46  ? -4.494  10.895  16.224  1.00 5.16  ? 25   HIS A C   1 
ATOM   284  O O   . HIS A 1 46  ? -4.517  10.392  17.353  1.00 7.07  ? 25   HIS A O   1 
ATOM   285  C CB  . HIS A 1 46  ? -6.202  9.521   15.014  1.00 4.84  ? 25   HIS A CB  1 
ATOM   286  C CG  . HIS A 1 46  ? -7.533  9.470   14.328  1.00 6.07  ? 25   HIS A CG  1 
ATOM   287  N ND1 . HIS A 1 46  ? -7.792  8.649   13.252  1.00 6.59  ? 25   HIS A ND1 1 
ATOM   288  C CD2 . HIS A 1 46  ? -8.673  10.173  14.551  1.00 7.58  ? 25   HIS A CD2 1 
ATOM   289  C CE1 . HIS A 1 46  ? -9.038  8.840   12.849  1.00 9.62  ? 25   HIS A CE1 1 
ATOM   290  N NE2 . HIS A 1 46  ? -9.595  9.767   13.617  1.00 5.93  ? 25   HIS A NE2 1 
ATOM   291  N N   . VAL A 1 47  ? -3.406  11.405  15.668  1.00 4.74  ? 26   VAL A N   1 
ATOM   292  C CA  . VAL A 1 47  ? -2.117  11.443  16.339  1.00 5.15  ? 26   VAL A CA  1 
ATOM   293  C C   . VAL A 1 47  ? -1.523  12.831  16.168  1.00 7.09  ? 26   VAL A C   1 
ATOM   294  O O   . VAL A 1 47  ? -1.997  13.627  15.355  1.00 9.01  ? 26   VAL A O   1 
ATOM   295  C CB  . VAL A 1 47  ? -1.152  10.364  15.791  1.00 5.68  ? 26   VAL A CB  1 
ATOM   296  C CG1 . VAL A 1 47  ? -1.623  8.970   16.195  1.00 7.81  ? 26   VAL A CG1 1 
ATOM   297  C CG2 . VAL A 1 47  ? -0.991  10.463  14.251  1.00 7.80  ? 26   VAL A CG2 1 
ATOM   298  N N   . ASP A 1 48  ? -0.486  13.121  16.956  1.00 7.00  ? 27   ASP A N   1 
ATOM   299  C CA  . ASP A 1 48  ? 0.100   14.455  17.026  1.00 8.03  ? 27   ASP A CA  1 
ATOM   300  C C   . ASP A 1 48  ? 1.584   14.364  16.666  1.00 9.74  ? 27   ASP A C   1 
ATOM   301  O O   . ASP A 1 48  ? 2.406   14.006  17.509  1.00 7.65  ? 27   ASP A O   1 
ATOM   302  C CB  . ASP A 1 48  ? -0.099  15.016  18.435  1.00 6.87  ? 27   ASP A CB  1 
ATOM   303  C CG  . ASP A 1 48  ? 0.196   16.512  18.537  1.00 12.26 ? 27   ASP A CG  1 
ATOM   304  O OD1 . ASP A 1 48  ? 0.359   17.181  17.492  1.00 11.71 ? 27   ASP A OD1 1 
ATOM   305  O OD2 . ASP A 1 48  ? 0.245   17.019  19.684  1.00 11.69 ? 27   ASP A OD2 1 
ATOM   306  N N   . PRO A 1 49  ? 1.933   14.690  15.409  1.00 9.51  ? 28   PRO A N   1 
ATOM   307  C CA  . PRO A 1 49  ? 3.321   14.538  14.985  1.00 9.17  ? 28   PRO A CA  1 
ATOM   308  C C   . PRO A 1 49  ? 4.204   15.610  15.619  1.00 8.00  ? 28   PRO A C   1 
ATOM   309  O O   . PRO A 1 49  ? 3.686   16.595  16.125  1.00 7.75  ? 28   PRO A O   1 
ATOM   310  C CB  . PRO A 1 49  ? 3.265   14.702  13.458  1.00 10.54 ? 28   PRO A CB  1 
ATOM   311  C CG  . PRO A 1 49  ? 1.813   14.829  13.105  1.00 15.05 ? 28   PRO A CG  1 
ATOM   312  C CD  . PRO A 1 49  ? 1.091   15.249  14.342  1.00 12.90 ? 28   PRO A CD  1 
ATOM   313  N N   . PRO A 1 50  ? 5.525   15.430  15.589  1.00 6.57  ? 29   PRO A N   1 
ATOM   314  C CA  . PRO A 1 50  ? 6.295   14.349  14.984  1.00 7.88  ? 29   PRO A CA  1 
ATOM   315  C C   . PRO A 1 50  ? 6.331   13.081  15.818  1.00 4.87  ? 29   PRO A C   1 
ATOM   316  O O   . PRO A 1 50  ? 5.874   13.058  16.970  1.00 7.07  ? 29   PRO A O   1 
ATOM   317  C CB  . PRO A 1 50  ? 7.701   14.950  14.886  1.00 7.43  ? 29   PRO A CB  1 
ATOM   318  C CG  . PRO A 1 50  ? 7.779   15.862  16.026  1.00 12.28 ? 29   PRO A CG  1 
ATOM   319  C CD  . PRO A 1 50  ? 6.413   16.481  16.126  1.00 10.87 ? 29   PRO A CD  1 
ATOM   320  N N   . PHE A 1 51  ? 6.897   12.046  15.219  1.00 5.42  ? 30   PHE A N   1 
ATOM   321  C CA  . PHE A 1 51  ? 6.977   10.717  15.796  1.00 5.89  ? 30   PHE A CA  1 
ATOM   322  C C   . PHE A 1 51  ? 8.421   10.331  16.106  1.00 7.82  ? 30   PHE A C   1 
ATOM   323  O O   . PHE A 1 51  ? 9.378   10.899  15.573  1.00 7.94  ? 30   PHE A O   1 
ATOM   324  C CB  . PHE A 1 51  ? 6.402   9.690   14.815  1.00 7.24  ? 30   PHE A CB  1 
ATOM   325  C CG  . PHE A 1 51  ? 5.031   10.035  14.310  1.00 5.89  ? 30   PHE A CG  1 
ATOM   326  C CD1 . PHE A 1 51  ? 3.914   9.823   15.101  1.00 9.48  ? 30   PHE A CD1 1 
ATOM   327  C CD2 . PHE A 1 51  ? 4.862   10.591  13.055  1.00 9.71  ? 30   PHE A CD2 1 
ATOM   328  C CE1 . PHE A 1 51  ? 2.637   10.157  14.641  1.00 11.10 ? 30   PHE A CE1 1 
ATOM   329  C CE2 . PHE A 1 51  ? 3.592   10.937  12.590  1.00 11.35 ? 30   PHE A CE2 1 
ATOM   330  C CZ  . PHE A 1 51  ? 2.483   10.716  13.384  1.00 10.17 ? 30   PHE A CZ  1 
ATOM   331  N N   . HIS A 1 52  ? 8.565   9.331   16.959  1.00 9.24  ? 31   HIS A N   1 
ATOM   332  C CA  . HIS A 1 52  ? 9.860   8.746   17.208  1.00 10.07 ? 31   HIS A CA  1 
ATOM   333  C C   . HIS A 1 52  ? 9.685   7.295   17.629  1.00 8.67  ? 31   HIS A C   1 
ATOM   334  O O   . HIS A 1 52  ? 8.626   6.909   18.109  1.00 7.99  ? 31   HIS A O   1 
ATOM   335  C CB  . HIS A 1 52  ? 10.570  9.536   18.305  1.00 8.15  ? 31   HIS A CB  1 
ATOM   336  C CG  . HIS A 1 52  ? 9.938   9.380   19.652  1.00 12.01 ? 31   HIS A CG  1 
ATOM   337  N ND1 . HIS A 1 52  ? 8.869   10.142  20.063  1.00 12.74 ? 31   HIS A ND1 1 
ATOM   338  C CD2 . HIS A 1 52  ? 10.209  8.528   20.669  1.00 16.95 ? 31   HIS A CD2 1 
ATOM   339  C CE1 . HIS A 1 52  ? 8.510   9.770   21.280  1.00 20.90 ? 31   HIS A CE1 1 
ATOM   340  N NE2 . HIS A 1 52  ? 9.305   8.789   21.668  1.00 18.71 ? 31   HIS A NE2 1 
ATOM   341  N N   . LYS A 1 53  ? 10.732  6.497   17.449  1.00 9.68  ? 32   LYS A N   1 
ATOM   342  C CA  . LYS A 1 53  ? 10.748  5.144   17.978  1.00 8.64  ? 32   LYS A CA  1 
ATOM   343  C C   . LYS A 1 53  ? 11.376  5.172   19.368  1.00 9.27  ? 32   LYS A C   1 
ATOM   344  O O   . LYS A 1 53  ? 12.515  5.628   19.534  1.00 10.13 ? 32   LYS A O   1 
ATOM   345  C CB  . LYS A 1 53  ? 11.519  4.212   17.051  1.00 8.58  ? 32   LYS A CB  1 
ATOM   346  C CG  . LYS A 1 53  ? 11.347  2.732   17.425  1.00 12.30 ? 32   LYS A CG  1 
ATOM   347  C CD  . LYS A 1 53  ? 12.464  1.858   16.864  1.00 27.37 ? 32   LYS A CD  1 
ATOM   348  C CE  . LYS A 1 53  ? 12.109  1.264   15.525  1.00 32.41 ? 32   LYS A CE  1 
ATOM   349  N NZ  . LYS A 1 53  ? 13.320  0.629   14.906  1.00 34.31 ? 32   LYS A NZ  1 
ATOM   350  N N   . SER A 1 54  ? 10.628  4.705   20.370  1.00 7.11  ? 33   SER A N   1 
ATOM   351  C CA  A SER A 1 54  ? 11.115  4.651   21.745  0.50 8.82  ? 33   SER A CA  1 
ATOM   352  C CA  B SER A 1 54  ? 11.121  4.654   21.744  0.50 9.03  ? 33   SER A CA  1 
ATOM   353  C C   . SER A 1 54  ? 12.135  3.530   21.948  1.00 8.07  ? 33   SER A C   1 
ATOM   354  O O   . SER A 1 54  ? 12.360  2.701   21.059  1.00 9.00  ? 33   SER A O   1 
ATOM   355  C CB  A SER A 1 54  ? 9.951   4.467   22.718  0.50 9.79  ? 33   SER A CB  1 
ATOM   356  C CB  B SER A 1 54  ? 9.962   4.447   22.705  0.50 10.01 ? 33   SER A CB  1 
ATOM   357  O OG  A SER A 1 54  ? 8.957   5.457   22.510  0.50 12.74 ? 33   SER A OG  1 
ATOM   358  O OG  B SER A 1 54  ? 9.403   3.167   22.499  0.50 14.61 ? 33   SER A OG  1 
ATOM   359  N N   . SER A 1 55  ? 12.737  3.498   23.134  1.00 11.58 ? 34   SER A N   1 
ATOM   360  C CA  . SER A 1 55  ? 13.772  2.517   23.438  1.00 14.02 ? 34   SER A CA  1 
ATOM   361  C C   . SER A 1 55  ? 13.234  1.095   23.437  1.00 15.50 ? 34   SER A C   1 
ATOM   362  O O   . SER A 1 55  ? 13.990  0.164   23.184  1.00 15.84 ? 34   SER A O   1 
ATOM   363  C CB  . SER A 1 55  ? 14.424  2.823   24.786  1.00 14.42 ? 34   SER A CB  1 
ATOM   364  O OG  . SER A 1 55  ? 13.474  2.816   25.831  1.00 14.69 ? 34   SER A OG  1 
ATOM   365  N N   . ASP A 1 56  ? 11.935  0.926   23.700  1.00 12.80 ? 35   ASP A N   1 
ATOM   366  C CA  . ASP A 1 56  ? 11.328  -0.414  23.674  1.00 15.88 ? 35   ASP A CA  1 
ATOM   367  C C   . ASP A 1 56  ? 10.967  -0.891  22.250  1.00 16.51 ? 35   ASP A C   1 
ATOM   368  O O   . ASP A 1 56  ? 10.514  -2.022  22.077  1.00 18.16 ? 35   ASP A O   1 
ATOM   369  C CB  . ASP A 1 56  ? 10.107  -0.497  24.616  1.00 16.54 ? 35   ASP A CB  1 
ATOM   370  C CG  . ASP A 1 56  ? 8.972   0.437   24.213  1.00 22.88 ? 35   ASP A CG  1 
ATOM   371  O OD1 . ASP A 1 56  ? 8.940   0.879   23.051  1.00 19.56 ? 35   ASP A OD1 1 
ATOM   372  O OD2 . ASP A 1 56  ? 8.106   0.739   25.065  1.00 27.25 ? 35   ASP A OD2 1 
ATOM   373  N N   . GLY A 1 57  ? 11.174  -0.035  21.247  1.00 12.17 ? 36   GLY A N   1 
ATOM   374  C CA  . GLY A 1 57  ? 10.867  -0.368  19.852  1.00 12.89 ? 36   GLY A CA  1 
ATOM   375  C C   . GLY A 1 57  ? 9.501   0.120   19.374  1.00 13.53 ? 36   GLY A C   1 
ATOM   376  O O   . GLY A 1 57  ? 9.163   -0.063  18.197  1.00 15.01 ? 36   GLY A O   1 
ATOM   377  N N   . THR A 1 58  ? 8.727   0.748   20.268  1.00 10.74 ? 37   THR A N   1 
ATOM   378  C CA  . THR A 1 58  ? 7.379   1.251   19.941  1.00 10.57 ? 37   THR A CA  1 
ATOM   379  C C   . THR A 1 58  ? 7.490   2.667   19.384  1.00 8.98  ? 37   THR A C   1 
ATOM   380  O O   . THR A 1 58  ? 8.198   3.504   19.934  1.00 8.89  ? 37   THR A O   1 
ATOM   381  C CB  . THR A 1 58  ? 6.486   1.257   21.196  1.00 11.68 ? 37   THR A CB  1 
ATOM   382  O OG1 . THR A 1 58  ? 6.409   -0.074  21.723  1.00 17.55 ? 37   THR A OG1 1 
ATOM   383  C CG2 . THR A 1 58  ? 5.058   1.750   20.908  1.00 11.60 ? 37   THR A CG2 1 
ATOM   384  N N   . VAL A 1 59  ? 6.805   2.924   18.274  1.00 6.85  ? 38   VAL A N   1 
ATOM   385  C CA  . VAL A 1 59  ? 6.750   4.265   17.714  1.00 7.06  ? 38   VAL A CA  1 
ATOM   386  C C   . VAL A 1 59  ? 5.665   5.019   18.475  1.00 6.58  ? 38   VAL A C   1 
ATOM   387  O O   . VAL A 1 59  ? 4.585   4.462   18.758  1.00 6.61  ? 38   VAL A O   1 
ATOM   388  C CB  . VAL A 1 59  ? 6.468   4.207   16.186  1.00 8.38  ? 38   VAL A CB  1 
ATOM   389  C CG1 . VAL A 1 59  ? 6.346   5.608   15.572  1.00 7.66  ? 38   VAL A CG1 1 
ATOM   390  C CG2 . VAL A 1 59  ? 7.577   3.397   15.493  1.00 7.07  ? 38   VAL A CG2 1 
ATOM   391  N N   . ARG A 1 60  ? 5.967   6.254   18.866  1.00 6.72  ? 39   ARG A N   1 
ATOM   392  C CA  . ARG A 1 60  ? 5.000   7.092   19.579  1.00 7.36  ? 39   ARG A CA  1 
ATOM   393  C C   . ARG A 1 60  ? 4.983   8.505   19.010  1.00 7.88  ? 39   ARG A C   1 
ATOM   394  O O   . ARG A 1 60  ? 5.942   8.926   18.367  1.00 6.62  ? 39   ARG A O   1 
ATOM   395  C CB  . ARG A 1 60  ? 5.322   7.128   21.078  1.00 8.30  ? 39   ARG A CB  1 
ATOM   396  C CG  . ARG A 1 60  ? 5.393   5.746   21.709  1.00 10.16 ? 39   ARG A CG  1 
ATOM   397  C CD  . ARG A 1 60  ? 5.314   5.796   23.212  1.00 16.87 ? 39   ARG A CD  1 
ATOM   398  N NE  . ARG A 1 60  ? 5.011   4.481   23.781  1.00 11.50 ? 39   ARG A NE  1 
ATOM   399  C CZ  . ARG A 1 60  ? 5.908   3.610   24.234  1.00 25.27 ? 39   ARG A CZ  1 
ATOM   400  N NH1 . ARG A 1 60  ? 7.209   3.883   24.192  1.00 29.96 ? 39   ARG A NH1 1 
ATOM   401  N NH2 . ARG A 1 60  ? 5.499   2.448   24.735  1.00 23.48 ? 39   ARG A NH2 1 
ATOM   402  N N   . ASP A 1 61  ? 3.873   9.212   19.220  1.00 6.64  ? 40   ASP A N   1 
ATOM   403  C CA  . ASP A 1 61  ? 3.745   10.595  18.802  1.00 6.47  ? 40   ASP A CA  1 
ATOM   404  C C   . ASP A 1 61  ? 4.248   11.516  19.916  1.00 6.89  ? 40   ASP A C   1 
ATOM   405  O O   . ASP A 1 61  ? 4.770   11.041  20.928  1.00 6.04  ? 40   ASP A O   1 
ATOM   406  C CB  . ASP A 1 61  ? 2.305   10.913  18.332  1.00 6.21  ? 40   ASP A CB  1 
ATOM   407  C CG  . ASP A 1 61  ? 1.302   11.110  19.472  1.00 9.79  ? 40   ASP A CG  1 
ATOM   408  O OD1 . ASP A 1 61  ? 1.673   11.039  20.665  1.00 5.60  ? 40   ASP A OD1 1 
ATOM   409  O OD2 . ASP A 1 61  ? 0.099   11.347  19.154  1.00 10.74 ? 40   ASP A OD2 1 
ATOM   410  N N   . ARG A 1 62  ? 4.136   12.825  19.712  1.00 8.27  ? 41   ARG A N   1 
ATOM   411  C CA  . ARG A 1 62  ? 4.736   13.790  20.637  1.00 8.57  ? 41   ARG A CA  1 
ATOM   412  C C   . ARG A 1 62  ? 4.022   13.873  21.993  1.00 8.84  ? 41   ARG A C   1 
ATOM   413  O O   . ARG A 1 62  ? 4.562   14.445  22.939  1.00 10.63 ? 41   ARG A O   1 
ATOM   414  C CB  . ARG A 1 62  ? 4.852   15.181  19.998  1.00 10.69 ? 41   ARG A CB  1 
ATOM   415  C CG  . ARG A 1 62  ? 3.540   15.915  19.753  1.00 15.01 ? 41   ARG A CG  1 
ATOM   416  C CD  . ARG A 1 62  ? 3.769   17.394  19.459  1.00 18.29 ? 41   ARG A CD  1 
ATOM   417  N NE  . ARG A 1 62  ? 4.192   18.096  20.665  1.00 22.63 ? 41   ARG A NE  1 
ATOM   418  C CZ  . ARG A 1 62  ? 3.380   18.493  21.652  1.00 32.04 ? 41   ARG A CZ  1 
ATOM   419  N NH1 . ARG A 1 62  ? 2.067   18.269  21.609  1.00 29.22 ? 41   ARG A NH1 1 
ATOM   420  N NH2 . ARG A 1 62  ? 3.889   19.117  22.706  1.00 31.83 ? 41   ARG A NH2 1 
ATOM   421  N N   . ARG A 1 63  ? 2.833   13.282  22.086  1.00 7.14  ? 42   ARG A N   1 
ATOM   422  C CA  . ARG A 1 63  ? 2.100   13.169  23.349  1.00 9.09  ? 42   ARG A CA  1 
ATOM   423  C C   . ARG A 1 63  ? 2.259   11.786  23.996  1.00 9.71  ? 42   ARG A C   1 
ATOM   424  O O   . ARG A 1 63  ? 1.624   11.493  25.002  1.00 13.40 ? 42   ARG A O   1 
ATOM   425  C CB  . ARG A 1 63  ? 0.620   13.498  23.126  1.00 10.11 ? 42   ARG A CB  1 
ATOM   426  C CG  . ARG A 1 63  ? 0.387   14.940  22.692  1.00 9.99  ? 42   ARG A CG  1 
ATOM   427  C CD  . ARG A 1 63  ? -1.074  15.221  22.435  1.00 10.77 ? 42   ARG A CD  1 
ATOM   428  N NE  . ARG A 1 63  ? -1.301  16.617  22.062  1.00 13.11 ? 42   ARG A NE  1 
ATOM   429  C CZ  . ARG A 1 63  ? -1.857  17.554  22.835  1.00 9.93  ? 42   ARG A CZ  1 
ATOM   430  N NH1 . ARG A 1 63  ? -2.258  17.290  24.080  1.00 13.47 ? 42   ARG A NH1 1 
ATOM   431  N NH2 . ARG A 1 63  ? -2.004  18.780  22.348  1.00 16.37 ? 42   ARG A NH2 1 
ATOM   432  N N   . GLY A 1 64  ? 3.106   10.941  23.415  1.00 10.16 ? 43   GLY A N   1 
ATOM   433  C CA  . GLY A 1 64  ? 3.347   9.594   23.937  1.00 9.79  ? 43   GLY A CA  1 
ATOM   434  C C   . GLY A 1 64  ? 2.311   8.542   23.560  1.00 10.62 ? 43   GLY A C   1 
ATOM   435  O O   . GLY A 1 64  ? 2.282   7.462   24.166  1.00 11.88 ? 43   GLY A O   1 
ATOM   436  N N   . GLN A 1 65  ? 1.467   8.834   22.569  1.00 8.08  ? 44   GLN A N   1 
ATOM   437  C CA  A GLN A 1 65  ? 0.499   7.855   22.077  0.50 9.30  ? 44   GLN A CA  1 
ATOM   438  C CA  B GLN A 1 65  ? 0.501   7.848   22.072  0.50 9.35  ? 44   GLN A CA  1 
ATOM   439  C C   . GLN A 1 65  ? 1.207   6.867   21.143  1.00 8.14  ? 44   GLN A C   1 
ATOM   440  O O   . GLN A 1 65  ? 1.977   7.273   20.273  1.00 8.16  ? 44   GLN A O   1 
ATOM   441  C CB  A GLN A 1 65  ? -0.650  8.562   21.344  0.50 11.18 ? 44   GLN A CB  1 
ATOM   442  C CB  B GLN A 1 65  ? -0.643  8.517   21.303  0.50 11.35 ? 44   GLN A CB  1 
ATOM   443  C CG  A GLN A 1 65  ? -1.676  7.623   20.724  0.50 15.94 ? 44   GLN A CG  1 
ATOM   444  C CG  B GLN A 1 65  ? -1.553  9.384   22.141  0.50 15.81 ? 44   GLN A CG  1 
ATOM   445  C CD  A GLN A 1 65  ? -2.768  8.346   19.947  0.50 21.64 ? 44   GLN A CD  1 
ATOM   446  C CD  B GLN A 1 65  ? -2.833  9.787   21.407  0.50 25.37 ? 44   GLN A CD  1 
ATOM   447  O OE1 A GLN A 1 65  ? -2.558  9.438   19.409  0.50 29.88 ? 44   GLN A OE1 1 
ATOM   448  O OE1 B GLN A 1 65  ? -2.882  9.812   20.173  0.50 32.08 ? 44   GLN A OE1 1 
ATOM   449  N NE2 A GLN A 1 65  ? -3.942  7.731   19.880  0.50 26.36 ? 44   GLN A NE2 1 
ATOM   450  N NE2 B GLN A 1 65  ? -3.872  10.124  22.171  0.50 28.48 ? 44   GLN A NE2 1 
ATOM   451  N N   . ASP A 1 66  ? 0.926   5.580   21.319  1.00 7.57  ? 45   ASP A N   1 
ATOM   452  C CA  . ASP A 1 66  ? 1.497   4.535   20.476  1.00 7.18  ? 45   ASP A CA  1 
ATOM   453  C C   . ASP A 1 66  ? 0.956   4.601   19.060  1.00 7.54  ? 45   ASP A C   1 
ATOM   454  O O   . ASP A 1 66  ? -0.233  4.869   18.835  1.00 9.69  ? 45   ASP A O   1 
ATOM   455  C CB  . ASP A 1 66  ? 1.151   3.154   21.025  1.00 9.52  ? 45   ASP A CB  1 
ATOM   456  C CG  . ASP A 1 66  ? 1.758   2.879   22.368  1.00 11.54 ? 45   ASP A CG  1 
ATOM   457  O OD1 . ASP A 1 66  ? 2.510   3.729   22.899  1.00 12.90 ? 45   ASP A OD1 1 
ATOM   458  O OD2 . ASP A 1 66  ? 1.472   1.777   22.897  1.00 11.89 ? 45   ASP A OD2 1 
ATOM   459  N N   . VAL A 1 67  ? 1.840   4.339   18.109  1.00 6.01  ? 46   VAL A N   1 
ATOM   460  C CA  . VAL A 1 67  ? 1.503   4.271   16.713  1.00 8.53  ? 46   VAL A CA  1 
ATOM   461  C C   . VAL A 1 67  ? 2.017   2.943   16.183  1.00 8.43  ? 46   VAL A C   1 
ATOM   462  O O   . VAL A 1 67  ? 3.203   2.644   16.312  1.00 7.23  ? 46   VAL A O   1 
ATOM   463  C CB  . VAL A 1 67  ? 2.194   5.434   15.943  1.00 10.28 ? 46   VAL A CB  1 
ATOM   464  C CG1 . VAL A 1 67  ? 1.831   5.390   14.490  1.00 15.58 ? 46   VAL A CG1 1 
ATOM   465  C CG2 . VAL A 1 67  ? 1.798   6.781   16.575  1.00 20.97 ? 46   VAL A CG2 1 
ATOM   466  N N   . ARG A 1 68  ? 1.149   2.132   15.587  1.00 6.81  ? 47   ARG A N   1 
ATOM   467  C CA  . ARG A 1 68  ? 1.645   0.923   14.955  1.00 10.52 ? 47   ARG A CA  1 
ATOM   468  C C   . ARG A 1 68  ? 0.941   0.571   13.669  1.00 10.76 ? 47   ARG A C   1 
ATOM   469  O O   . ARG A 1 68  ? -0.120  1.110   13.363  1.00 10.28 ? 47   ARG A O   1 
ATOM   470  C CB  . ARG A 1 68  ? 1.579   -0.248  15.926  1.00 15.20 ? 47   ARG A CB  1 
ATOM   471  C CG  . ARG A 1 68  ? 0.203   -0.623  16.362  1.00 17.93 ? 47   ARG A CG  1 
ATOM   472  C CD  . ARG A 1 68  ? 0.276   -1.735  17.418  1.00 24.98 ? 47   ARG A CD  1 
ATOM   473  N NE  . ARG A 1 68  ? 1.004   -1.318  18.617  1.00 25.23 ? 47   ARG A NE  1 
ATOM   474  C CZ  . ARG A 1 68  ? 0.506   -0.533  19.573  1.00 24.69 ? 47   ARG A CZ  1 
ATOM   475  N NH1 . ARG A 1 68  ? -0.725  -0.049  19.481  1.00 18.68 ? 47   ARG A NH1 1 
ATOM   476  N NH2 . ARG A 1 68  ? 1.254   -0.218  20.627  1.00 22.72 ? 47   ARG A NH2 1 
ATOM   477  N N   . LEU A 1 69  ? 1.570   -0.327  12.918  1.00 9.01  ? 48   LEU A N   1 
ATOM   478  C CA  . LEU A 1 69  ? 0.969   -0.913  11.724  1.00 8.56  ? 48   LEU A CA  1 
ATOM   479  C C   . LEU A 1 69  ? -0.095  -1.937  12.125  1.00 9.13  ? 48   LEU A C   1 
ATOM   480  O O   . LEU A 1 69  ? -0.070  -2.446  13.254  1.00 8.30  ? 48   LEU A O   1 
ATOM   481  C CB  . LEU A 1 69  ? 2.056   -1.607  10.901  1.00 9.09  ? 48   LEU A CB  1 
ATOM   482  C CG  . LEU A 1 69  ? 3.225   -0.745  10.395  1.00 12.67 ? 48   LEU A CG  1 
ATOM   483  C CD1 . LEU A 1 69  ? 4.155   -1.591  9.562   1.00 9.29  ? 48   LEU A CD1 1 
ATOM   484  C CD2 . LEU A 1 69  ? 2.733   0.431   9.566   1.00 10.54 ? 48   LEU A CD2 1 
ATOM   485  N N   . TYR A 1 70  ? -1.019  -2.266  11.215  1.00 6.32  ? 49   TYR A N   1 
ATOM   486  C CA  . TYR A 1 70  ? -1.801  -3.494  11.380  1.00 3.91  ? 49   TYR A CA  1 
ATOM   487  C C   . TYR A 1 70  ? -0.822  -4.677  11.469  1.00 4.02  ? 49   TYR A C   1 
ATOM   488  O O   . TYR A 1 70  ? 0.184   -4.697  10.755  1.00 6.17  ? 49   TYR A O   1 
ATOM   489  C CB  . TYR A 1 70  ? -2.774  -3.714  10.212  1.00 7.47  ? 49   TYR A CB  1 
ATOM   490  C CG  . TYR A 1 70  ? -3.947  -2.754  10.175  1.00 3.24  ? 49   TYR A CG  1 
ATOM   491  C CD1 . TYR A 1 70  ? -5.074  -2.962  10.952  1.00 7.25  ? 49   TYR A CD1 1 
ATOM   492  C CD2 . TYR A 1 70  ? -3.924  -1.643  9.334   1.00 4.14  ? 49   TYR A CD2 1 
ATOM   493  C CE1 . TYR A 1 70  ? -6.156  -2.074  10.909  1.00 7.86  ? 49   TYR A CE1 1 
ATOM   494  C CE2 . TYR A 1 70  ? -4.988  -0.770  9.271   1.00 4.53  ? 49   TYR A CE2 1 
ATOM   495  C CZ  . TYR A 1 70  ? -6.100  -0.988  10.057  1.00 5.47  ? 49   TYR A CZ  1 
ATOM   496  O OH  . TYR A 1 70  ? -7.146  -0.120  9.978   1.00 5.83  ? 49   TYR A OH  1 
ATOM   497  N N   . PRO A 1 71  ? -1.102  -5.670  12.341  1.00 4.52  ? 50   PRO A N   1 
ATOM   498  C CA  . PRO A 1 71  ? -0.074  -6.659  12.685  1.00 6.32  ? 50   PRO A CA  1 
ATOM   499  C C   . PRO A 1 71  ? 0.520   -7.476  11.531  1.00 6.64  ? 50   PRO A C   1 
ATOM   500  O O   . PRO A 1 71  ? 1.699   -7.795  11.568  1.00 7.31  ? 50   PRO A O   1 
ATOM   501  C CB  . PRO A 1 71  ? -0.799  -7.582  13.666  1.00 8.80  ? 50   PRO A CB  1 
ATOM   502  C CG  . PRO A 1 71  ? -1.814  -6.745  14.288  1.00 9.42  ? 50   PRO A CG  1 
ATOM   503  C CD  . PRO A 1 71  ? -2.246  -5.742  13.272  1.00 7.49  ? 50   PRO A CD  1 
ATOM   504  N N   . GLU A 1 72  ? -0.280  -7.789  10.512  1.00 5.03  ? 51   GLU A N   1 
ATOM   505  C CA  . GLU A 1 72  ? 0.178   -8.624  9.396   1.00 5.19  ? 51   GLU A CA  1 
ATOM   506  C C   . GLU A 1 72  ? 0.808   -7.825  8.250   1.00 6.86  ? 51   GLU A C   1 
ATOM   507  O O   . GLU A 1 72  ? 1.272   -8.415  7.264   1.00 8.23  ? 51   GLU A O   1 
ATOM   508  C CB  . GLU A 1 72  ? -0.979  -9.495  8.888   1.00 4.88  ? 51   GLU A CB  1 
ATOM   509  C CG  . GLU A 1 72  ? -1.364  -10.576 9.910   1.00 10.46 ? 51   GLU A CG  1 
ATOM   510  C CD  . GLU A 1 72  ? -2.382  -11.588 9.411   1.00 14.80 ? 51   GLU A CD  1 
ATOM   511  O OE1 . GLU A 1 72  ? -2.800  -11.525 8.241   1.00 10.72 ? 51   GLU A OE1 1 
ATOM   512  O OE2 . GLU A 1 72  ? -2.767  -12.467 10.217  1.00 13.20 ? 51   GLU A OE2 1 
ATOM   513  N N   . VAL A 1 73  ? 0.866   -6.499  8.386   1.00 5.26  ? 52   VAL A N   1 
ATOM   514  C CA  . VAL A 1 73  ? 1.385   -5.661  7.294   1.00 5.62  ? 52   VAL A CA  1 
ATOM   515  C C   . VAL A 1 73  ? 2.858   -5.989  6.952   1.00 6.91  ? 52   VAL A C   1 
ATOM   516  O O   . VAL A 1 73  ? 3.199   -6.132  5.782   1.00 7.33  ? 52   VAL A O   1 
ATOM   517  C CB  . VAL A 1 73  ? 1.154   -4.149  7.540   1.00 7.32  ? 52   VAL A CB  1 
ATOM   518  C CG1 . VAL A 1 73  ? 2.119   -3.305  6.699   1.00 5.30  ? 52   VAL A CG1 1 
ATOM   519  C CG2 . VAL A 1 73  ? -0.309  -3.771  7.239   1.00 8.16  ? 52   VAL A CG2 1 
ATOM   520  N N   . PRO A 1 74  ? 3.736   -6.132  7.964   1.00 6.32  ? 53   PRO A N   1 
ATOM   521  C CA  . PRO A 1 74  ? 5.111   -6.503  7.599   1.00 6.28  ? 53   PRO A CA  1 
ATOM   522  C C   . PRO A 1 74  ? 5.212   -7.826  6.830   1.00 5.61  ? 53   PRO A C   1 
ATOM   523  O O   . PRO A 1 74  ? 5.972   -7.911  5.855   1.00 7.43  ? 53   PRO A O   1 
ATOM   524  C CB  . PRO A 1 74  ? 5.823   -6.562  8.956   1.00 7.59  ? 53   PRO A CB  1 
ATOM   525  C CG  . PRO A 1 74  ? 5.075   -5.568  9.775   1.00 7.92  ? 53   PRO A CG  1 
ATOM   526  C CD  . PRO A 1 74  ? 3.636   -5.737  9.376   1.00 7.20  ? 53   PRO A CD  1 
ATOM   527  N N   . GLU A 1 75  ? 4.431   -8.830  7.229   1.00 6.75  ? 54   GLU A N   1 
ATOM   528  C CA  . GLU A 1 75  ? 4.426   -10.128 6.538   1.00 7.21  ? 54   GLU A CA  1 
ATOM   529  C C   . GLU A 1 75  ? 3.846   -10.005 5.126   1.00 6.06  ? 54   GLU A C   1 
ATOM   530  O O   . GLU A 1 75  ? 4.328   -10.640 4.184   1.00 5.89  ? 54   GLU A O   1 
ATOM   531  C CB  . GLU A 1 75  ? 3.656   -11.196 7.335   1.00 8.05  ? 54   GLU A CB  1 
ATOM   532  C CG  . GLU A 1 75  ? 4.477   -11.887 8.417   1.00 22.05 ? 54   GLU A CG  1 
ATOM   533  C CD  . GLU A 1 75  ? 3.787   -13.118 9.028   1.00 37.38 ? 54   GLU A CD  1 
ATOM   534  O OE1 . GLU A 1 75  ? 2.634   -13.430 8.657   1.00 44.13 ? 54   GLU A OE1 1 
ATOM   535  O OE2 . GLU A 1 75  ? 4.405   -13.776 9.894   1.00 46.53 ? 54   GLU A OE2 1 
ATOM   536  N N   . VAL A 1 76  ? 2.806   -9.197  4.980   1.00 4.38  ? 55   VAL A N   1 
ATOM   537  C CA  . VAL A 1 76  ? 2.204   -8.949  3.665   1.00 4.04  ? 55   VAL A CA  1 
ATOM   538  C C   . VAL A 1 76  ? 3.240   -8.373  2.703   1.00 4.75  ? 55   VAL A C   1 
ATOM   539  O O   . VAL A 1 76  ? 3.389   -8.857  1.572   1.00 4.26  ? 55   VAL A O   1 
ATOM   540  C CB  . VAL A 1 76  ? 0.995   -7.985  3.762   1.00 4.43  ? 55   VAL A CB  1 
ATOM   541  C CG1 . VAL A 1 76  ? 0.687   -7.334  2.403   1.00 4.39  ? 55   VAL A CG1 1 
ATOM   542  C CG2 . VAL A 1 76  ? -0.238  -8.708  4.344   1.00 4.40  ? 55   VAL A CG2 1 
ATOM   543  N N   . LEU A 1 77  ? 3.967   -7.360  3.161   1.00 5.57  ? 56   LEU A N   1 
ATOM   544  C CA  . LEU A 1 77  ? 4.934   -6.683  2.300   1.00 5.75  ? 56   LEU A CA  1 
ATOM   545  C C   . LEU A 1 77  ? 6.132   -7.584  2.017   1.00 5.55  ? 56   LEU A C   1 
ATOM   546  O O   . LEU A 1 77  ? 6.638   -7.593  0.892   1.00 5.70  ? 56   LEU A O   1 
ATOM   547  C CB  . LEU A 1 77  ? 5.367   -5.332  2.898   1.00 7.34  ? 56   LEU A CB  1 
ATOM   548  C CG  . LEU A 1 77  ? 4.253   -4.289  3.083   1.00 8.48  ? 56   LEU A CG  1 
ATOM   549  C CD1 . LEU A 1 77  ? 4.824   -3.020  3.736   1.00 13.13 ? 56   LEU A CD1 1 
ATOM   550  C CD2 . LEU A 1 77  ? 3.517   -3.918  1.795   1.00 6.50  ? 56   LEU A CD2 1 
ATOM   551  N N   . LYS A 1 78  ? 6.570   -8.357  3.012   1.00 6.00  ? 57   LYS A N   1 
ATOM   552  C CA  . LYS A 1 78  ? 7.622   -9.368  2.778   1.00 6.56  ? 57   LYS A CA  1 
ATOM   553  C C   . LYS A 1 78  ? 7.206   -10.429 1.725   1.00 5.47  ? 57   LYS A C   1 
ATOM   554  O O   . LYS A 1 78  ? 8.018   -10.843 0.888   1.00 3.19  ? 57   LYS A O   1 
ATOM   555  C CB  . LYS A 1 78  ? 8.016   -10.031 4.105   1.00 8.22  ? 57   LYS A CB  1 
ATOM   556  C CG  . LYS A 1 78  ? 9.201   -10.978 4.023   1.00 18.44 ? 57   LYS A CG  1 
ATOM   557  C CD  . LYS A 1 78  ? 9.592   -11.471 5.424   1.00 31.44 ? 57   LYS A CD  1 
ATOM   558  C CE  . LYS A 1 78  ? 10.681  -12.544 5.374   1.00 35.18 ? 57   LYS A CE  1 
ATOM   559  N NZ  . LYS A 1 78  ? 11.133  -12.942 6.741   1.00 38.80 ? 57   LYS A NZ  1 
ATOM   560  N N   . ARG A 1 79  ? 5.946   -10.863 1.776   1.00 5.97  ? 58   ARG A N   1 
ATOM   561  C CA  . ARG A 1 79  ? 5.408   -11.814 0.808   1.00 5.28  ? 58   ARG A CA  1 
ATOM   562  C C   . ARG A 1 79  ? 5.433   -11.233 -0.609  1.00 4.68  ? 58   ARG A C   1 
ATOM   563  O O   . ARG A 1 79  ? 5.921   -11.879 -1.537  1.00 5.50  ? 58   ARG A O   1 
ATOM   564  C CB  . ARG A 1 79  ? 3.984   -12.238 1.206   1.00 8.19  ? 58   ARG A CB  1 
ATOM   565  C CG  . ARG A 1 79  ? 3.237   -13.098 0.186   1.00 15.64 ? 58   ARG A CG  1 
ATOM   566  C CD  . ARG A 1 79  ? 3.860   -14.471 0.010   1.00 27.00 ? 58   ARG A CD  1 
ATOM   567  N NE  . ARG A 1 79  ? 3.092   -15.290 -0.935  1.00 34.06 ? 58   ARG A NE  1 
ATOM   568  C CZ  . ARG A 1 79  ? 3.579   -16.315 -1.639  1.00 35.81 ? 58   ARG A CZ  1 
ATOM   569  N NH1 . ARG A 1 79  ? 4.852   -16.691 -1.518  1.00 38.60 ? 58   ARG A NH1 1 
ATOM   570  N NH2 . ARG A 1 79  ? 2.784   -16.973 -2.477  1.00 37.08 ? 58   ARG A NH2 1 
ATOM   571  N N   . LEU A 1 80  ? 4.933   -10.014 -0.781  1.00 2.72  ? 59   LEU A N   1 
ATOM   572  C CA  . LEU A 1 80  ? 5.048   -9.336  -2.092  1.00 3.61  ? 59   LEU A CA  1 
ATOM   573  C C   . LEU A 1 80  ? 6.497   -9.258  -2.599  1.00 2.00  ? 59   LEU A C   1 
ATOM   574  O O   . LEU A 1 80  ? 6.774   -9.532  -3.770  1.00 2.97  ? 59   LEU A O   1 
ATOM   575  C CB  . LEU A 1 80  ? 4.398   -7.948  -2.058  1.00 5.15  ? 59   LEU A CB  1 
ATOM   576  C CG  . LEU A 1 80  ? 2.866   -7.980  -2.071  1.00 6.52  ? 59   LEU A CG  1 
ATOM   577  C CD1 . LEU A 1 80  ? 2.284   -6.662  -1.552  1.00 9.92  ? 59   LEU A CD1 1 
ATOM   578  C CD2 . LEU A 1 80  ? 2.357   -8.295  -3.473  1.00 6.60  ? 59   LEU A CD2 1 
ATOM   579  N N   . GLN A 1 81  ? 7.418   -8.916  -1.711  1.00 5.80  ? 60   GLN A N   1 
ATOM   580  C CA  . GLN A 1 81  ? 8.835   -8.853  -2.052  1.00 5.44  ? 60   GLN A CA  1 
ATOM   581  C C   . GLN A 1 81  ? 9.346   -10.233 -2.505  1.00 5.67  ? 60   GLN A C   1 
ATOM   582  O O   . GLN A 1 81  ? 10.051  -10.338 -3.506  1.00 7.04  ? 60   GLN A O   1 
ATOM   583  C CB  . GLN A 1 81  ? 9.642   -8.330  -0.866  1.00 7.97  ? 60   GLN A CB  1 
ATOM   584  C CG  . GLN A 1 81  ? 9.409   -6.845  -0.570  1.00 14.83 ? 60   GLN A CG  1 
ATOM   585  C CD  . GLN A 1 81  ? 9.676   -6.468  0.891   1.00 25.93 ? 60   GLN A CD  1 
ATOM   586  O OE1 . GLN A 1 81  ? 10.337  -7.200  1.623   1.00 25.94 ? 60   GLN A OE1 1 
ATOM   587  N NE2 . GLN A 1 81  ? 9.138   -5.316  1.319   1.00 34.19 ? 60   GLN A NE2 1 
ATOM   588  N N   . SER A 1 82  ? 8.934   -11.281 -1.799  1.00 4.34  ? 61   SER A N   1 
ATOM   589  C CA  A SER A 1 82  ? 9.315   -12.663 -2.126  0.56 3.63  ? 61   SER A CA  1 
ATOM   590  C CA  B SER A 1 82  ? 9.331   -12.650 -2.129  0.44 3.77  ? 61   SER A CA  1 
ATOM   591  C C   . SER A 1 82  ? 8.777   -13.108 -3.483  1.00 3.89  ? 61   SER A C   1 
ATOM   592  O O   . SER A 1 82  ? 9.355   -13.993 -4.130  1.00 4.10  ? 61   SER A O   1 
ATOM   593  C CB  A SER A 1 82  ? 8.842   -13.639 -1.041  0.56 6.04  ? 61   SER A CB  1 
ATOM   594  C CB  B SER A 1 82  ? 8.898   -13.608 -1.018  0.44 5.76  ? 61   SER A CB  1 
ATOM   595  O OG  A SER A 1 82  ? 7.487   -14.026 -1.213  0.56 5.43  ? 61   SER A OG  1 
ATOM   596  O OG  B SER A 1 82  ? 9.582   -13.318 0.197   0.44 4.67  ? 61   SER A OG  1 
ATOM   597  N N   . LEU A 1 83  ? 7.667   -12.497 -3.906  1.00 4.20  ? 62   LEU A N   1 
ATOM   598  C CA  . LEU A 1 83  ? 7.059   -12.753 -5.212  1.00 3.67  ? 62   LEU A CA  1 
ATOM   599  C C   . LEU A 1 83  ? 7.622   -11.847 -6.317  1.00 5.67  ? 62   LEU A C   1 
ATOM   600  O O   . LEU A 1 83  ? 7.320   -12.032 -7.505  1.00 5.99  ? 62   LEU A O   1 
ATOM   601  C CB  . LEU A 1 83  ? 5.539   -12.578 -5.119  1.00 4.92  ? 62   LEU A CB  1 
ATOM   602  C CG  . LEU A 1 83  ? 4.823   -13.610 -4.246  1.00 7.57  ? 62   LEU A CG  1 
ATOM   603  C CD1 . LEU A 1 83  ? 3.397   -13.161 -3.919  1.00 9.02  ? 62   LEU A CD1 1 
ATOM   604  C CD2 . LEU A 1 83  ? 4.816   -14.973 -4.924  1.00 11.66 ? 62   LEU A CD2 1 
ATOM   605  N N   . GLY A 1 84  ? 8.428   -10.857 -5.943  1.00 5.16  ? 63   GLY A N   1 
ATOM   606  C CA  . GLY A 1 84  ? 9.006   -9.940  -6.921  1.00 5.00  ? 63   GLY A CA  1 
ATOM   607  C C   . GLY A 1 84  ? 8.089   -8.794  -7.332  1.00 7.89  ? 63   GLY A C   1 
ATOM   608  O O   . GLY A 1 84  ? 8.310   -8.175  -8.373  1.00 8.41  ? 63   GLY A O   1 
ATOM   609  N N   . VAL A 1 85  ? 7.079   -8.489  -6.515  1.00 5.06  ? 64   VAL A N   1 
ATOM   610  C CA  . VAL A 1 85  ? 6.096   -7.444  -6.846  1.00 4.61  ? 64   VAL A CA  1 
ATOM   611  C C   . VAL A 1 85  ? 6.461   -6.148  -6.119  1.00 6.43  ? 64   VAL A C   1 
ATOM   612  O O   . VAL A 1 85  ? 6.370   -6.085  -4.878  1.00 6.40  ? 64   VAL A O   1 
ATOM   613  C CB  . VAL A 1 85  ? 4.655   -7.860  -6.495  1.00 8.41  ? 64   VAL A CB  1 
ATOM   614  C CG1 . VAL A 1 85  ? 3.646   -6.716  -6.867  1.00 3.46  ? 64   VAL A CG1 1 
ATOM   615  C CG2 . VAL A 1 85  ? 4.286   -9.146  -7.219  1.00 7.01  ? 64   VAL A CG2 1 
ATOM   616  N N   . PRO A 1 86  ? 6.877   -5.117  -6.877  1.00 7.58  ? 65   PRO A N   1 
ATOM   617  C CA  . PRO A 1 86  ? 7.251   -3.848  -6.263  1.00 10.39 ? 65   PRO A CA  1 
ATOM   618  C C   . PRO A 1 86  ? 6.024   -3.079  -5.795  1.00 9.67  ? 65   PRO A C   1 
ATOM   619  O O   . PRO A 1 86  ? 4.906   -3.341  -6.251  1.00 6.37  ? 65   PRO A O   1 
ATOM   620  C CB  . PRO A 1 86  ? 7.952   -3.097  -7.397  1.00 12.82 ? 65   PRO A CB  1 
ATOM   621  C CG  . PRO A 1 86  ? 7.364   -3.634  -8.631  1.00 13.16 ? 65   PRO A CG  1 
ATOM   622  C CD  . PRO A 1 86  ? 6.960   -5.059  -8.346  1.00 9.35  ? 65   PRO A CD  1 
ATOM   623  N N   . GLY A 1 87  ? 6.254   -2.125  -4.897  1.00 9.10  ? 66   GLY A N   1 
ATOM   624  C CA  . GLY A 1 87  ? 5.168   -1.416  -4.234  1.00 8.07  ? 66   GLY A CA  1 
ATOM   625  C C   . GLY A 1 87  ? 5.154   0.068   -4.502  1.00 8.53  ? 66   GLY A C   1 
ATOM   626  O O   . GLY A 1 87  ? 6.167   0.658   -4.900  1.00 6.29  ? 66   GLY A O   1 
ATOM   627  N N   . ALA A 1 88  ? 3.983   0.664   -4.290  1.00 6.33  ? 67   ALA A N   1 
ATOM   628  C CA  . ALA A 1 88  ? 3.806   2.107   -4.414  1.00 5.18  ? 67   ALA A CA  1 
ATOM   629  C C   . ALA A 1 88  ? 2.766   2.540   -3.401  1.00 7.84  ? 67   ALA A C   1 
ATOM   630  O O   . ALA A 1 88  ? 1.920   1.727   -2.991  1.00 4.24  ? 67   ALA A O   1 
ATOM   631  C CB  . ALA A 1 88  ? 3.359   2.461   -5.811  1.00 5.20  ? 67   ALA A CB  1 
ATOM   632  N N   . ALA A 1 89  ? 2.817   3.817   -3.016  1.00 9.14  ? 68   ALA A N   1 
ATOM   633  C CA  . ALA A 1 89  ? 1.866   4.401   -2.060  1.00 10.35 ? 68   ALA A CA  1 
ATOM   634  C C   . ALA A 1 89  ? 1.065   5.530   -2.701  1.00 11.91 ? 68   ALA A C   1 
ATOM   635  O O   . ALA A 1 89  ? 1.603   6.322   -3.494  1.00 10.87 ? 68   ALA A O   1 
ATOM   636  C CB  . ALA A 1 89  ? 2.597   4.910   -0.825  1.00 11.48 ? 68   ALA A CB  1 
ATOM   637  N N   . ALA A 1 90  ? -0.225  5.604   -2.357  1.00 11.64 ? 69   ALA A N   1 
ATOM   638  C CA  . ALA A 1 90  ? -1.122  6.660   -2.869  1.00 9.09  ? 69   ALA A CA  1 
ATOM   639  C C   . ALA A 1 90  ? -2.095  7.090   -1.771  1.00 10.63 ? 69   ALA A C   1 
ATOM   640  O O   . ALA A 1 90  ? -3.071  6.378   -1.500  1.00 14.80 ? 69   ALA A O   1 
ATOM   641  C CB  . ALA A 1 90  ? -1.900  6.162   -4.084  1.00 11.25 ? 69   ALA A CB  1 
ATOM   642  N N   . SER A 1 91  ? -1.837  8.251   -1.170  1.00 6.54  ? 70   SER A N   1 
ATOM   643  C CA  . SER A 1 91  ? -2.584  8.749   -0.011  1.00 5.52  ? 70   SER A CA  1 
ATOM   644  C C   . SER A 1 91  ? -3.002  10.209  -0.186  1.00 5.57  ? 70   SER A C   1 
ATOM   645  O O   . SER A 1 91  ? -2.220  11.019  -0.644  1.00 7.14  ? 70   SER A O   1 
ATOM   646  C CB  . SER A 1 91  ? -1.716  8.652   1.244   1.00 5.65  ? 70   SER A CB  1 
ATOM   647  O OG  . SER A 1 91  ? -2.344  9.254   2.363   1.00 6.75  ? 70   SER A OG  1 
ATOM   648  N N   . ARG A 1 92  ? -4.235  10.533  0.193   1.00 3.79  ? 71   ARG A N   1 
ATOM   649  C CA  . ARG A 1 92  ? -4.722  11.914  0.169   1.00 3.32  ? 71   ARG A CA  1 
ATOM   650  C C   . ARG A 1 92  ? -4.508  12.671  1.485   1.00 5.87  ? 71   ARG A C   1 
ATOM   651  O O   . ARG A 1 92  ? -5.038  13.784  1.657   1.00 5.22  ? 71   ARG A O   1 
ATOM   652  C CB  . ARG A 1 92  ? -6.212  11.957  -0.245  1.00 6.26  ? 71   ARG A CB  1 
ATOM   653  C CG  . ARG A 1 92  ? -7.191  11.316  0.752   1.00 12.98 ? 71   ARG A CG  1 
ATOM   654  C CD  . ARG A 1 92  ? -8.680  11.678  0.409   1.00 17.57 ? 71   ARG A CD  1 
ATOM   655  N NE  . ARG A 1 92  ? -8.840  12.057  -0.999  1.00 20.36 ? 71   ARG A NE  1 
ATOM   656  C CZ  . ARG A 1 92  ? -9.304  11.284  -1.982  1.00 21.50 ? 71   ARG A CZ  1 
ATOM   657  N NH1 . ARG A 1 92  ? -9.744  10.038  -1.770  1.00 19.94 ? 71   ARG A NH1 1 
ATOM   658  N NH2 . ARG A 1 92  ? -9.356  11.784  -3.204  1.00 24.03 ? 71   ARG A NH2 1 
ATOM   659  N N   . THR A 1 93  ? -3.719  12.117  2.417   1.00 5.96  ? 72   THR A N   1 
ATOM   660  C CA  . THR A 1 93  ? -3.510  12.820  3.692   1.00 4.24  ? 72   THR A CA  1 
ATOM   661  C C   . THR A 1 93  ? -2.936  14.237  3.524   1.00 3.32  ? 72   THR A C   1 
ATOM   662  O O   . THR A 1 93  ? -2.132  14.487  2.639   1.00 4.03  ? 72   THR A O   1 
ATOM   663  C CB  . THR A 1 93  ? -2.602  12.058  4.675   1.00 5.55  ? 72   THR A CB  1 
ATOM   664  O OG1 . THR A 1 93  ? -2.632  12.729  5.945   1.00 4.70  ? 72   THR A OG1 1 
ATOM   665  C CG2 . THR A 1 93  ? -1.163  11.954  4.160   1.00 6.49  ? 72   THR A CG2 1 
ATOM   666  N N   . SER A 1 94  ? -3.358  15.148  4.400   1.00 4.64  ? 73   SER A N   1 
ATOM   667  C CA  . SER A 1 94  ? -2.761  16.482  4.499   1.00 3.81  ? 73   SER A CA  1 
ATOM   668  C C   . SER A 1 94  ? -1.471  16.489  5.331   1.00 6.38  ? 73   SER A C   1 
ATOM   669  O O   . SER A 1 94  ? -0.681  17.444  5.254   1.00 6.03  ? 73   SER A O   1 
ATOM   670  C CB  . SER A 1 94  ? -3.759  17.477  5.092   1.00 3.54  ? 73   SER A CB  1 
ATOM   671  O OG  . SER A 1 94  ? -4.014  17.226  6.462   1.00 5.77  ? 73   SER A OG  1 
ATOM   672  N N   . GLU A 1 95  ? -1.249  15.434  6.113   1.00 4.85  ? 74   GLU A N   1 
ATOM   673  C CA  . GLU A 1 95  ? -0.058  15.350  6.966   1.00 4.56  ? 74   GLU A CA  1 
ATOM   674  C C   . GLU A 1 95  ? 1.041   14.594  6.223   1.00 5.79  ? 74   GLU A C   1 
ATOM   675  O O   . GLU A 1 95  ? 1.332   13.436  6.507   1.00 6.31  ? 74   GLU A O   1 
ATOM   676  C CB  . GLU A 1 95  ? -0.414  14.703  8.304   1.00 2.76  ? 74   GLU A CB  1 
ATOM   677  C CG  . GLU A 1 95  ? 0.729   14.591  9.313   1.00 5.01  ? 74   GLU A CG  1 
ATOM   678  C CD  . GLU A 1 95  ? 1.511   15.876  9.457   1.00 10.11 ? 74   GLU A CD  1 
ATOM   679  O OE1 . GLU A 1 95  ? 0.997   16.820  10.084  1.00 11.08 ? 74   GLU A OE1 1 
ATOM   680  O OE2 . GLU A 1 95  ? 2.644   15.939  8.943   1.00 8.17  ? 74   GLU A OE2 1 
ATOM   681  N N   . ILE A 1 96  ? 1.648   15.277  5.254   1.00 6.34  ? 75   ILE A N   1 
ATOM   682  C CA  . ILE A 1 96  ? 2.583   14.646  4.323   1.00 6.71  ? 75   ILE A CA  1 
ATOM   683  C C   . ILE A 1 96  ? 3.913   14.297  5.020   1.00 7.22  ? 75   ILE A C   1 
ATOM   684  O O   . ILE A 1 96  ? 4.427   13.178  4.879   1.00 8.02  ? 75   ILE A O   1 
ATOM   685  C CB  . ILE A 1 96  ? 2.823   15.560  3.106   1.00 5.62  ? 75   ILE A CB  1 
ATOM   686  C CG1 . ILE A 1 96  ? 1.498   15.805  2.363   1.00 5.77  ? 75   ILE A CG1 1 
ATOM   687  C CG2 . ILE A 1 96  ? 3.896   14.953  2.156   1.00 8.92  ? 75   ILE A CG2 1 
ATOM   688  C CD1 . ILE A 1 96  ? 1.550   16.974  1.391   1.00 11.44 ? 75   ILE A CD1 1 
ATOM   689  N N   . GLU A 1 97  ? 4.443   15.255  5.769   1.00 8.19  ? 76   GLU A N   1 
ATOM   690  C CA  . GLU A 1 97  ? 5.672   15.069  6.542   1.00 9.68  ? 76   GLU A CA  1 
ATOM   691  C C   . GLU A 1 97  ? 5.543   13.888  7.507   1.00 9.00  ? 76   GLU A C   1 
ATOM   692  O O   . GLU A 1 97  ? 6.428   13.049  7.585   1.00 8.59  ? 76   GLU A O   1 
ATOM   693  C CB  . GLU A 1 97  ? 5.973   16.322  7.359   1.00 11.66 ? 76   GLU A CB  1 
ATOM   694  C CG  . GLU A 1 97  ? 6.449   17.510  6.528   1.00 24.90 ? 76   GLU A CG  1 
ATOM   695  C CD  . GLU A 1 97  ? 7.197   18.553  7.349   1.00 37.65 ? 76   GLU A CD  1 
ATOM   696  O OE1 . GLU A 1 97  ? 7.430   18.332  8.562   1.00 44.61 ? 76   GLU A OE1 1 
ATOM   697  O OE2 . GLU A 1 97  ? 7.564   19.600  6.771   1.00 48.31 ? 76   GLU A OE2 1 
ATOM   698  N N   . GLY A 1 98  ? 4.429   13.847  8.234   1.00 7.29  ? 77   GLY A N   1 
ATOM   699  C CA  . GLY A 1 98  ? 4.160   12.795  9.227   1.00 7.95  ? 77   GLY A CA  1 
ATOM   700  C C   . GLY A 1 98  ? 3.998   11.426  8.611   1.00 7.00  ? 77   GLY A C   1 
ATOM   701  O O   . GLY A 1 98  ? 4.558   10.435  9.106   1.00 7.09  ? 77   GLY A O   1 
ATOM   702  N N   . ALA A 1 99  ? 3.260   11.363  7.501   1.00 5.95  ? 78   ALA A N   1 
ATOM   703  C CA  . ALA A 1 99  ? 3.130   10.142  6.735   1.00 5.44  ? 78   ALA A CA  1 
ATOM   704  C C   . ALA A 1 99  ? 4.510   9.612   6.289   1.00 8.10  ? 78   ALA A C   1 
ATOM   705  O O   . ALA A 1 99  ? 4.824   8.424   6.442   1.00 5.45  ? 78   ALA A O   1 
ATOM   706  C CB  . ALA A 1 99  ? 2.220   10.382  5.505   1.00 5.21  ? 78   ALA A CB  1 
ATOM   707  N N   . ASN A 1 100 ? 5.336   10.499  5.752   1.00 8.76  ? 79   ASN A N   1 
ATOM   708  C CA  . ASN A 1 100 ? 6.688   10.102  5.332   1.00 10.66 ? 79   ASN A CA  1 
ATOM   709  C C   . ASN A 1 100 ? 7.583   9.695   6.514   1.00 9.77  ? 79   ASN A C   1 
ATOM   710  O O   . ASN A 1 100 ? 8.371   8.752   6.400   1.00 11.10 ? 79   ASN A O   1 
ATOM   711  C CB  . ASN A 1 100 ? 7.325   11.183  4.463   1.00 10.08 ? 79   ASN A CB  1 
ATOM   712  C CG  . ASN A 1 100 ? 6.729   11.218  3.056   1.00 13.32 ? 79   ASN A CG  1 
ATOM   713  O OD1 . ASN A 1 100 ? 6.130   12.213  2.644   1.00 29.47 ? 79   ASN A OD1 1 
ATOM   714  N ND2 . ASN A 1 100 ? 6.874   10.125  2.325   1.00 12.48 ? 79   ASN A ND2 1 
ATOM   715  N N   . GLN A 1 101 ? 7.428   10.355  7.656   1.00 9.10  ? 80   GLN A N   1 
ATOM   716  C CA  . GLN A 1 101 ? 8.158   9.941   8.855   1.00 7.83  ? 80   GLN A CA  1 
ATOM   717  C C   . GLN A 1 101 ? 7.746   8.544   9.328   1.00 8.98  ? 80   GLN A C   1 
ATOM   718  O O   . GLN A 1 101 ? 8.603   7.758   9.745   1.00 7.97  ? 80   GLN A O   1 
ATOM   719  C CB  . GLN A 1 101 ? 8.018   10.939  9.994   1.00 9.22  ? 80   GLN A CB  1 
ATOM   720  C CG  . GLN A 1 101 ? 9.102   10.751  11.056  1.00 16.17 ? 80   GLN A CG  1 
ATOM   721  C CD  . GLN A 1 101 ? 8.951   11.647  12.268  1.00 18.84 ? 80   GLN A CD  1 
ATOM   722  O OE1 . GLN A 1 101 ? 7.881   12.219  12.514  1.00 18.17 ? 80   GLN A OE1 1 
ATOM   723  N NE2 . GLN A 1 101 ? 10.030  11.747  13.062  1.00 15.54 ? 80   GLN A NE2 1 
ATOM   724  N N   . LEU A 1 102 ? 6.459   8.206   9.250   1.00 7.04  ? 81   LEU A N   1 
ATOM   725  C CA  . LEU A 1 102 ? 6.043   6.859   9.631   1.00 5.43  ? 81   LEU A CA  1 
ATOM   726  C C   . LEU A 1 102 ? 6.594   5.790   8.677   1.00 7.00  ? 81   LEU A C   1 
ATOM   727  O O   . LEU A 1 102 ? 6.992   4.700   9.107   1.00 6.12  ? 81   LEU A O   1 
ATOM   728  C CB  . LEU A 1 102 ? 4.514   6.746   9.722   1.00 4.58  ? 81   LEU A CB  1 
ATOM   729  C CG  . LEU A 1 102 ? 3.868   7.547   10.851  1.00 6.26  ? 81   LEU A CG  1 
ATOM   730  C CD1 . LEU A 1 102 ? 2.342   7.351   10.804  1.00 7.57  ? 81   LEU A CD1 1 
ATOM   731  C CD2 . LEU A 1 102 ? 4.453   7.147   12.210  1.00 7.04  ? 81   LEU A CD2 1 
ATOM   732  N N   . LEU A 1 103 ? 6.605   6.088   7.381   1.00 6.84  ? 82   LEU A N   1 
ATOM   733  C CA  . LEU A 1 103 ? 7.209   5.176   6.412   1.00 8.23  ? 82   LEU A CA  1 
ATOM   734  C C   . LEU A 1 103 ? 8.679   4.895   6.748   1.00 8.62  ? 82   LEU A C   1 
ATOM   735  O O   . LEU A 1 103 ? 9.153   3.758   6.599   1.00 9.83  ? 82   LEU A O   1 
ATOM   736  C CB  . LEU A 1 103 ? 7.076   5.729   4.984   1.00 8.65  ? 82   LEU A CB  1 
ATOM   737  C CG  . LEU A 1 103 ? 5.643   5.708   4.409   1.00 9.79  ? 82   LEU A CG  1 
ATOM   738  C CD1 . LEU A 1 103 ? 5.625   6.302   3.001   1.00 12.79 ? 82   LEU A CD1 1 
ATOM   739  C CD2 . LEU A 1 103 ? 5.026   4.313   4.411   1.00 10.89 ? 82   LEU A CD2 1 
ATOM   740  N N   . GLU A 1 104 ? 9.385   5.929   7.182   1.00 8.86  ? 83   GLU A N   1 
ATOM   741  C CA  . GLU A 1 104 ? 10.776  5.787   7.598   1.00 10.43 ? 83   GLU A CA  1 
ATOM   742  C C   . GLU A 1 104 ? 10.893  4.944   8.880   1.00 8.42  ? 83   GLU A C   1 
ATOM   743  O O   . GLU A 1 104 ? 11.673  3.976   8.930   1.00 7.51  ? 83   GLU A O   1 
ATOM   744  C CB  . GLU A 1 104 ? 11.399  7.175   7.782   1.00 12.26 ? 83   GLU A CB  1 
ATOM   745  C CG  . GLU A 1 104 ? 12.826  7.222   8.355   1.00 26.36 ? 83   GLU A CG  1 
ATOM   746  C CD  . GLU A 1 104 ? 13.900  6.701   7.413   1.00 36.85 ? 83   GLU A CD  1 
ATOM   747  O OE1 . GLU A 1 104 ? 13.740  6.815   6.179   1.00 50.81 ? 83   GLU A OE1 1 
ATOM   748  O OE2 . GLU A 1 104 ? 14.929  6.197   7.916   1.00 48.00 ? 83   GLU A OE2 1 
ATOM   749  N N   . LEU A 1 105 ? 10.132  5.303   9.911   1.00 5.53  ? 84   LEU A N   1 
ATOM   750  C CA  . LEU A 1 105 ? 10.253  4.647   11.233  1.00 6.40  ? 84   LEU A CA  1 
ATOM   751  C C   . LEU A 1 105 ? 9.781   3.188   11.255  1.00 9.45  ? 84   LEU A C   1 
ATOM   752  O O   . LEU A 1 105 ? 10.293  2.377   12.045  1.00 8.35  ? 84   LEU A O   1 
ATOM   753  C CB  . LEU A 1 105 ? 9.510   5.465   12.306  1.00 5.36  ? 84   LEU A CB  1 
ATOM   754  C CG  . LEU A 1 105 ? 10.105  6.836   12.618  1.00 5.52  ? 84   LEU A CG  1 
ATOM   755  C CD1 . LEU A 1 105 ? 9.143   7.670   13.469  1.00 7.04  ? 84   LEU A CD1 1 
ATOM   756  C CD2 . LEU A 1 105 ? 11.462  6.702   13.308  1.00 4.88  ? 84   LEU A CD2 1 
ATOM   757  N N   . PHE A 1 106 ? 8.809   2.848   10.403  1.00 7.92  ? 85   PHE A N   1 
ATOM   758  C CA  . PHE A 1 106 ? 8.387   1.460   10.238  1.00 10.45 ? 85   PHE A CA  1 
ATOM   759  C C   . PHE A 1 106 ? 9.238   0.674   9.203   1.00 9.33  ? 85   PHE A C   1 
ATOM   760  O O   . PHE A 1 106 ? 8.901   -0.458  8.889   1.00 12.82 ? 85   PHE A O   1 
ATOM   761  C CB  . PHE A 1 106 ? 6.897   1.382   9.851   1.00 9.30  ? 85   PHE A CB  1 
ATOM   762  C CG  . PHE A 1 106 ? 5.948   1.889   10.916  1.00 11.14 ? 85   PHE A CG  1 
ATOM   763  C CD1 . PHE A 1 106 ? 5.999   1.399   12.218  1.00 17.50 ? 85   PHE A CD1 1 
ATOM   764  C CD2 . PHE A 1 106 ? 4.959   2.817   10.592  1.00 19.59 ? 85   PHE A CD2 1 
ATOM   765  C CE1 . PHE A 1 106 ? 5.100   1.858   13.195  1.00 11.92 ? 85   PHE A CE1 1 
ATOM   766  C CE2 . PHE A 1 106 ? 4.056   3.271   11.560  1.00 21.25 ? 85   PHE A CE2 1 
ATOM   767  C CZ  . PHE A 1 106 ? 4.145   2.789   12.865  1.00 15.95 ? 85   PHE A CZ  1 
ATOM   768  N N   . ASP A 1 107 ? 10.303  1.290   8.680   1.00 11.01 ? 86   ASP A N   1 
ATOM   769  C CA  A ASP A 1 107 ? 11.240  0.666   7.724   0.61 13.26 ? 86   ASP A CA  1 
ATOM   770  C CA  B ASP A 1 107 ? 11.232  0.641   7.742   0.39 12.68 ? 86   ASP A CA  1 
ATOM   771  C C   . ASP A 1 107 ? 10.530  0.183   6.452   1.00 14.08 ? 86   ASP A C   1 
ATOM   772  O O   . ASP A 1 107 ? 10.760  -0.935  5.971   1.00 12.25 ? 86   ASP A O   1 
ATOM   773  C CB  A ASP A 1 107 ? 12.026  -0.480  8.378   0.61 14.11 ? 86   ASP A CB  1 
ATOM   774  C CB  B ASP A 1 107 ? 11.945  -0.545  8.418   0.39 13.25 ? 86   ASP A CB  1 
ATOM   775  C CG  A ASP A 1 107 ? 13.272  -0.881  7.579   0.61 20.04 ? 86   ASP A CG  1 
ATOM   776  C CG  B ASP A 1 107 ? 12.654  -0.147  9.708   0.39 15.24 ? 86   ASP A CG  1 
ATOM   777  O OD1 A ASP A 1 107 ? 13.752  -0.089  6.732   0.61 20.63 ? 86   ASP A OD1 1 
ATOM   778  O OD1 B ASP A 1 107 ? 13.505  0.764   9.663   0.39 20.98 ? 86   ASP A OD1 1 
ATOM   779  O OD2 A ASP A 1 107 ? 13.769  -2.002  7.802   0.61 19.15 ? 86   ASP A OD2 1 
ATOM   780  O OD2 B ASP A 1 107 ? 12.364  -0.755  10.762  0.39 15.35 ? 86   ASP A OD2 1 
ATOM   781  N N   . LEU A 1 108 ? 9.674   1.047   5.907   1.00 14.26 ? 87   LEU A N   1 
ATOM   782  C CA  . LEU A 1 108 ? 8.882   0.733   4.712   1.00 15.26 ? 87   LEU A CA  1 
ATOM   783  C C   . LEU A 1 108 ? 9.292   1.503   3.443   1.00 14.96 ? 87   LEU A C   1 
ATOM   784  O O   . LEU A 1 108 ? 8.778   1.209   2.363   1.00 12.56 ? 87   LEU A O   1 
ATOM   785  C CB  . LEU A 1 108 ? 7.387   0.983   5.004   1.00 15.74 ? 87   LEU A CB  1 
ATOM   786  C CG  . LEU A 1 108 ? 6.716   0.185   6.133   1.00 16.27 ? 87   LEU A CG  1 
ATOM   787  C CD1 . LEU A 1 108 ? 5.222   0.501   6.232   1.00 18.32 ? 87   LEU A CD1 1 
ATOM   788  C CD2 . LEU A 1 108 ? 6.916   -1.320  5.976   1.00 19.36 ? 87   LEU A CD2 1 
ATOM   789  N N   . PHE A 1 109 ? 10.208  2.472   3.544   1.00 16.81 ? 88   PHE A N   1 
ATOM   790  C CA  . PHE A 1 109 ? 10.609  3.244   2.360   1.00 19.81 ? 88   PHE A CA  1 
ATOM   791  C C   . PHE A 1 109 ? 11.277  2.369   1.305   1.00 19.52 ? 88   PHE A C   1 
ATOM   792  O O   . PHE A 1 109 ? 11.186  2.660   0.118   1.00 22.29 ? 88   PHE A O   1 
ATOM   793  C CB  . PHE A 1 109 ? 11.554  4.418   2.700   1.00 22.28 ? 88   PHE A CB  1 
ATOM   794  C CG  . PHE A 1 109 ? 10.853  5.742   2.945   1.00 26.17 ? 88   PHE A CG  1 
ATOM   795  C CD1 . PHE A 1 109 ? 9.829   6.192   2.108   1.00 24.97 ? 88   PHE A CD1 1 
ATOM   796  C CD2 . PHE A 1 109 ? 11.254  6.564   4.000   1.00 30.88 ? 88   PHE A CD2 1 
ATOM   797  C CE1 . PHE A 1 109 ? 9.202   7.426   2.345   1.00 27.82 ? 88   PHE A CE1 1 
ATOM   798  C CE2 . PHE A 1 109 ? 10.630  7.788   4.235   1.00 26.06 ? 88   PHE A CE2 1 
ATOM   799  C CZ  . PHE A 1 109 ? 9.606   8.216   3.410   1.00 30.31 ? 88   PHE A CZ  1 
ATOM   800  N N   . ARG A 1 110 ? 11.973  1.325   1.747   1.00 18.83 ? 89   ARG A N   1 
ATOM   801  C CA  . ARG A 1 110 ? 12.604  0.374   0.828   1.00 20.60 ? 89   ARG A CA  1 
ATOM   802  C C   . ARG A 1 110 ? 11.589  -0.281  -0.105  1.00 18.88 ? 89   ARG A C   1 
ATOM   803  O O   . ARG A 1 110 ? 11.875  -0.477  -1.288  1.00 20.15 ? 89   ARG A O   1 
ATOM   804  C CB  . ARG A 1 110 ? 13.390  -0.702  1.593   1.00 23.59 ? 89   ARG A CB  1 
ATOM   805  C CG  . ARG A 1 110 ? 12.626  -1.341  2.771   1.00 33.64 ? 89   ARG A CG  1 
ATOM   806  C CD  . ARG A 1 110 ? 11.919  -2.639  2.413   1.00 42.55 ? 89   ARG A CD  1 
ATOM   807  N NE  . ARG A 1 110 ? 12.549  -3.794  3.052   1.00 46.79 ? 89   ARG A NE  1 
ATOM   808  C CZ  . ARG A 1 110 ? 12.507  -4.060  4.362   1.00 54.70 ? 89   ARG A CZ  1 
ATOM   809  N NH1 . ARG A 1 110 ? 11.872  -3.249  5.210   1.00 56.44 ? 89   ARG A NH1 1 
ATOM   810  N NH2 . ARG A 1 110 ? 13.112  -5.147  4.833   1.00 52.51 ? 89   ARG A NH2 1 
ATOM   811  N N   . TYR A 1 111 ? 10.408  -0.602  0.417   1.00 13.81 ? 90   TYR A N   1 
ATOM   812  C CA  . TYR A 1 111 ? 9.357   -1.167  -0.413  1.00 12.00 ? 90   TYR A CA  1 
ATOM   813  C C   . TYR A 1 111 ? 8.606   -0.108  -1.247  1.00 11.31 ? 90   TYR A C   1 
ATOM   814  O O   . TYR A 1 111 ? 8.314   -0.323  -2.419  1.00 14.12 ? 90   TYR A O   1 
ATOM   815  C CB  . TYR A 1 111 ? 8.371   -1.990  0.403   1.00 13.12 ? 90   TYR A CB  1 
ATOM   816  C CG  . TYR A 1 111 ? 7.443   -2.744  -0.514  1.00 14.91 ? 90   TYR A CG  1 
ATOM   817  C CD1 . TYR A 1 111 ? 7.945   -3.670  -1.434  1.00 20.53 ? 90   TYR A CD1 1 
ATOM   818  C CD2 . TYR A 1 111 ? 6.089   -2.494  -0.517  1.00 14.07 ? 90   TYR A CD2 1 
ATOM   819  C CE1 . TYR A 1 111 ? 7.100   -4.345  -2.302  1.00 13.72 ? 90   TYR A CE1 1 
ATOM   820  C CE2 . TYR A 1 111 ? 5.233   -3.170  -1.374  1.00 9.43  ? 90   TYR A CE2 1 
ATOM   821  C CZ  . TYR A 1 111 ? 5.743   -4.081  -2.270  1.00 15.18 ? 90   TYR A CZ  1 
ATOM   822  O OH  . TYR A 1 111 ? 4.882   -4.714  -3.130  1.00 12.43 ? 90   TYR A OH  1 
ATOM   823  N N   . PHE A 1 112 ? 8.299   1.029   -0.648  1.00 8.11  ? 91   PHE A N   1 
ATOM   824  C CA  . PHE A 1 112 ? 7.521   2.046   -1.345  1.00 7.59  ? 91   PHE A CA  1 
ATOM   825  C C   . PHE A 1 112 ? 8.444   3.082   -1.972  1.00 11.09 ? 91   PHE A C   1 
ATOM   826  O O   . PHE A 1 112 ? 8.640   4.151   -1.415  1.00 12.41 ? 91   PHE A O   1 
ATOM   827  C CB  . PHE A 1 112 ? 6.544   2.692   -0.374  1.00 8.96  ? 91   PHE A CB  1 
ATOM   828  C CG  . PHE A 1 112 ? 5.512   1.743   0.132   1.00 5.11  ? 91   PHE A CG  1 
ATOM   829  C CD1 . PHE A 1 112 ? 4.560   1.227   -0.724  1.00 11.54 ? 91   PHE A CD1 1 
ATOM   830  C CD2 . PHE A 1 112 ? 5.479   1.364   1.467   1.00 10.05 ? 91   PHE A CD2 1 
ATOM   831  C CE1 . PHE A 1 112 ? 3.603   0.332   -0.256  1.00 8.29  ? 91   PHE A CE1 1 
ATOM   832  C CE2 . PHE A 1 112 ? 4.520   0.487   1.929   1.00 9.00  ? 91   PHE A CE2 1 
ATOM   833  C CZ  . PHE A 1 112 ? 3.589   -0.028  1.069   1.00 8.04  ? 91   PHE A CZ  1 
ATOM   834  N N   . VAL A 1 113 ? 9.005   2.730   -3.128  1.00 11.34 ? 92   VAL A N   1 
ATOM   835  C CA  . VAL A 1 113 ? 9.928   3.605   -3.859  1.00 12.70 ? 92   VAL A CA  1 
ATOM   836  C C   . VAL A 1 113 ? 9.147   4.776   -4.456  1.00 11.32 ? 92   VAL A C   1 
ATOM   837  O O   . VAL A 1 113 ? 9.560   5.927   -4.345  1.00 12.55 ? 92   VAL A O   1 
ATOM   838  C CB  . VAL A 1 113 ? 10.669  2.826   -4.977  1.00 14.07 ? 92   VAL A CB  1 
ATOM   839  C CG1 . VAL A 1 113 ? 11.536  3.779   -5.852  1.00 17.49 ? 92   VAL A CG1 1 
ATOM   840  C CG2 . VAL A 1 113 ? 11.527  1.714   -4.370  1.00 18.78 ? 92   VAL A CG2 1 
ATOM   841  N N   . HIS A 1 114 ? 7.992   4.478   -5.037  1.00 7.52  ? 93   HIS A N   1 
ATOM   842  C CA  . HIS A 1 114 ? 7.183   5.496   -5.711  1.00 8.50  ? 93   HIS A CA  1 
ATOM   843  C C   . HIS A 1 114 ? 5.975   5.839   -4.855  1.00 8.51  ? 93   HIS A C   1 
ATOM   844  O O   . HIS A 1 114 ? 5.239   4.950   -4.442  1.00 9.22  ? 93   HIS A O   1 
ATOM   845  C CB  . HIS A 1 114 ? 6.779   5.000   -7.097  1.00 10.08 ? 93   HIS A CB  1 
ATOM   846  C CG  . HIS A 1 114 ? 7.960   4.631   -7.939  1.00 12.09 ? 93   HIS A CG  1 
ATOM   847  N ND1 . HIS A 1 114 ? 8.846   5.573   -8.418  1.00 20.24 ? 93   HIS A ND1 1 
ATOM   848  C CD2 . HIS A 1 114 ? 8.435   3.426   -8.334  1.00 18.87 ? 93   HIS A CD2 1 
ATOM   849  C CE1 . HIS A 1 114 ? 9.807   4.963   -9.091  1.00 22.26 ? 93   HIS A CE1 1 
ATOM   850  N NE2 . HIS A 1 114 ? 9.585   3.661   -9.047  1.00 15.52 ? 93   HIS A NE2 1 
ATOM   851  N N   . ARG A 1 115 ? 5.804   7.131   -4.574  1.00 6.94  ? 94   ARG A N   1 
ATOM   852  C CA  . ARG A 1 115 ? 4.802   7.591   -3.623  1.00 6.60  ? 94   ARG A CA  1 
ATOM   853  C C   . ARG A 1 115 ? 4.110   8.855   -4.127  1.00 7.68  ? 94   ARG A C   1 
ATOM   854  O O   . ARG A 1 115 ? 4.768   9.773   -4.625  1.00 8.23  ? 94   ARG A O   1 
ATOM   855  C CB  . ARG A 1 115 ? 5.449   7.852   -2.265  1.00 7.88  ? 94   ARG A CB  1 
ATOM   856  C CG  . ARG A 1 115 ? 6.235   6.655   -1.706  1.00 10.45 ? 94   ARG A CG  1 
ATOM   857  C CD  . ARG A 1 115 ? 6.902   6.981   -0.382  1.00 16.68 ? 94   ARG A CD  1 
ATOM   858  N NE  . ARG A 1 115 ? 7.869   8.059   -0.524  1.00 22.78 ? 94   ARG A NE  1 
ATOM   859  C CZ  . ARG A 1 115 ? 9.082   7.939   -1.068  1.00 32.08 ? 94   ARG A CZ  1 
ATOM   860  N NH1 . ARG A 1 115 ? 9.511   6.774   -1.545  1.00 31.27 ? 94   ARG A NH1 1 
ATOM   861  N NH2 . ARG A 1 115 ? 9.882   9.002   -1.138  1.00 32.61 ? 94   ARG A NH2 1 
ATOM   862  N N   . GLU A 1 116 ? 2.782   8.867   -4.011  1.00 5.48  ? 95   GLU A N   1 
ATOM   863  C CA  . GLU A 1 116 ? 1.949   10.042  -4.237  1.00 6.25  ? 95   GLU A CA  1 
ATOM   864  C C   . GLU A 1 116 ? 1.173   10.276  -2.951  1.00 6.25  ? 95   GLU A C   1 
ATOM   865  O O   . GLU A 1 116 ? 0.161   9.622   -2.686  1.00 6.25  ? 95   GLU A O   1 
ATOM   866  C CB  . GLU A 1 116 ? 1.001   9.863   -5.442  1.00 10.40 ? 95   GLU A CB  1 
ATOM   867  C CG  . GLU A 1 116 ? 1.706   9.577   -6.788  1.00 9.30  ? 95   GLU A CG  1 
ATOM   868  C CD  . GLU A 1 116 ? 2.587   10.725  -7.304  1.00 13.02 ? 95   GLU A CD  1 
ATOM   869  O OE1 . GLU A 1 116 ? 2.221   11.916  -7.195  1.00 12.14 ? 95   GLU A OE1 1 
ATOM   870  O OE2 . GLU A 1 116 ? 3.662   10.420  -7.855  1.00 16.34 ? 95   GLU A OE2 1 
ATOM   871  N N   . ILE A 1 117 ? 1.687   11.200  -2.141  1.00 4.71  ? 96   ILE A N   1 
ATOM   872  C CA  . ILE A 1 117 ? 1.151   11.486  -0.815  1.00 3.99  ? 96   ILE A CA  1 
ATOM   873  C C   . ILE A 1 117 ? 0.855   12.989  -0.706  1.00 4.20  ? 96   ILE A C   1 
ATOM   874  O O   . ILE A 1 117 ? 1.755   13.798  -0.452  1.00 5.32  ? 96   ILE A O   1 
ATOM   875  C CB  . ILE A 1 117 ? 2.131   11.048  0.285   1.00 5.33  ? 96   ILE A CB  1 
ATOM   876  C CG1 . ILE A 1 117 ? 2.473   9.553   0.152   1.00 8.71  ? 96   ILE A CG1 1 
ATOM   877  C CG2 . ILE A 1 117 ? 1.577   11.399  1.687   1.00 4.86  ? 96   ILE A CG2 1 
ATOM   878  C CD1 . ILE A 1 117 ? 3.551   9.075   1.151   1.00 8.83  ? 96   ILE A CD1 1 
ATOM   879  N N   . TYR A 1 118 ? -0.402  13.347  -0.953  1.00 5.78  ? 97   TYR A N   1 
ATOM   880  C CA  . TYR A 1 118 ? -0.894  14.743  -0.872  1.00 4.84  ? 97   TYR A CA  1 
ATOM   881  C C   . TYR A 1 118 ? -2.405  14.740  -1.157  1.00 5.47  ? 97   TYR A C   1 
ATOM   882  O O   . TYR A 1 118 ? -2.904  13.861  -1.882  1.00 4.51  ? 97   TYR A O   1 
ATOM   883  C CB  . TYR A 1 118 ? -0.181  15.691  -1.862  1.00 4.66  ? 97   TYR A CB  1 
ATOM   884  C CG  . TYR A 1 118 ? -0.110  15.117  -3.249  1.00 3.93  ? 97   TYR A CG  1 
ATOM   885  C CD1 . TYR A 1 118 ? -1.162  15.265  -4.141  1.00 3.40  ? 97   TYR A CD1 1 
ATOM   886  C CD2 . TYR A 1 118 ? 0.989   14.368  -3.649  1.00 5.37  ? 97   TYR A CD2 1 
ATOM   887  C CE1 . TYR A 1 118 ? -1.112  14.686  -5.414  1.00 9.25  ? 97   TYR A CE1 1 
ATOM   888  C CE2 . TYR A 1 118 ? 1.050   13.794  -4.914  1.00 7.07  ? 97   TYR A CE2 1 
ATOM   889  C CZ  . TYR A 1 118 ? -0.013  13.949  -5.785  1.00 8.67  ? 97   TYR A CZ  1 
ATOM   890  O OH  . TYR A 1 118 ? 0.049   13.373  -7.046  1.00 11.36 ? 97   TYR A OH  1 
ATOM   891  N N   . PRO A 1 119 ? -3.144  15.724  -0.609  1.00 5.01  ? 98   PRO A N   1 
ATOM   892  C CA  . PRO A 1 119 ? -4.573  15.801  -0.953  1.00 4.75  ? 98   PRO A CA  1 
ATOM   893  C C   . PRO A 1 119 ? -4.804  15.991  -2.452  1.00 5.58  ? 98   PRO A C   1 
ATOM   894  O O   . PRO A 1 119 ? -4.094  16.739  -3.102  1.00 4.61  ? 98   PRO A O   1 
ATOM   895  C CB  . PRO A 1 119 ? -5.074  16.996  -0.137  1.00 6.32  ? 98   PRO A CB  1 
ATOM   896  C CG  . PRO A 1 119 ? -4.070  17.126  1.011   1.00 5.39  ? 98   PRO A CG  1 
ATOM   897  C CD  . PRO A 1 119 ? -2.761  16.754  0.370   1.00 4.95  ? 98   PRO A CD  1 
ATOM   898  N N   . GLY A 1 120 ? -5.798  15.301  -2.989  1.00 4.39  ? 99   GLY A N   1 
ATOM   899  C CA  . GLY A 1 120 ? -6.071  15.322  -4.417  1.00 4.73  ? 99   GLY A CA  1 
ATOM   900  C C   . GLY A 1 120 ? -6.918  14.131  -4.826  1.00 5.74  ? 99   GLY A C   1 
ATOM   901  O O   . GLY A 1 120 ? -7.278  13.292  -4.002  1.00 8.24  ? 99   GLY A O   1 
ATOM   902  N N   . SER A 1 121 ? -7.224  14.056  -6.109  1.00 6.54  ? 100  SER A N   1 
ATOM   903  C CA  . SER A 1 121 ? -7.924  12.897  -6.670  1.00 6.17  ? 100  SER A CA  1 
ATOM   904  C C   . SER A 1 121 ? -6.997  11.701  -6.755  1.00 4.93  ? 100  SER A C   1 
ATOM   905  O O   . SER A 1 121 ? -5.842  11.822  -7.170  1.00 6.03  ? 100  SER A O   1 
ATOM   906  C CB  . SER A 1 121 ? -8.434  13.202  -8.082  1.00 6.04  ? 100  SER A CB  1 
ATOM   907  O OG  . SER A 1 121 ? -8.917  12.025  -8.705  1.00 6.79  ? 100  SER A OG  1 
ATOM   908  N N   . LYS A 1 122 ? -7.505  10.529  -6.393  1.00 3.75  ? 101  LYS A N   1 
ATOM   909  C CA  . LYS A 1 122 ? -6.756  9.293   -6.607  1.00 6.05  ? 101  LYS A CA  1 
ATOM   910  C C   . LYS A 1 122 ? -6.515  9.014   -8.093  1.00 4.96  ? 101  LYS A C   1 
ATOM   911  O O   . LYS A 1 122 ? -5.576  8.293   -8.451  1.00 3.94  ? 101  LYS A O   1 
ATOM   912  C CB  . LYS A 1 122 ? -7.476  8.095   -5.956  1.00 7.13  ? 101  LYS A CB  1 
ATOM   913  C CG  . LYS A 1 122 ? -7.487  8.168   -4.436  1.00 16.88 ? 101  LYS A CG  1 
ATOM   914  C CD  . LYS A 1 122 ? -6.403  7.338   -3.744  1.00 18.50 ? 101  LYS A CD  1 
ATOM   915  C CE  . LYS A 1 122 ? -6.370  7.694   -2.252  1.00 25.90 ? 101  LYS A CE  1 
ATOM   916  N NZ  . LYS A 1 122 ? -6.254  6.516   -1.333  1.00 29.00 ? 101  LYS A NZ  1 
ATOM   917  N N   . ILE A 1 123 ? -7.341  9.581   -8.969  1.00 3.77  ? 102  ILE A N   1 
ATOM   918  C CA  . ILE A 1 123 ? -7.086  9.444   -10.415 1.00 5.46  ? 102  ILE A CA  1 
ATOM   919  C C   . ILE A 1 123 ? -5.799  10.191  -10.778 1.00 7.43  ? 102  ILE A C   1 
ATOM   920  O O   . ILE A 1 123 ? -5.004  9.693   -11.578 1.00 6.69  ? 102  ILE A O   1 
ATOM   921  C CB  . ILE A 1 123 ? -8.266  9.920   -11.268 1.00 5.26  ? 102  ILE A CB  1 
ATOM   922  C CG1 . ILE A 1 123 ? -9.533  9.135   -10.891 1.00 4.53  ? 102  ILE A CG1 1 
ATOM   923  C CG2 . ILE A 1 123 ? -7.949  9.752   -12.752 1.00 6.43  ? 102  ILE A CG2 1 
ATOM   924  C CD1 . ILE A 1 123 ? -9.434  7.616   -11.089 1.00 3.91  ? 102  ILE A CD1 1 
ATOM   925  N N   . THR A 1 124 ? -5.585  11.353  -10.163 1.00 7.42  ? 103  THR A N   1 
ATOM   926  C CA  . THR A 1 124 ? -4.313  12.086  -10.288 1.00 8.01  ? 103  THR A CA  1 
ATOM   927  C C   . THR A 1 124 ? -3.132  11.287  -9.715  1.00 6.38  ? 103  THR A C   1 
ATOM   928  O O   . THR A 1 124 ? -2.104  11.187  -10.360 1.00 7.21  ? 103  THR A O   1 
ATOM   929  C CB  . THR A 1 124 ? -4.389  13.458  -9.609  1.00 9.39  ? 103  THR A CB  1 
ATOM   930  O OG1 . THR A 1 124 ? -5.443  14.207  -10.211 1.00 9.81  ? 103  THR A OG1 1 
ATOM   931  C CG2 . THR A 1 124 ? -3.060  14.241  -9.766  1.00 10.29 ? 103  THR A CG2 1 
ATOM   932  N N   . HIS A 1 125 ? -3.288  10.706  -8.519  1.00 6.19  ? 104  HIS A N   1 
ATOM   933  C CA  . HIS A 1 125 ? -2.253  9.839   -7.936  1.00 5.43  ? 104  HIS A CA  1 
ATOM   934  C C   . HIS A 1 125 ? -1.859  8.724   -8.909  1.00 6.28  ? 104  HIS A C   1 
ATOM   935  O O   . HIS A 1 125 ? -0.674  8.470   -9.133  1.00 5.79  ? 104  HIS A O   1 
ATOM   936  C CB  . HIS A 1 125 ? -2.741  9.203   -6.618  1.00 6.15  ? 104  HIS A CB  1 
ATOM   937  C CG  . HIS A 1 125 ? -2.947  10.179  -5.498  1.00 5.31  ? 104  HIS A CG  1 
ATOM   938  N ND1 . HIS A 1 125 ? -3.708  9.884   -4.387  1.00 11.77 ? 104  HIS A ND1 1 
ATOM   939  C CD2 . HIS A 1 125 ? -2.478  11.436  -5.309  1.00 8.11  ? 104  HIS A CD2 1 
ATOM   940  C CE1 . HIS A 1 125 ? -3.681  10.910  -3.553  1.00 11.66 ? 104  HIS A CE1 1 
ATOM   941  N NE2 . HIS A 1 125 ? -2.942  11.864  -4.089  1.00 5.62  ? 104  HIS A NE2 1 
ATOM   942  N N   . PHE A 1 126 ? -2.861  8.064   -9.494  1.00 4.63  ? 105  PHE A N   1 
ATOM   943  C CA  . PHE A 1 126 ? -2.608  6.947   -10.411 1.00 4.98  ? 105  PHE A CA  1 
ATOM   944  C C   . PHE A 1 126 ? -1.950  7.372   -11.719 1.00 5.95  ? 105  PHE A C   1 
ATOM   945  O O   . PHE A 1 126 ? -1.033  6.666   -12.188 1.00 5.32  ? 105  PHE A O   1 
ATOM   946  C CB  . PHE A 1 126 ? -3.860  6.060   -10.593 1.00 4.81  ? 105  PHE A CB  1 
ATOM   947  C CG  . PHE A 1 126 ? -3.934  4.969   -9.568  1.00 3.65  ? 105  PHE A CG  1 
ATOM   948  C CD1 . PHE A 1 126 ? -4.374  5.234   -8.281  1.00 3.07  ? 105  PHE A CD1 1 
ATOM   949  C CD2 . PHE A 1 126 ? -3.436  3.716   -9.849  1.00 6.65  ? 105  PHE A CD2 1 
ATOM   950  C CE1 . PHE A 1 126 ? -4.375  4.234   -7.300  1.00 5.11  ? 105  PHE A CE1 1 
ATOM   951  C CE2 . PHE A 1 126 ? -3.442  2.706   -8.867  1.00 6.89  ? 105  PHE A CE2 1 
ATOM   952  C CZ  . PHE A 1 126 ? -3.887  2.971   -7.604  1.00 4.45  ? 105  PHE A CZ  1 
ATOM   953  N N   . GLU A 1 127 ? -2.364  8.516   -12.284 1.00 6.10  ? 106  GLU A N   1 
ATOM   954  C CA  A GLU A 1 127 ? -1.686  9.077   -13.466 0.40 5.82  ? 106  GLU A CA  1 
ATOM   955  C CA  B GLU A 1 127 ? -1.694  9.084   -13.459 0.60 6.58  ? 106  GLU A CA  1 
ATOM   956  C C   . GLU A 1 127 ? -0.200  9.254   -13.168 1.00 6.35  ? 106  GLU A C   1 
ATOM   957  O O   . GLU A 1 127 ? 0.653   8.850   -13.959 1.00 5.82  ? 106  GLU A O   1 
ATOM   958  C CB  A GLU A 1 127 ? -2.316  10.420  -13.896 0.40 5.50  ? 106  GLU A CB  1 
ATOM   959  C CB  B GLU A 1 127 ? -2.317  10.440  -13.838 0.60 6.72  ? 106  GLU A CB  1 
ATOM   960  C CG  A GLU A 1 127 ? -1.403  11.372  -14.714 0.40 5.99  ? 106  GLU A CG  1 
ATOM   961  C CG  B GLU A 1 127 ? -1.771  11.043  -15.137 0.60 11.73 ? 106  GLU A CG  1 
ATOM   962  C CD  A GLU A 1 127 ? -0.953  10.809  -16.060 0.40 10.87 ? 106  GLU A CD  1 
ATOM   963  C CD  B GLU A 1 127 ? -2.499  12.313  -15.566 0.60 24.46 ? 106  GLU A CD  1 
ATOM   964  O OE1 A GLU A 1 127 ? -1.465  9.748   -16.477 0.40 8.37  ? 106  GLU A OE1 1 
ATOM   965  O OE1 B GLU A 1 127 ? -3.140  12.975  -14.715 0.60 28.72 ? 106  GLU A OE1 1 
ATOM   966  O OE2 A GLU A 1 127 ? -0.083  11.443  -16.706 0.40 8.33  ? 106  GLU A OE2 1 
ATOM   967  O OE2 B GLU A 1 127 ? -2.422  12.651  -16.768 0.60 30.07 ? 106  GLU A OE2 1 
ATOM   968  N N   . ARG A 1 128 ? 0.100   9.842   -12.017 1.00 4.93  ? 107  ARG A N   1 
ATOM   969  C CA  . ARG A 1 128 ? 1.492   10.110  -11.637 1.00 4.79  ? 107  ARG A CA  1 
ATOM   970  C C   . ARG A 1 128 ? 2.294   8.848   -11.307 1.00 4.18  ? 107  ARG A C   1 
ATOM   971  O O   . ARG A 1 128 ? 3.479   8.764   -11.646 1.00 5.96  ? 107  ARG A O   1 
ATOM   972  C CB  . ARG A 1 128 ? 1.524   11.145  -10.513 1.00 5.03  ? 107  ARG A CB  1 
ATOM   973  C CG  . ARG A 1 128 ? 1.148   12.521  -11.069 1.00 11.49 ? 107  ARG A CG  1 
ATOM   974  C CD  . ARG A 1 128 ? 0.839   13.530  -10.037 1.00 16.26 ? 107  ARG A CD  1 
ATOM   975  N NE  . ARG A 1 128 ? 0.387   14.787  -10.650 1.00 17.84 ? 107  ARG A NE  1 
ATOM   976  C CZ  . ARG A 1 128 ? -0.028  15.848  -9.961  1.00 22.84 ? 107  ARG A CZ  1 
ATOM   977  N NH1 . ARG A 1 128 ? -0.041  15.818  -8.636  1.00 18.58 ? 107  ARG A NH1 1 
ATOM   978  N NH2 . ARG A 1 128 ? -0.424  16.947  -10.598 1.00 23.57 ? 107  ARG A NH2 1 
ATOM   979  N N   . LEU A 1 129 ? 1.653   7.854   -10.699 1.00 4.78  ? 108  LEU A N   1 
ATOM   980  C CA  . LEU A 1 129 ? 2.304   6.562   -10.492 1.00 3.92  ? 108  LEU A CA  1 
ATOM   981  C C   . LEU A 1 129 ? 2.608   5.863   -11.822 1.00 6.73  ? 108  LEU A C   1 
ATOM   982  O O   . LEU A 1 129 ? 3.663   5.234   -11.982 1.00 6.02  ? 108  LEU A O   1 
ATOM   983  C CB  . LEU A 1 129 ? 1.458   5.661   -9.581  1.00 4.10  ? 108  LEU A CB  1 
ATOM   984  C CG  . LEU A 1 129 ? 1.429   6.019   -8.093  1.00 7.43  ? 108  LEU A CG  1 
ATOM   985  C CD1 . LEU A 1 129 ? 0.514   5.044   -7.326  1.00 7.16  ? 108  LEU A CD1 1 
ATOM   986  C CD2 . LEU A 1 129 ? 2.849   6.025   -7.480  1.00 6.96  ? 108  LEU A CD2 1 
ATOM   987  N N   . GLN A 1 130 ? 1.699   5.976   -12.787 1.00 6.14  ? 109  GLN A N   1 
ATOM   988  C CA  . GLN A 1 130 ? 1.940   5.375   -14.099 1.00 7.37  ? 109  GLN A CA  1 
ATOM   989  C C   . GLN A 1 130 ? 3.120   6.061   -14.778 1.00 8.88  ? 109  GLN A C   1 
ATOM   990  O O   . GLN A 1 130 ? 3.969   5.399   -15.373 1.00 10.59 ? 109  GLN A O   1 
ATOM   991  C CB  . GLN A 1 130 ? 0.702   5.441   -14.990 1.00 5.47  ? 109  GLN A CB  1 
ATOM   992  C CG  . GLN A 1 130 ? 0.920   4.802   -16.352 1.00 15.90 ? 109  GLN A CG  1 
ATOM   993  C CD  . GLN A 1 130 ? -0.351  4.684   -17.120 1.00 18.74 ? 109  GLN A CD  1 
ATOM   994  O OE1 . GLN A 1 130 ? -0.845  5.673   -17.677 1.00 19.59 ? 109  GLN A OE1 1 
ATOM   995  N NE2 . GLN A 1 130 ? -0.904  3.479   -17.160 1.00 14.59 ? 109  GLN A NE2 1 
ATOM   996  N N   . GLN A 1 131 ? 3.175   7.383   -14.682 1.00 9.91  ? 110  GLN A N   1 
ATOM   997  C CA  . GLN A 1 131 ? 4.311   8.132   -15.209 1.00 12.41 ? 110  GLN A CA  1 
ATOM   998  C C   . GLN A 1 131 ? 5.640   7.711   -14.576 1.00 11.09 ? 110  GLN A C   1 
ATOM   999  O O   . GLN A 1 131 ? 6.633   7.528   -15.288 1.00 11.17 ? 110  GLN A O   1 
ATOM   1000 C CB  . GLN A 1 131 ? 4.091   9.637   -15.052 1.00 12.94 ? 110  GLN A CB  1 
ATOM   1001 C CG  . GLN A 1 131 ? 3.048   10.198  -16.017 1.00 19.04 ? 110  GLN A CG  1 
ATOM   1002 C CD  . GLN A 1 131 ? 3.486   10.159  -17.483 1.00 33.30 ? 110  GLN A CD  1 
ATOM   1003 O OE1 . GLN A 1 131 ? 4.615   10.531  -17.824 1.00 34.65 ? 110  GLN A OE1 1 
ATOM   1004 N NE2 . GLN A 1 131 ? 2.580   9.723   -18.356 1.00 35.40 ? 110  GLN A NE2 1 
ATOM   1005 N N   . LYS A 1 132 ? 5.641   7.561   -13.251 1.00 7.39  ? 111  LYS A N   1 
ATOM   1006 C CA  . LYS A 1 132 ? 6.845   7.221   -12.500 1.00 9.54  ? 111  LYS A CA  1 
ATOM   1007 C C   . LYS A 1 132 ? 7.323   5.789   -12.718 1.00 10.49 ? 111  LYS A C   1 
ATOM   1008 O O   . LYS A 1 132 ? 8.516   5.509   -12.570 1.00 10.58 ? 111  LYS A O   1 
ATOM   1009 C CB  . LYS A 1 132 ? 6.610   7.424   -11.005 1.00 11.15 ? 111  LYS A CB  1 
ATOM   1010 C CG  . LYS A 1 132 ? 6.712   8.859   -10.556 1.00 13.67 ? 111  LYS A CG  1 
ATOM   1011 C CD  . LYS A 1 132 ? 6.376   8.997   -9.084  1.00 14.52 ? 111  LYS A CD  1 
ATOM   1012 C CE  . LYS A 1 132 ? 6.623   10.412  -8.609  1.00 15.88 ? 111  LYS A CE  1 
ATOM   1013 N NZ  . LYS A 1 132 ? 6.149   10.671  -7.230  1.00 15.11 ? 111  LYS A NZ  1 
ATOM   1014 N N   . THR A 1 133 ? 6.394   4.879   -13.004 1.00 9.88  ? 112  THR A N   1 
ATOM   1015 C CA  . THR A 1 133 ? 6.711   3.443   -13.119 1.00 11.23 ? 112  THR A CA  1 
ATOM   1016 C C   . THR A 1 133 ? 6.643   2.912   -14.559 1.00 13.66 ? 112  THR A C   1 
ATOM   1017 O O   . THR A 1 133 ? 7.298   1.911   -14.898 1.00 14.67 ? 112  THR A O   1 
ATOM   1018 C CB  . THR A 1 133 ? 5.785   2.598   -12.220 1.00 11.40 ? 112  THR A CB  1 
ATOM   1019 O OG1 . THR A 1 133 ? 4.435   2.676   -12.706 1.00 9.10  ? 112  THR A OG1 1 
ATOM   1020 C CG2 . THR A 1 133 ? 5.850   3.055   -10.758 1.00 12.26 ? 112  THR A CG2 1 
ATOM   1021 N N   . GLY A 1 134 ? 5.850   3.566   -15.407 1.00 11.97 ? 113  GLY A N   1 
ATOM   1022 C CA  . GLY A 1 134 ? 5.619   3.108   -16.770 1.00 12.96 ? 113  GLY A CA  1 
ATOM   1023 C C   . GLY A 1 134 ? 4.670   1.918   -16.906 1.00 12.72 ? 113  GLY A C   1 
ATOM   1024 O O   . GLY A 1 134 ? 4.469   1.417   -18.005 1.00 14.08 ? 113  GLY A O   1 
ATOM   1025 N N   . ILE A 1 135 ? 4.080   1.482   -15.799 1.00 11.22 ? 114  ILE A N   1 
ATOM   1026 C CA  . ILE A 1 135 ? 3.275   0.253   -15.770 1.00 9.78  ? 114  ILE A CA  1 
ATOM   1027 C C   . ILE A 1 135 ? 1.829   0.535   -16.204 1.00 10.44 ? 114  ILE A C   1 
ATOM   1028 O O   . ILE A 1 135 ? 1.191   1.462   -15.693 1.00 10.71 ? 114  ILE A O   1 
ATOM   1029 C CB  . ILE A 1 135 ? 3.341   -0.396  -14.397 1.00 6.54  ? 114  ILE A CB  1 
ATOM   1030 C CG1 . ILE A 1 135 ? 4.774   -0.868  -14.121 1.00 14.15 ? 114  ILE A CG1 1 
ATOM   1031 C CG2 . ILE A 1 135 ? 2.376   -1.604  -14.263 1.00 4.31  ? 114  ILE A CG2 1 
ATOM   1032 C CD1 . ILE A 1 135 ? 5.036   -1.010  -12.695 1.00 17.69 ? 114  ILE A CD1 1 
ATOM   1033 N N   . PRO A 1 136 ? 1.316   -0.242  -17.166 1.00 10.29 ? 115  PRO A N   1 
ATOM   1034 C CA  . PRO A 1 136 ? -0.089  -0.078  -17.545 1.00 9.58  ? 115  PRO A CA  1 
ATOM   1035 C C   . PRO A 1 136 ? -1.020  -0.325  -16.366 1.00 8.25  ? 115  PRO A C   1 
ATOM   1036 O O   . PRO A 1 136 ? -0.735  -1.175  -15.521 1.00 7.10  ? 115  PRO A O   1 
ATOM   1037 C CB  . PRO A 1 136 ? -0.291  -1.146  -18.625 1.00 11.22 ? 115  PRO A CB  1 
ATOM   1038 C CG  . PRO A 1 136 ? 1.088   -1.425  -19.143 1.00 13.09 ? 115  PRO A CG  1 
ATOM   1039 C CD  . PRO A 1 136 ? 1.981   -1.289  -17.966 1.00 9.80  ? 115  PRO A CD  1 
ATOM   1040 N N   . PHE A 1 137 ? -2.135  0.399   -16.320 1.00 7.76  ? 116  PHE A N   1 
ATOM   1041 C CA  . PHE A 1 137 ? -3.104  0.239   -15.233 1.00 7.31  ? 116  PHE A CA  1 
ATOM   1042 C C   . PHE A 1 137 ? -3.603  -1.192  -15.084 1.00 8.82  ? 116  PHE A C   1 
ATOM   1043 O O   . PHE A 1 137 ? -3.777  -1.677  -13.969 1.00 7.76  ? 116  PHE A O   1 
ATOM   1044 C CB  . PHE A 1 137 ? -4.289  1.179   -15.423 1.00 7.33  ? 116  PHE A CB  1 
ATOM   1045 C CG  . PHE A 1 137 ? -3.931  2.639   -15.300 1.00 6.97  ? 116  PHE A CG  1 
ATOM   1046 C CD1 . PHE A 1 137 ? -3.232  3.100   -14.183 1.00 5.57  ? 116  PHE A CD1 1 
ATOM   1047 C CD2 . PHE A 1 137 ? -4.303  3.552   -16.295 1.00 7.34  ? 116  PHE A CD2 1 
ATOM   1048 C CE1 . PHE A 1 137 ? -2.894  4.446   -14.057 1.00 6.72  ? 116  PHE A CE1 1 
ATOM   1049 C CE2 . PHE A 1 137 ? -3.973  4.905   -16.176 1.00 11.58 ? 116  PHE A CE2 1 
ATOM   1050 C CZ  . PHE A 1 137 ? -3.270  5.349   -15.049 1.00 11.34 ? 116  PHE A CZ  1 
ATOM   1051 N N   . SER A 1 138 ? -3.788  -1.883  -16.208 1.00 9.95  ? 117  SER A N   1 
ATOM   1052 C CA  . SER A 1 138 ? -4.245  -3.273  -16.180 1.00 9.53  ? 117  SER A CA  1 
ATOM   1053 C C   . SER A 1 138 ? -3.289  -4.247  -15.467 1.00 8.76  ? 117  SER A C   1 
ATOM   1054 O O   . SER A 1 138 ? -3.689  -5.367  -15.147 1.00 7.64  ? 117  SER A O   1 
ATOM   1055 C CB  . SER A 1 138 ? -4.479  -3.771  -17.613 1.00 11.93 ? 117  SER A CB  1 
ATOM   1056 O OG  . SER A 1 138 ? -3.255  -3.766  -18.322 1.00 13.16 ? 117  SER A OG  1 
ATOM   1057 N N   . GLN A 1 139 ? -2.043  -3.833  -15.230 1.00 8.57  ? 118  GLN A N   1 
ATOM   1058 C CA  . GLN A 1 139 ? -1.045  -4.681  -14.575 1.00 8.07  ? 118  GLN A CA  1 
ATOM   1059 C C   . GLN A 1 139 ? -0.790  -4.240  -13.130 1.00 9.10  ? 118  GLN A C   1 
ATOM   1060 O O   . GLN A 1 139 ? 0.130   -4.737  -12.471 1.00 10.22 ? 118  GLN A O   1 
ATOM   1061 C CB  . GLN A 1 139 ? 0.249   -4.680  -15.391 1.00 7.93  ? 118  GLN A CB  1 
ATOM   1062 C CG  . GLN A 1 139 ? 0.049   -5.196  -16.823 1.00 10.76 ? 118  GLN A CG  1 
ATOM   1063 C CD  . GLN A 1 139 ? 1.275   -5.041  -17.684 1.00 18.85 ? 118  GLN A CD  1 
ATOM   1064 O OE1 . GLN A 1 139 ? 2.383   -4.872  -17.175 1.00 15.32 ? 118  GLN A OE1 1 
ATOM   1065 N NE2 . GLN A 1 139 ? 1.085   -5.078  -19.008 1.00 18.99 ? 118  GLN A NE2 1 
ATOM   1066 N N   . MET A 1 140 ? -1.642  -3.340  -12.626 1.00 6.24  ? 119  MET A N   1 
ATOM   1067 C CA  . MET A 1 140 ? -1.567  -2.887  -11.234 1.00 5.21  ? 119  MET A CA  1 
ATOM   1068 C C   . MET A 1 140 ? -2.649  -3.545  -10.389 1.00 3.38  ? 119  MET A C   1 
ATOM   1069 O O   . MET A 1 140 ? -3.756  -3.820  -10.874 1.00 4.44  ? 119  MET A O   1 
ATOM   1070 C CB  . MET A 1 140 ? -1.734  -1.369  -11.159 1.00 5.89  ? 119  MET A CB  1 
ATOM   1071 C CG  . MET A 1 140 ? -0.712  -0.541  -11.903 1.00 6.12  ? 119  MET A CG  1 
ATOM   1072 S SD  . MET A 1 140 ? -1.001  1.204   -11.531 1.00 7.53  ? 119  MET A SD  1 
ATOM   1073 C CE  . MET A 1 140 ? 0.245   2.084   -12.496 1.00 6.21  ? 119  MET A CE  1 
ATOM   1074 N N   . ILE A 1 141 ? -2.321  -3.777  -9.115  1.00 5.14  ? 120  ILE A N   1 
ATOM   1075 C CA  . ILE A 1 141 ? -3.302  -4.104  -8.100  1.00 5.47  ? 120  ILE A CA  1 
ATOM   1076 C C   . ILE A 1 141 ? -3.281  -2.984  -7.045  1.00 5.90  ? 120  ILE A C   1 
ATOM   1077 O O   . ILE A 1 141 ? -2.237  -2.367  -6.809  1.00 6.53  ? 120  ILE A O   1 
ATOM   1078 C CB  . ILE A 1 141 ? -3.018  -5.495  -7.490  1.00 4.29  ? 120  ILE A CB  1 
ATOM   1079 C CG1 . ILE A 1 141 ? -4.196  -5.968  -6.641  1.00 8.49  ? 120  ILE A CG1 1 
ATOM   1080 C CG2 . ILE A 1 141 ? -1.694  -5.484  -6.675  1.00 2.00  ? 120  ILE A CG2 1 
ATOM   1081 C CD1 . ILE A 1 141 ? -4.138  -7.465  -6.272  1.00 7.60  ? 120  ILE A CD1 1 
ATOM   1082 N N   . PHE A 1 142 ? -4.429  -2.728  -6.427  1.00 6.60  ? 121  PHE A N   1 
ATOM   1083 C CA  . PHE A 1 142 ? -4.612  -1.599  -5.495  1.00 4.03  ? 121  PHE A CA  1 
ATOM   1084 C C   . PHE A 1 142 ? -5.438  -2.056  -4.302  1.00 5.12  ? 121  PHE A C   1 
ATOM   1085 O O   . PHE A 1 142 ? -6.500  -2.676  -4.474  1.00 6.43  ? 121  PHE A O   1 
ATOM   1086 C CB  . PHE A 1 142 ? -5.296  -0.444  -6.268  1.00 4.69  ? 121  PHE A CB  1 
ATOM   1087 C CG  . PHE A 1 142 ? -5.704  0.768   -5.432  1.00 4.45  ? 121  PHE A CG  1 
ATOM   1088 C CD1 . PHE A 1 142 ? -4.837  1.367   -4.528  1.00 3.75  ? 121  PHE A CD1 1 
ATOM   1089 C CD2 . PHE A 1 142 ? -6.959  1.356   -5.634  1.00 7.37  ? 121  PHE A CD2 1 
ATOM   1090 C CE1 . PHE A 1 142 ? -5.213  2.523   -3.810  1.00 8.62  ? 121  PHE A CE1 1 
ATOM   1091 C CE2 . PHE A 1 142 ? -7.357  2.495   -4.901  1.00 5.94  ? 121  PHE A CE2 1 
ATOM   1092 C CZ  . PHE A 1 142 ? -6.479  3.079   -4.001  1.00 8.47  ? 121  PHE A CZ  1 
ATOM   1093 N N   . PHE A 1 143 ? -4.937  -1.773  -3.101  1.00 4.83  ? 122  PHE A N   1 
ATOM   1094 C CA  . PHE A 1 143 ? -5.624  -2.089  -1.846  1.00 5.10  ? 122  PHE A CA  1 
ATOM   1095 C C   . PHE A 1 143 ? -6.016  -0.776  -1.112  1.00 4.17  ? 122  PHE A C   1 
ATOM   1096 O O   . PHE A 1 143 ? -5.157  0.062   -0.855  1.00 4.66  ? 122  PHE A O   1 
ATOM   1097 C CB  . PHE A 1 143 ? -4.704  -2.930  -0.954  1.00 7.50  ? 122  PHE A CB  1 
ATOM   1098 C CG  . PHE A 1 143 ? -4.309  -4.259  -1.550  1.00 5.71  ? 122  PHE A CG  1 
ATOM   1099 C CD1 . PHE A 1 143 ? -5.106  -5.390  -1.364  1.00 5.13  ? 122  PHE A CD1 1 
ATOM   1100 C CD2 . PHE A 1 143 ? -3.145  -4.388  -2.284  1.00 8.06  ? 122  PHE A CD2 1 
ATOM   1101 C CE1 . PHE A 1 143 ? -4.743  -6.619  -1.913  1.00 9.99  ? 122  PHE A CE1 1 
ATOM   1102 C CE2 . PHE A 1 143 ? -2.769  -5.616  -2.828  1.00 7.99  ? 122  PHE A CE2 1 
ATOM   1103 C CZ  . PHE A 1 143 ? -3.577  -6.735  -2.643  1.00 10.15 ? 122  PHE A CZ  1 
ATOM   1104 N N   . ASP A 1 144 ? -7.294  -0.622  -0.757  1.00 3.21  ? 123  ASP A N   1 
ATOM   1105 C CA  . ASP A 1 144 ? -7.796  0.622   -0.124  1.00 5.07  ? 123  ASP A CA  1 
ATOM   1106 C C   . ASP A 1 144 ? -9.021  0.289   0.717   1.00 7.36  ? 123  ASP A C   1 
ATOM   1107 O O   . ASP A 1 144 ? -9.838  -0.555  0.342   1.00 5.25  ? 123  ASP A O   1 
ATOM   1108 C CB  . ASP A 1 144 ? -8.115  1.664   -1.222  1.00 6.05  ? 123  ASP A CB  1 
ATOM   1109 C CG  . ASP A 1 144 ? -8.287  3.100   -0.694  1.00 11.78 ? 123  ASP A CG  1 
ATOM   1110 O OD1 . ASP A 1 144 ? -9.114  3.331   0.204   1.00 16.60 ? 123  ASP A OD1 1 
ATOM   1111 O OD2 . ASP A 1 144 ? -7.636  4.020   -1.231  1.00 12.27 ? 123  ASP A OD2 1 
ATOM   1112 N N   . ASP A 1 145 ? -9.120  0.942   1.872   1.00 7.23  ? 124  ASP A N   1 
ATOM   1113 C CA  . ASP A 1 145 ? -10.209 0.767   2.822   1.00 8.34  ? 124  ASP A CA  1 
ATOM   1114 C C   . ASP A 1 145 ? -11.497 1.454   2.371   1.00 7.70  ? 124  ASP A C   1 
ATOM   1115 O O   . ASP A 1 145 ? -12.568 1.082   2.834   1.00 6.24  ? 124  ASP A O   1 
ATOM   1116 C CB  . ASP A 1 145 ? -9.763  1.340   4.185   1.00 8.89  ? 124  ASP A CB  1 
ATOM   1117 C CG  . ASP A 1 145 ? -10.898 1.535   5.162   1.00 18.63 ? 124  ASP A CG  1 
ATOM   1118 O OD1 . ASP A 1 145 ? -11.333 0.540   5.778   1.00 19.84 ? 124  ASP A OD1 1 
ATOM   1119 O OD2 . ASP A 1 145 ? -11.316 2.699   5.342   1.00 23.82 ? 124  ASP A OD2 1 
ATOM   1120 N N   . GLU A 1 146 ? -11.386 2.441   1.474   1.00 6.92  ? 125  GLU A N   1 
ATOM   1121 C CA  A GLU A 1 146 ? -12.523 3.256   1.031   0.45 8.01  ? 125  GLU A CA  1 
ATOM   1122 C CA  B GLU A 1 146 ? -12.549 3.238   1.040   0.55 7.54  ? 125  GLU A CA  1 
ATOM   1123 C C   . GLU A 1 146 ? -13.138 2.733   -0.272  1.00 5.88  ? 125  GLU A C   1 
ATOM   1124 O O   . GLU A 1 146 ? -12.511 2.823   -1.333  1.00 3.83  ? 125  GLU A O   1 
ATOM   1125 C CB  A GLU A 1 146 ? -12.047 4.700   0.839   0.45 9.66  ? 125  GLU A CB  1 
ATOM   1126 C CB  B GLU A 1 146 ? -12.180 4.724   0.934   0.55 8.64  ? 125  GLU A CB  1 
ATOM   1127 C CG  A GLU A 1 146 ? -13.148 5.708   0.575   0.45 15.57 ? 125  GLU A CG  1 
ATOM   1128 C CG  B GLU A 1 146 ? -13.175 5.589   0.142   0.55 12.49 ? 125  GLU A CG  1 
ATOM   1129 C CD  A GLU A 1 146 ? -13.417 6.612   1.760   0.45 17.58 ? 125  GLU A CD  1 
ATOM   1130 C CD  B GLU A 1 146 ? -14.544 5.706   0.791   0.55 4.04  ? 125  GLU A CD  1 
ATOM   1131 O OE1 A GLU A 1 146 ? -12.613 7.537   2.001   0.45 20.37 ? 125  GLU A OE1 1 
ATOM   1132 O OE1 B GLU A 1 146 ? -15.524 5.096   0.298   0.55 2.48  ? 125  GLU A OE1 1 
ATOM   1133 O OE2 A GLU A 1 146 ? -14.447 6.409   2.433   0.45 24.08 ? 125  GLU A OE2 1 
ATOM   1134 O OE2 B GLU A 1 146 ? -14.655 6.435   1.805   0.55 21.32 ? 125  GLU A OE2 1 
ATOM   1135 N N   . ARG A 1 147 ? -14.367 2.217   -0.194  1.00 6.60  ? 126  ARG A N   1 
ATOM   1136 C CA  . ARG A 1 147 ? -15.079 1.683   -1.345  1.00 6.82  ? 126  ARG A CA  1 
ATOM   1137 C C   . ARG A 1 147 ? -15.133 2.680   -2.503  1.00 5.05  ? 126  ARG A C   1 
ATOM   1138 O O   . ARG A 1 147 ? -15.003 2.278   -3.662  1.00 4.92  ? 126  ARG A O   1 
ATOM   1139 C CB  . ARG A 1 147 ? -16.507 1.261   -0.945  1.00 10.28 ? 126  ARG A CB  1 
ATOM   1140 C CG  . ARG A 1 147 ? -17.241 0.403   -1.967  1.00 21.06 ? 126  ARG A CG  1 
ATOM   1141 C CD  . ARG A 1 147 ? -18.636 -0.030  -1.463  1.00 35.87 ? 126  ARG A CD  1 
ATOM   1142 N NE  . ARG A 1 147 ? -18.609 -1.277  -0.688  1.00 43.67 ? 126  ARG A NE  1 
ATOM   1143 C CZ  . ARG A 1 147 ? -18.675 -1.372  0.643   1.00 48.75 ? 126  ARG A CZ  1 
ATOM   1144 N NH1 . ARG A 1 147 ? -18.778 -0.291  1.411   1.00 52.80 ? 126  ARG A NH1 1 
ATOM   1145 N NH2 . ARG A 1 147 ? -18.638 -2.572  1.215   1.00 49.57 ? 126  ARG A NH2 1 
ATOM   1146 N N   . ARG A 1 148 ? -15.292 3.970   -2.212  1.00 4.58  ? 127  ARG A N   1 
ATOM   1147 C CA  A ARG A 1 148 ? -15.383 4.974   -3.285  0.50 5.20  ? 127  ARG A CA  1 
ATOM   1148 C CA  B ARG A 1 148 ? -15.386 4.970   -3.286  0.50 5.46  ? 127  ARG A CA  1 
ATOM   1149 C C   . ARG A 1 148 ? -14.097 5.020   -4.122  1.00 4.64  ? 127  ARG A C   1 
ATOM   1150 O O   . ARG A 1 148 ? -14.136 5.257   -5.334  1.00 5.33  ? 127  ARG A O   1 
ATOM   1151 C CB  A ARG A 1 148 ? -15.741 6.353   -2.715  0.50 4.99  ? 127  ARG A CB  1 
ATOM   1152 C CB  B ARG A 1 148 ? -15.769 6.344   -2.719  0.50 5.43  ? 127  ARG A CB  1 
ATOM   1153 C CG  A ARG A 1 148 ? -17.177 6.440   -2.223  0.50 9.47  ? 127  ARG A CG  1 
ATOM   1154 C CG  B ARG A 1 148 ? -17.203 6.388   -2.201  0.50 11.07 ? 127  ARG A CG  1 
ATOM   1155 C CD  A ARG A 1 148 ? -17.408 7.663   -1.344  0.50 9.14  ? 127  ARG A CD  1 
ATOM   1156 C CD  B ARG A 1 148 ? -17.551 7.721   -1.546  0.50 12.97 ? 127  ARG A CD  1 
ATOM   1157 N NE  A ARG A 1 148 ? -18.748 7.690   -0.760  0.50 9.68  ? 127  ARG A NE  1 
ATOM   1158 N NE  B ARG A 1 148 ? -16.796 7.949   -0.315  0.50 15.34 ? 127  ARG A NE  1 
ATOM   1159 C CZ  A ARG A 1 148 ? -19.042 8.299   0.384   0.50 13.07 ? 127  ARG A CZ  1 
ATOM   1160 C CZ  B ARG A 1 148 ? -17.338 8.119   0.887   0.50 24.62 ? 127  ARG A CZ  1 
ATOM   1161 N NH1 A ARG A 1 148 ? -18.082 8.923   1.063   0.50 13.55 ? 127  ARG A NH1 1 
ATOM   1162 N NH1 B ARG A 1 148 ? -18.656 8.084   1.044   0.50 28.63 ? 127  ARG A NH1 1 
ATOM   1163 N NH2 A ARG A 1 148 ? -20.285 8.270   0.856   0.50 5.68  ? 127  ARG A NH2 1 
ATOM   1164 N NH2 B ARG A 1 148 ? -16.556 8.323   1.940   0.50 26.12 ? 127  ARG A NH2 1 
ATOM   1165 N N   . ASN A 1 149 ? -12.948 4.774   -3.490  1.00 4.47  ? 128  ASN A N   1 
ATOM   1166 C CA  . ASN A 1 149 ? -11.671 4.728   -4.226  1.00 3.24  ? 128  ASN A CA  1 
ATOM   1167 C C   . ASN A 1 149 ? -11.554 3.481   -5.084  1.00 3.53  ? 128  ASN A C   1 
ATOM   1168 O O   . ASN A 1 149 ? -11.005 3.502   -6.179  1.00 3.04  ? 128  ASN A O   1 
ATOM   1169 C CB  . ASN A 1 149 ? -10.477 4.786   -3.275  1.00 4.31  ? 128  ASN A CB  1 
ATOM   1170 C CG  . ASN A 1 149 ? -10.324 6.126   -2.604  1.00 9.83  ? 128  ASN A CG  1 
ATOM   1171 O OD1 . ASN A 1 149 ? -10.701 7.167   -3.157  1.00 6.79  ? 128  ASN A OD1 1 
ATOM   1172 N ND2 . ASN A 1 149 ? -9.737  6.115   -1.400  1.00 8.81  ? 128  ASN A ND2 1 
ATOM   1173 N N   . ILE A 1 150 ? -12.092 2.381   -4.577  1.00 4.25  ? 129  ILE A N   1 
ATOM   1174 C CA  . ILE A 1 150 ? -12.142 1.135   -5.324  1.00 5.45  ? 129  ILE A CA  1 
ATOM   1175 C C   . ILE A 1 150 ? -12.965 1.337   -6.606  1.00 4.82  ? 129  ILE A C   1 
ATOM   1176 O O   . ILE A 1 150 ? -12.555 0.927   -7.714  1.00 4.74  ? 129  ILE A O   1 
ATOM   1177 C CB  . ILE A 1 150 ? -12.732 -0.020  -4.444  1.00 3.43  ? 129  ILE A CB  1 
ATOM   1178 C CG1 . ILE A 1 150 ? -11.887 -0.240  -3.175  1.00 2.78  ? 129  ILE A CG1 1 
ATOM   1179 C CG2 . ILE A 1 150 ? -12.852 -1.336  -5.250  1.00 5.59  ? 129  ILE A CG2 1 
ATOM   1180 C CD1 . ILE A 1 150 ? -10.404 -0.609  -3.417  1.00 4.73  ? 129  ILE A CD1 1 
ATOM   1181 N N   . VAL A 1 151 ? -14.111 2.007   -6.465  1.00 4.10  ? 130  VAL A N   1 
ATOM   1182 C CA  . VAL A 1 151 ? -14.985 2.262   -7.597  1.00 2.72  ? 130  VAL A CA  1 
ATOM   1183 C C   . VAL A 1 151 ? -14.285 3.139   -8.629  1.00 3.92  ? 130  VAL A C   1 
ATOM   1184 O O   . VAL A 1 151 ? -14.316 2.847   -9.828  1.00 4.60  ? 130  VAL A O   1 
ATOM   1185 C CB  . VAL A 1 151 ? -16.304 2.937   -7.138  1.00 3.76  ? 130  VAL A CB  1 
ATOM   1186 C CG1 . VAL A 1 151 ? -17.106 3.467   -8.338  1.00 4.79  ? 130  VAL A CG1 1 
ATOM   1187 C CG2 . VAL A 1 151 ? -17.127 1.947   -6.301  1.00 4.75  ? 130  VAL A CG2 1 
ATOM   1188 N N   . ASP A 1 152 ? -13.662 4.220   -8.171  1.00 2.51  ? 131  ASP A N   1 
ATOM   1189 C CA  . ASP A 1 152 ? -13.042 5.172   -9.087  1.00 2.26  ? 131  ASP A CA  1 
ATOM   1190 C C   . ASP A 1 152 ? -11.835 4.595   -9.826  1.00 2.63  ? 131  ASP A C   1 
ATOM   1191 O O   . ASP A 1 152 ? -11.752 4.669   -11.039 1.00 2.73  ? 131  ASP A O   1 
ATOM   1192 C CB  . ASP A 1 152 ? -12.629 6.427   -8.334  1.00 3.71  ? 131  ASP A CB  1 
ATOM   1193 C CG  . ASP A 1 152 ? -13.803 7.264   -7.908  1.00 5.68  ? 131  ASP A CG  1 
ATOM   1194 O OD1 . ASP A 1 152 ? -14.801 7.322   -8.668  1.00 8.40  ? 131  ASP A OD1 1 
ATOM   1195 O OD2 . ASP A 1 152 ? -13.719 7.876   -6.826  1.00 5.72  ? 131  ASP A OD2 1 
ATOM   1196 N N   . VAL A 1 153 ? -10.896 4.028   -9.086  1.00 3.63  ? 132  VAL A N   1 
ATOM   1197 C CA  . VAL A 1 153 ? -9.658  3.550   -9.693  1.00 2.53  ? 132  VAL A CA  1 
ATOM   1198 C C   . VAL A 1 153 ? -9.888  2.338   -10.598 1.00 4.13  ? 132  VAL A C   1 
ATOM   1199 O O   . VAL A 1 153 ? -9.168  2.181   -11.582 1.00 5.21  ? 132  VAL A O   1 
ATOM   1200 C CB  . VAL A 1 153 ? -8.543  3.337   -8.636  1.00 2.00  ? 132  VAL A CB  1 
ATOM   1201 C CG1 . VAL A 1 153 ? -7.262  2.776   -9.253  1.00 3.24  ? 132  VAL A CG1 1 
ATOM   1202 C CG2 . VAL A 1 153 ? -8.223  4.660   -7.972  1.00 5.92  ? 132  VAL A CG2 1 
ATOM   1203 N N   . SER A 1 154 ? -10.915 1.527   -10.313 1.00 4.35  ? 133  SER A N   1 
ATOM   1204 C CA  . SER A 1 154 ? -11.272 0.388   -11.185 1.00 4.29  ? 133  SER A CA  1 
ATOM   1205 C C   . SER A 1 154 ? -11.593 0.864   -12.604 1.00 6.19  ? 133  SER A C   1 
ATOM   1206 O O   . SER A 1 154 ? -11.362 0.138   -13.573 1.00 5.02  ? 133  SER A O   1 
ATOM   1207 C CB  . SER A 1 154 ? -12.480 -0.405  -10.650 1.00 3.83  ? 133  SER A CB  1 
ATOM   1208 O OG  . SER A 1 154 ? -12.161 -1.153  -9.487  1.00 12.69 ? 133  SER A OG  1 
ATOM   1209 N N   . LYS A 1 155 ? -12.125 2.077   -12.737 1.00 4.28  ? 134  LYS A N   1 
ATOM   1210 C CA  . LYS A 1 155 ? -12.453 2.603   -14.057 1.00 4.36  ? 134  LYS A CA  1 
ATOM   1211 C C   . LYS A 1 155 ? -11.232 2.752   -14.975 1.00 6.54  ? 134  LYS A C   1 
ATOM   1212 O O   . LYS A 1 155 ? -11.374 2.717   -16.201 1.00 6.59  ? 134  LYS A O   1 
ATOM   1213 C CB  . LYS A 1 155 ? -13.259 3.903   -13.951 1.00 6.01  ? 134  LYS A CB  1 
ATOM   1214 C CG  . LYS A 1 155 ? -14.659 3.651   -13.356 1.00 7.40  ? 134  LYS A CG  1 
ATOM   1215 C CD  . LYS A 1 155 ? -15.568 4.873   -13.354 1.00 7.39  ? 134  LYS A CD  1 
ATOM   1216 C CE  . LYS A 1 155 ? -16.839 4.595   -12.511 1.00 8.39  ? 134  LYS A CE  1 
ATOM   1217 N NZ  . LYS A 1 155 ? -17.356 3.218   -12.681 1.00 15.41 ? 134  LYS A NZ  1 
ATOM   1218 N N   . LEU A 1 156 ? -10.040 2.864   -14.390 1.00 5.10  ? 135  LEU A N   1 
ATOM   1219 C CA  . LEU A 1 156 ? -8.783  2.904   -15.155 1.00 5.72  ? 135  LEU A CA  1 
ATOM   1220 C C   . LEU A 1 156 ? -8.274  1.521   -15.588 1.00 8.37  ? 135  LEU A C   1 
ATOM   1221 O O   . LEU A 1 156 ? -7.339  1.442   -16.385 1.00 5.71  ? 135  LEU A O   1 
ATOM   1222 C CB  . LEU A 1 156 ? -7.685  3.574   -14.321 1.00 7.46  ? 135  LEU A CB  1 
ATOM   1223 C CG  . LEU A 1 156 ? -7.974  4.975   -13.774 1.00 5.49  ? 135  LEU A CG  1 
ATOM   1224 C CD1 . LEU A 1 156 ? -6.781  5.455   -12.913 1.00 6.48  ? 135  LEU A CD1 1 
ATOM   1225 C CD2 . LEU A 1 156 ? -8.297  5.943   -14.899 1.00 5.20  ? 135  LEU A CD2 1 
ATOM   1226 N N   . GLY A 1 157 ? -8.878  0.450   -15.070 1.00 7.50  ? 136  GLY A N   1 
ATOM   1227 C CA  . GLY A 1 157 ? -8.479  -0.919  -15.421 1.00 10.11 ? 136  GLY A CA  1 
ATOM   1228 C C   . GLY A 1 157 ? -7.615  -1.597  -14.374 1.00 8.54  ? 136  GLY A C   1 
ATOM   1229 O O   . GLY A 1 157 ? -7.245  -2.771  -14.519 1.00 9.41  ? 136  GLY A O   1 
ATOM   1230 N N   . VAL A 1 158 ? -7.304  -0.865  -13.304 1.00 8.69  ? 137  VAL A N   1 
ATOM   1231 C CA  . VAL A 1 158 ? -6.581  -1.415  -12.144 1.00 6.01  ? 137  VAL A CA  1 
ATOM   1232 C C   . VAL A 1 158 ? -7.477  -2.453  -11.456 1.00 8.46  ? 137  VAL A C   1 
ATOM   1233 O O   . VAL A 1 158 ? -8.695  -2.263  -11.382 1.00 7.46  ? 137  VAL A O   1 
ATOM   1234 C CB  . VAL A 1 158 ? -6.237  -0.284  -11.142 1.00 6.41  ? 137  VAL A CB  1 
ATOM   1235 C CG1 . VAL A 1 158 ? -5.545  -0.837  -9.889  1.00 4.90  ? 137  VAL A CG1 1 
ATOM   1236 C CG2 . VAL A 1 158 ? -5.398  0.823   -11.817 1.00 3.47  ? 137  VAL A CG2 1 
ATOM   1237 N N   . THR A 1 159 ? -6.883  -3.546  -10.964 1.00 6.69  ? 138  THR A N   1 
ATOM   1238 C CA  . THR A 1 159 ? -7.605  -4.514  -10.135 1.00 5.28  ? 138  THR A CA  1 
ATOM   1239 C C   . THR A 1 159 ? -7.606  -3.965  -8.718  1.00 4.19  ? 138  THR A C   1 
ATOM   1240 O O   . THR A 1 159 ? -6.545  -3.814  -8.101  1.00 5.50  ? 138  THR A O   1 
ATOM   1241 C CB  . THR A 1 159 ? -6.947  -5.907  -10.168 1.00 7.99  ? 138  THR A CB  1 
ATOM   1242 O OG1 . THR A 1 159 ? -7.047  -6.438  -11.495 1.00 6.33  ? 138  THR A OG1 1 
ATOM   1243 C CG2 . THR A 1 159 ? -7.635  -6.860  -9.186  1.00 6.58  ? 138  THR A CG2 1 
ATOM   1244 N N   . CYS A 1 160 ? -8.793  -3.639  -8.217  1.00 3.58  ? 139  CYS A N   1 
ATOM   1245 C CA  . CYS A 1 160 ? -8.926  -2.943  -6.938  1.00 3.97  ? 139  CYS A CA  1 
ATOM   1246 C C   . CYS A 1 160 ? -9.582  -3.831  -5.889  1.00 4.58  ? 139  CYS A C   1 
ATOM   1247 O O   . CYS A 1 160 ? -10.683 -4.368  -6.111  1.00 4.99  ? 139  CYS A O   1 
ATOM   1248 C CB  . CYS A 1 160 ? -9.717  -1.649  -7.128  1.00 5.55  ? 139  CYS A CB  1 
ATOM   1249 S SG  . CYS A 1 160 ? -8.910  -0.471  -8.267  1.00 7.35  ? 139  CYS A SG  1 
ATOM   1250 N N   . ILE A 1 161 ? -8.903  -3.976  -4.753  1.00 4.29  ? 140  ILE A N   1 
ATOM   1251 C CA  . ILE A 1 161 ? -9.318  -4.881  -3.677  1.00 3.70  ? 140  ILE A CA  1 
ATOM   1252 C C   . ILE A 1 161 ? -9.706  -4.062  -2.446  1.00 4.65  ? 140  ILE A C   1 
ATOM   1253 O O   . ILE A 1 161 ? -8.882  -3.349  -1.879  1.00 5.45  ? 140  ILE A O   1 
ATOM   1254 C CB  . ILE A 1 161 ? -8.184  -5.868  -3.289  1.00 6.92  ? 140  ILE A CB  1 
ATOM   1255 C CG1 . ILE A 1 161 ? -7.601  -6.568  -4.537  1.00 5.22  ? 140  ILE A CG1 1 
ATOM   1256 C CG2 . ILE A 1 161 ? -8.697  -6.880  -2.233  1.00 6.17  ? 140  ILE A CG2 1 
ATOM   1257 C CD1 . ILE A 1 161 ? -8.598  -7.390  -5.354  1.00 8.54  ? 140  ILE A CD1 1 
ATOM   1258 N N   . HIS A 1 162 ? -10.972 -4.155  -2.046  1.00 5.63  ? 141  HIS A N   1 
ATOM   1259 C CA  . HIS A 1 162 ? -11.487 -3.398  -0.917  1.00 6.51  ? 141  HIS A CA  1 
ATOM   1260 C C   . HIS A 1 162 ? -11.041 -4.011  0.413   1.00 9.54  ? 141  HIS A C   1 
ATOM   1261 O O   . HIS A 1 162 ? -11.252 -5.195  0.657   1.00 9.34  ? 141  HIS A O   1 
ATOM   1262 C CB  . HIS A 1 162 ? -13.012 -3.347  -0.980  1.00 7.49  ? 141  HIS A CB  1 
ATOM   1263 C CG  . HIS A 1 162 ? -13.635 -2.468  0.055   1.00 5.02  ? 141  HIS A CG  1 
ATOM   1264 N ND1 . HIS A 1 162 ? -14.830 -2.777  0.665   1.00 15.39 ? 141  HIS A ND1 1 
ATOM   1265 C CD2 . HIS A 1 162 ? -13.245 -1.276  0.570   1.00 10.41 ? 141  HIS A CD2 1 
ATOM   1266 C CE1 . HIS A 1 162 ? -15.143 -1.823  1.524   1.00 15.70 ? 141  HIS A CE1 1 
ATOM   1267 N NE2 . HIS A 1 162 ? -14.197 -0.902  1.488   1.00 12.30 ? 141  HIS A NE2 1 
ATOM   1268 N N   . ILE A 1 163 ? -10.434 -3.181  1.250   1.00 8.52  ? 142  ILE A N   1 
ATOM   1269 C CA  . ILE A 1 163 ? -9.921  -3.588  2.558   1.00 11.14 ? 142  ILE A CA  1 
ATOM   1270 C C   . ILE A 1 163 ? -11.003 -3.404  3.605   1.00 9.52  ? 142  ILE A C   1 
ATOM   1271 O O   . ILE A 1 163 ? -11.707 -2.399  3.596   1.00 11.25 ? 142  ILE A O   1 
ATOM   1272 C CB  . ILE A 1 163 ? -8.674  -2.742  2.938   1.00 8.13  ? 142  ILE A CB  1 
ATOM   1273 C CG1 . ILE A 1 163 ? -7.447  -3.280  2.190   1.00 16.59 ? 142  ILE A CG1 1 
ATOM   1274 C CG2 . ILE A 1 163 ? -8.396  -2.763  4.462   1.00 12.22 ? 142  ILE A CG2 1 
ATOM   1275 C CD1 . ILE A 1 163 ? -6.164  -2.700  2.667   1.00 23.03 ? 142  ILE A CD1 1 
ATOM   1276 N N   . GLN A 1 164 ? -11.150 -4.392  4.477   1.00 10.70 ? 143  GLN A N   1 
ATOM   1277 C CA  . GLN A 1 164 ? -11.925 -4.223  5.689   1.00 14.40 ? 143  GLN A CA  1 
ATOM   1278 C C   . GLN A 1 164 ? -11.039 -4.611  6.868   1.00 10.08 ? 143  GLN A C   1 
ATOM   1279 O O   . GLN A 1 164 ? -10.421 -5.659  6.866   1.00 16.16 ? 143  GLN A O   1 
ATOM   1280 C CB  . GLN A 1 164 ? -13.191 -5.083  5.642   1.00 17.66 ? 143  GLN A CB  1 
ATOM   1281 C CG  . GLN A 1 164 ? -14.217 -4.592  4.615   1.00 28.63 ? 143  GLN A CG  1 
ATOM   1282 C CD  . GLN A 1 164 ? -15.280 -5.631  4.302   1.00 36.53 ? 143  GLN A CD  1 
ATOM   1283 O OE1 . GLN A 1 164 ? -14.974 -6.807  4.095   1.00 46.75 ? 143  GLN A OE1 1 
ATOM   1284 N NE2 . GLN A 1 164 ? -16.535 -5.199  4.259   1.00 42.32 ? 143  GLN A NE2 1 
ATOM   1285 N N   . ASN A 1 165 ? -10.957 -3.726  7.841   1.00 11.88 ? 144  ASN A N   1 
ATOM   1286 C CA  . ASN A 1 165 ? -10.202 -3.960  9.070   1.00 9.47  ? 144  ASN A CA  1 
ATOM   1287 C C   . ASN A 1 165 ? -8.702  -4.143  8.849   1.00 8.43  ? 144  ASN A C   1 
ATOM   1288 O O   . ASN A 1 165 ? -8.054  -4.943  9.523   1.00 8.16  ? 144  ASN A O   1 
ATOM   1289 C CB  . ASN A 1 165 ? -10.818 -5.132  9.844   1.00 9.23  ? 144  ASN A CB  1 
ATOM   1290 C CG  . ASN A 1 165 ? -12.309 -4.965  10.030  1.00 11.09 ? 144  ASN A CG  1 
ATOM   1291 O OD1 . ASN A 1 165 ? -13.104 -5.767  9.541   1.00 17.82 ? 144  ASN A OD1 1 
ATOM   1292 N ND2 . ASN A 1 165 ? -12.696 -3.903  10.713  1.00 13.29 ? 144  ASN A ND2 1 
ATOM   1293 N N   . GLY A 1 166 ? -8.155  -3.371  7.913   1.00 7.31  ? 145  GLY A N   1 
ATOM   1294 C CA  . GLY A 1 166 ? -6.725  -3.336  7.674   1.00 6.90  ? 145  GLY A CA  1 
ATOM   1295 C C   . GLY A 1 166 ? -6.211  -4.369  6.702   1.00 8.26  ? 145  GLY A C   1 
ATOM   1296 O O   . GLY A 1 166 ? -6.822  -5.429  6.505   1.00 6.48  ? 145  GLY A O   1 
ATOM   1297 N N   . MET A 1 167 ? -5.081  -4.066  6.078   1.00 7.40  ? 146  MET A N   1 
ATOM   1298 C CA  . MET A 1 167 ? -4.427  -5.042  5.214   1.00 7.82  ? 146  MET A CA  1 
ATOM   1299 C C   . MET A 1 167 ? -3.980  -6.276  6.007   1.00 9.22  ? 146  MET A C   1 
ATOM   1300 O O   . MET A 1 167 ? -3.482  -6.149  7.121   1.00 8.04  ? 146  MET A O   1 
ATOM   1301 C CB  . MET A 1 167 ? -3.226  -4.415  4.498   1.00 7.49  ? 146  MET A CB  1 
ATOM   1302 C CG  . MET A 1 167 ? -2.648  -5.301  3.441   1.00 8.27  ? 146  MET A CG  1 
ATOM   1303 S SD  . MET A 1 167 ? -3.858  -5.653  2.126   1.00 9.22  ? 146  MET A SD  1 
ATOM   1304 C CE  . MET A 1 167 ? -2.922  -6.868  1.184   1.00 8.87  ? 146  MET A CE  1 
ATOM   1305 N N   . ASN A 1 168 ? -4.156  -7.463  5.422   1.00 7.67  ? 147  ASN A N   1 
ATOM   1306 C CA  . ASN A 1 168 ? -3.704  -8.724  6.042   1.00 8.66  ? 147  ASN A CA  1 
ATOM   1307 C C   . ASN A 1 168 ? -3.349  -9.797  4.993   1.00 8.29  ? 147  ASN A C   1 
ATOM   1308 O O   . ASN A 1 168 ? -3.492  -9.573  3.783   1.00 6.91  ? 147  ASN A O   1 
ATOM   1309 C CB  . ASN A 1 168 ? -4.768  -9.238  7.038   1.00 11.87 ? 147  ASN A CB  1 
ATOM   1310 C CG  . ASN A 1 168 ? -6.136  -9.445  6.403   1.00 14.81 ? 147  ASN A CG  1 
ATOM   1311 O OD1 . ASN A 1 168 ? -6.249  -9.952  5.284   1.00 15.03 ? 147  ASN A OD1 1 
ATOM   1312 N ND2 . ASN A 1 168 ? -7.191  -9.067  7.127   1.00 17.69 ? 147  ASN A ND2 1 
ATOM   1313 N N   . LEU A 1 169 ? -2.889  -10.958 5.457   1.00 10.27 ? 148  LEU A N   1 
ATOM   1314 C CA  . LEU A 1 169 ? -2.440  -12.020 4.548   1.00 9.20  ? 148  LEU A CA  1 
ATOM   1315 C C   . LEU A 1 169 ? -3.575  -12.622 3.715   1.00 10.82 ? 148  LEU A C   1 
ATOM   1316 O O   . LEU A 1 169 ? -3.395  -12.878 2.523   1.00 9.15  ? 148  LEU A O   1 
ATOM   1317 C CB  . LEU A 1 169 ? -1.688  -13.104 5.333   1.00 9.72  ? 148  LEU A CB  1 
ATOM   1318 C CG  . LEU A 1 169 ? -0.332  -12.632 5.860   1.00 11.24 ? 148  LEU A CG  1 
ATOM   1319 C CD1 . LEU A 1 169 ? 0.229   -13.615 6.912   1.00 12.05 ? 148  LEU A CD1 1 
ATOM   1320 C CD2 . LEU A 1 169 ? 0.649   -12.421 4.721   1.00 12.72 ? 148  LEU A CD2 1 
ATOM   1321 N N   . GLN A 1 170 ? -4.746  -12.826 4.322   1.00 12.95 ? 149  GLN A N   1 
ATOM   1322 C CA  . GLN A 1 170 ? -5.907  -13.334 3.587   1.00 14.76 ? 149  GLN A CA  1 
ATOM   1323 C C   . GLN A 1 170 ? -6.329  -12.361 2.476   1.00 13.31 ? 149  GLN A C   1 
ATOM   1324 O O   . GLN A 1 170 ? -6.681  -12.793 1.374   1.00 12.79 ? 149  GLN A O   1 
ATOM   1325 C CB  . GLN A 1 170 ? -7.070  -13.615 4.542   1.00 14.89 ? 149  GLN A CB  1 
ATOM   1326 C CG  . GLN A 1 170 ? -8.358  -14.097 3.861   1.00 23.40 ? 149  GLN A CG  1 
ATOM   1327 C CD  . GLN A 1 170 ? -9.485  -14.401 4.840   1.00 33.02 ? 149  GLN A CD  1 
ATOM   1328 O OE1 . GLN A 1 170 ? -9.364  -14.180 6.045   1.00 43.16 ? 149  GLN A OE1 1 
ATOM   1329 N NE2 . GLN A 1 170 ? -10.596 -14.909 4.317   1.00 40.94 ? 149  GLN A NE2 1 
ATOM   1330 N N   . THR A 1 171 ? -6.296  -11.055 2.752   1.00 12.37 ? 150  THR A N   1 
ATOM   1331 C CA  . THR A 1 171 ? -6.651  -10.061 1.731   1.00 10.65 ? 150  THR A CA  1 
ATOM   1332 C C   . THR A 1 171 ? -5.633  -10.082 0.583   1.00 10.36 ? 150  THR A C   1 
ATOM   1333 O O   . THR A 1 171 ? -6.000  -9.978  -0.596  1.00 7.85  ? 150  THR A O   1 
ATOM   1334 C CB  . THR A 1 171 ? -6.786  -8.632  2.318   1.00 13.22 ? 150  THR A CB  1 
ATOM   1335 O OG1 . THR A 1 171 ? -7.787  -8.630  3.349   1.00 14.08 ? 150  THR A OG1 1 
ATOM   1336 C CG2 . THR A 1 171 ? -7.194  -7.639  1.227   1.00 11.69 ? 150  THR A CG2 1 
ATOM   1337 N N   . LEU A 1 172 ? -4.355  -10.229 0.929   1.00 9.33  ? 151  LEU A N   1 
ATOM   1338 C CA  . LEU A 1 172 ? -3.324  -10.352 -0.088  1.00 7.34  ? 151  LEU A CA  1 
ATOM   1339 C C   . LEU A 1 172 ? -3.562  -11.580 -0.974  1.00 7.13  ? 151  LEU A C   1 
ATOM   1340 O O   . LEU A 1 172 ? -3.539  -11.473 -2.192  1.00 7.16  ? 151  LEU A O   1 
ATOM   1341 C CB  . LEU A 1 172 ? -1.932  -10.409 0.537   1.00 8.84  ? 151  LEU A CB  1 
ATOM   1342 C CG  . LEU A 1 172 ? -0.803  -10.647 -0.468  1.00 9.50  ? 151  LEU A CG  1 
ATOM   1343 C CD1 . LEU A 1 172 ? -0.737  -9.493  -1.476  1.00 8.25  ? 151  LEU A CD1 1 
ATOM   1344 C CD2 . LEU A 1 172 ? 0.558   -10.829 0.228   1.00 8.94  ? 151  LEU A CD2 1 
ATOM   1345 N N   . SER A 1 173 ? -3.785  -12.739 -0.355  1.00 7.96  ? 152  SER A N   1 
ATOM   1346 C CA  . SER A 1 173 ? -4.053  -13.989 -1.100  1.00 10.61 ? 152  SER A CA  1 
ATOM   1347 C C   . SER A 1 173 ? -5.267  -13.880 -2.007  1.00 9.20  ? 152  SER A C   1 
ATOM   1348 O O   . SER A 1 173 ? -5.214  -14.219 -3.192  1.00 10.06 ? 152  SER A O   1 
ATOM   1349 C CB  . SER A 1 173 ? -4.289  -15.154 -0.124  1.00 11.66 ? 152  SER A CB  1 
ATOM   1350 O OG  . SER A 1 173 ? -3.074  -15.525 0.491   1.00 25.41 ? 152  SER A OG  1 
ATOM   1351 N N   . GLN A 1 174 ? -6.366  -13.411 -1.436  1.00 9.70  ? 153  GLN A N   1 
ATOM   1352 C CA  . GLN A 1 174 ? -7.593  -13.182 -2.197  1.00 12.23 ? 153  GLN A CA  1 
ATOM   1353 C C   . GLN A 1 174 ? -7.377  -12.202 -3.347  1.00 11.75 ? 153  GLN A C   1 
ATOM   1354 O O   . GLN A 1 174 ? -7.862  -12.430 -4.463  1.00 10.62 ? 153  GLN A O   1 
ATOM   1355 C CB  . GLN A 1 174 ? -8.706  -12.688 -1.269  1.00 14.91 ? 153  GLN A CB  1 
ATOM   1356 C CG  . GLN A 1 174 ? -9.233  -13.790 -0.366  1.00 24.29 ? 153  GLN A CG  1 
ATOM   1357 C CD  . GLN A 1 174 ? -10.160 -13.297 0.730   1.00 33.93 ? 153  GLN A CD  1 
ATOM   1358 O OE1 . GLN A 1 174 ? -10.581 -14.081 1.581   1.00 38.89 ? 153  GLN A OE1 1 
ATOM   1359 N NE2 . GLN A 1 174 ? -10.476 -12.001 0.724   1.00 35.63 ? 153  GLN A NE2 1 
ATOM   1360 N N   . GLY A 1 175 ? -6.648  -11.121 -3.072  1.00 11.26 ? 154  GLY A N   1 
ATOM   1361 C CA  . GLY A 1 175 ? -6.362  -10.099 -4.075  1.00 9.91  ? 154  GLY A CA  1 
ATOM   1362 C C   . GLY A 1 175 ? -5.575  -10.668 -5.241  1.00 10.54 ? 154  GLY A C   1 
ATOM   1363 O O   . GLY A 1 175 ? -5.911  -10.449 -6.399  1.00 9.30  ? 154  GLY A O   1 
ATOM   1364 N N   . LEU A 1 176 ? -4.523  -11.416 -4.936  1.00 9.02  ? 155  LEU A N   1 
ATOM   1365 C CA  . LEU A 1 176 ? -3.680  -11.994 -5.983  1.00 8.15  ? 155  LEU A CA  1 
ATOM   1366 C C   . LEU A 1 176 ? -4.434  -12.971 -6.875  1.00 7.76  ? 155  LEU A C   1 
ATOM   1367 O O   . LEU A 1 176 ? -4.218  -13.005 -8.089  1.00 10.97 ? 155  LEU A O   1 
ATOM   1368 C CB  . LEU A 1 176 ? -2.449  -12.672 -5.371  1.00 9.42  ? 155  LEU A CB  1 
ATOM   1369 C CG  . LEU A 1 176 ? -1.419  -11.704 -4.773  1.00 9.55  ? 155  LEU A CG  1 
ATOM   1370 C CD1 . LEU A 1 176 ? -0.249  -12.481 -4.173  1.00 10.25 ? 155  LEU A CD1 1 
ATOM   1371 C CD2 . LEU A 1 176 ? -0.939  -10.682 -5.812  1.00 11.95 ? 155  LEU A CD2 1 
ATOM   1372 N N   . GLU A 1 177 ? -5.316  -13.761 -6.276  1.00 9.70  ? 156  GLU A N   1 
ATOM   1373 C CA  . GLU A 1 177 ? -6.122  -14.709 -7.035  1.00 12.23 ? 156  GLU A CA  1 
ATOM   1374 C C   . GLU A 1 177 ? -7.136  -13.975 -7.913  1.00 12.55 ? 156  GLU A C   1 
ATOM   1375 O O   . GLU A 1 177 ? -7.341  -14.337 -9.076  1.00 12.21 ? 156  GLU A O   1 
ATOM   1376 C CB  . GLU A 1 177 ? -6.824  -15.678 -6.083  1.00 14.18 ? 156  GLU A CB  1 
ATOM   1377 C CG  . GLU A 1 177 ? -7.559  -16.814 -6.769  1.00 26.23 ? 156  GLU A CG  1 
ATOM   1378 C CD  . GLU A 1 177 ? -6.649  -17.716 -7.604  1.00 37.74 ? 156  GLU A CD  1 
ATOM   1379 O OE1 . GLU A 1 177 ? -5.443  -17.840 -7.278  1.00 44.14 ? 156  GLU A OE1 1 
ATOM   1380 O OE2 . GLU A 1 177 ? -7.143  -18.305 -8.590  1.00 44.75 ? 156  GLU A OE2 1 
ATOM   1381 N N   . THR A 1 178 ? -7.757  -12.935 -7.361  1.00 11.63 ? 157  THR A N   1 
ATOM   1382 C CA  . THR A 1 178 ? -8.672  -12.076 -8.122  1.00 11.18 ? 157  THR A CA  1 
ATOM   1383 C C   . THR A 1 178 ? -7.971  -11.485 -9.340  1.00 11.29 ? 157  THR A C   1 
ATOM   1384 O O   . THR A 1 178 ? -8.522  -11.507 -10.439 1.00 11.60 ? 157  THR A O   1 
ATOM   1385 C CB  . THR A 1 178 ? -9.262  -10.937 -7.236  1.00 10.91 ? 157  THR A CB  1 
ATOM   1386 O OG1 . THR A 1 178 ? -10.129 -11.506 -6.253  1.00 9.99  ? 157  THR A OG1 1 
ATOM   1387 C CG2 . THR A 1 178 ? -10.035 -9.899  -8.075  1.00 13.40 ? 157  THR A CG2 1 
ATOM   1388 N N   . PHE A 1 179 ? -6.756  -10.971 -9.139  1.00 9.05  ? 158  PHE A N   1 
ATOM   1389 C CA  . PHE A 1 179 ? -5.945  -10.427 -10.229 1.00 9.90  ? 158  PHE A CA  1 
ATOM   1390 C C   . PHE A 1 179 ? -5.639  -11.495 -11.284 1.00 12.86 ? 158  PHE A C   1 
ATOM   1391 O O   . PHE A 1 179 ? -5.817  -11.265 -12.478 1.00 12.55 ? 158  PHE A O   1 
ATOM   1392 C CB  . PHE A 1 179 ? -4.627  -9.822  -9.689  1.00 9.06  ? 158  PHE A CB  1 
ATOM   1393 C CG  . PHE A 1 179 ? -3.775  -9.181  -10.754 1.00 9.43  ? 158  PHE A CG  1 
ATOM   1394 C CD1 . PHE A 1 179 ? -3.880  -7.828  -11.027 1.00 10.48 ? 158  PHE A CD1 1 
ATOM   1395 C CD2 . PHE A 1 179 ? -2.874  -9.943  -11.494 1.00 10.01 ? 158  PHE A CD2 1 
ATOM   1396 C CE1 . PHE A 1 179 ? -3.113  -7.240  -12.021 1.00 14.50 ? 158  PHE A CE1 1 
ATOM   1397 C CE2 . PHE A 1 179 ? -2.098  -9.373  -12.485 1.00 9.85  ? 158  PHE A CE2 1 
ATOM   1398 C CZ  . PHE A 1 179 ? -2.216  -8.017  -12.762 1.00 15.49 ? 158  PHE A CZ  1 
ATOM   1399 N N   . ALA A 1 180 ? -5.187  -12.664 -10.838 1.00 13.56 ? 159  ALA A N   1 
ATOM   1400 C CA  . ALA A 1 180 ? -4.855  -13.763 -11.750 1.00 16.51 ? 159  ALA A CA  1 
ATOM   1401 C C   . ALA A 1 180 ? -6.065  -14.200 -12.598 1.00 21.23 ? 159  ALA A C   1 
ATOM   1402 O O   . ALA A 1 180 ? -5.944  -14.408 -13.806 1.00 21.51 ? 159  ALA A O   1 
ATOM   1403 C CB  . ALA A 1 180 ? -4.299  -14.939 -10.966 1.00 16.03 ? 159  ALA A CB  1 
ATOM   1404 N N   . LYS A 1 181 ? -7.233  -14.311 -11.975 1.00 24.31 ? 160  LYS A N   1 
ATOM   1405 C CA  . LYS A 1 181 ? -8.458  -14.651 -12.717 1.00 29.49 ? 160  LYS A CA  1 
ATOM   1406 C C   . LYS A 1 181 ? -8.913  -13.551 -13.692 1.00 31.82 ? 160  LYS A C   1 
ATOM   1407 O O   . LYS A 1 181 ? -9.546  -13.842 -14.710 1.00 31.48 ? 160  LYS A O   1 
ATOM   1408 C CB  . LYS A 1 181 ? -9.598  -14.949 -11.746 1.00 30.79 ? 160  LYS A CB  1 
ATOM   1409 C CG  . LYS A 1 181 ? -9.433  -16.241 -10.967 1.00 36.10 ? 160  LYS A CG  1 
ATOM   1410 C CD  . LYS A 1 181 ? -10.580 -16.422 -9.980  1.00 43.14 ? 160  LYS A CD  1 
ATOM   1411 C CE  . LYS A 1 181 ? -10.403 -17.674 -9.126  1.00 45.32 ? 160  LYS A CE  1 
ATOM   1412 N NZ  . LYS A 1 181 ? -11.226 -17.641 -7.884  1.00 47.68 ? 160  LYS A NZ  1 
ATOM   1413 N N   . ALA A 1 182 ? -8.587  -12.298 -13.380 1.00 34.16 ? 161  ALA A N   1 
ATOM   1414 C CA  . ALA A 1 182 ? -9.094  -11.148 -14.135 1.00 36.86 ? 161  ALA A CA  1 
ATOM   1415 C C   . ALA A 1 182 ? -8.380  -10.903 -15.460 1.00 39.18 ? 161  ALA A C   1 
ATOM   1416 O O   . ALA A 1 182 ? -8.766  -10.007 -16.207 1.00 42.22 ? 161  ALA A O   1 
ATOM   1417 C CB  . ALA A 1 182 ? -9.033  -9.886  -13.278 1.00 36.88 ? 161  ALA A CB  1 
ATOM   1418 N N   . GLN A 1 183 ? -7.348  -11.683 -15.759 1.00 40.49 ? 162  GLN A N   1 
ATOM   1419 C CA  . GLN A 1 183 ? -6.583  -11.485 -16.981 1.00 42.34 ? 162  GLN A CA  1 
ATOM   1420 C C   . GLN A 1 183 ? -7.284  -12.115 -18.187 1.00 43.63 ? 162  GLN A C   1 
ATOM   1421 O O   . GLN A 1 183 ? -6.749  -13.022 -18.828 1.00 46.34 ? 162  GLN A O   1 
ATOM   1422 C CB  . GLN A 1 183 ? -5.178  -12.055 -16.809 1.00 41.77 ? 162  GLN A CB  1 
ATOM   1423 C CG  . GLN A 1 183 ? -4.386  -11.357 -15.716 1.00 42.41 ? 162  GLN A CG  1 
ATOM   1424 C CD  . GLN A 1 183 ? -3.039  -11.987 -15.497 1.00 43.66 ? 162  GLN A CD  1 
ATOM   1425 O OE1 . GLN A 1 183 ? -2.930  -13.203 -15.338 1.00 42.94 ? 162  GLN A OE1 1 
ATOM   1426 N NE2 . GLN A 1 183 ? -1.998  -11.166 -15.487 1.00 44.30 ? 162  GLN A NE2 1 
HETATM 1427 C C1  . EDO B 2 .   ? 10.149  7.801   24.421  1.00 37.51 ? 1163 EDO A C1  1 
HETATM 1428 O O1  . EDO B 2 .   ? 8.779   7.405   24.210  1.00 42.41 ? 1163 EDO A O1  1 
HETATM 1429 C C2  . EDO B 2 .   ? 10.393  8.013   25.916  1.00 46.43 ? 1163 EDO A C2  1 
HETATM 1430 O O2  . EDO B 2 .   ? 10.804  9.373   26.132  1.00 54.95 ? 1163 EDO A O2  1 
HETATM 1431 O O   . HOH C 3 .   ? 3.632   -17.035 -20.006 1.00 26.32 ? 2001 HOH A O   1 
HETATM 1432 O O   . HOH C 3 .   ? -7.800  12.229  4.373   1.00 19.20 ? 2002 HOH A O   1 
HETATM 1433 O O   . HOH C 3 .   ? 11.368  -9.590  -12.577 1.00 37.53 ? 2003 HOH A O   1 
HETATM 1434 O O   . HOH C 3 .   ? 8.797   -25.424 -20.514 1.00 16.33 ? 2004 HOH A O   1 
HETATM 1435 O O   . HOH C 3 .   ? -7.757  8.817   3.410   1.00 41.17 ? 2005 HOH A O   1 
HETATM 1436 O O   . HOH C 3 .   ? -5.258  -15.020 12.518  1.00 25.36 ? 2006 HOH A O   1 
HETATM 1437 O O   . HOH C 3 .   ? 10.489  -20.518 -23.053 1.00 22.31 ? 2007 HOH A O   1 
HETATM 1438 O O   . HOH C 3 .   ? 16.787  -19.756 -21.225 1.00 29.36 ? 2008 HOH A O   1 
HETATM 1439 O O   . HOH C 3 .   ? 8.143   -4.000  -14.523 1.00 35.91 ? 2009 HOH A O   1 
HETATM 1440 O O   . HOH C 3 .   ? 9.998   -29.178 -14.588 1.00 25.52 ? 2010 HOH A O   1 
HETATM 1441 O O   . HOH C 3 .   ? 11.087  -28.853 -18.409 1.00 24.36 ? 2011 HOH A O   1 
HETATM 1442 O O   . HOH C 3 .   ? 2.638   -11.511 -19.621 1.00 27.97 ? 2012 HOH A O   1 
HETATM 1443 O O   . HOH C 3 .   ? -1.117  -13.326 -18.895 1.00 31.49 ? 2013 HOH A O   1 
HETATM 1444 O O   . HOH C 3 .   ? 0.931   -15.898 -5.870  1.00 30.73 ? 2014 HOH A O   1 
HETATM 1445 O O   . HOH C 3 .   ? 4.311   -27.411 -19.852 1.00 45.17 ? 2015 HOH A O   1 
HETATM 1446 O O   . HOH C 3 .   ? 3.824   -21.811 -21.148 1.00 57.32 ? 2016 HOH A O   1 
HETATM 1447 O O   . HOH C 3 .   ? 0.042   -17.275 -16.657 1.00 11.88 ? 2017 HOH A O   1 
HETATM 1448 O O   . HOH C 3 .   ? 0.841   -17.159 -19.359 1.00 27.15 ? 2018 HOH A O   1 
HETATM 1449 O O   . HOH C 3 .   ? 9.804   -30.716 -20.942 1.00 43.27 ? 2019 HOH A O   1 
HETATM 1450 O O   . HOH C 3 .   ? -0.418  -19.190 -20.990 1.00 40.01 ? 2020 HOH A O   1 
HETATM 1451 O O   . HOH C 3 .   ? 0.098   -14.890 -20.608 1.00 28.93 ? 2021 HOH A O   1 
HETATM 1452 O O   . HOH C 3 .   ? 2.321   -16.442 -9.619  1.00 23.24 ? 2022 HOH A O   1 
HETATM 1453 O O   . HOH C 3 .   ? 4.793   -16.373 -8.468  1.00 22.09 ? 2023 HOH A O   1 
HETATM 1454 O O   . HOH C 3 .   ? -0.536  18.944  13.597  1.00 20.20 ? 2024 HOH A O   1 
HETATM 1455 O O   . HOH C 3 .   ? 5.878   -10.829 -12.355 1.00 29.60 ? 2025 HOH A O   1 
HETATM 1456 O O   . HOH C 3 .   ? 0.660   -10.571 -17.446 1.00 38.14 ? 2026 HOH A O   1 
HETATM 1457 O O   . HOH C 3 .   ? -0.463  -15.252 -8.381  1.00 26.62 ? 2027 HOH A O   1 
HETATM 1458 O O   . HOH C 3 .   ? 1.176   -22.940 -14.813 1.00 26.72 ? 2028 HOH A O   1 
HETATM 1459 O O   . HOH C 3 .   ? -1.740  -18.865 -16.025 1.00 32.52 ? 2029 HOH A O   1 
HETATM 1460 O O   . HOH C 3 .   ? -1.549  -12.865 -8.949  1.00 10.04 ? 2030 HOH A O   1 
HETATM 1461 O O   . HOH C 3 .   ? 2.980   -21.934 -13.249 1.00 21.49 ? 2031 HOH A O   1 
HETATM 1462 O O   . HOH C 3 .   ? 1.275   -18.884 -9.878  1.00 31.30 ? 2032 HOH A O   1 
HETATM 1463 O O   . HOH C 3 .   ? 14.547  5.449   15.214  0.50 28.61 ? 2033 HOH A O   1 
HETATM 1464 O O   . HOH C 3 .   ? 15.330  -1.529  26.547  1.00 40.61 ? 2034 HOH A O   1 
HETATM 1465 O O   . HOH C 3 .   ? 0.621   -8.040  -14.760 1.00 21.54 ? 2035 HOH A O   1 
HETATM 1466 O O   . HOH C 3 .   ? 5.457   -8.794  -10.837 1.00 19.31 ? 2036 HOH A O   1 
HETATM 1467 O O   . HOH C 3 .   ? -7.353  -16.981 -0.601  1.00 43.58 ? 2037 HOH A O   1 
HETATM 1468 O O   . HOH C 3 .   ? 3.665   -10.450 -17.993 1.00 30.55 ? 2038 HOH A O   1 
HETATM 1469 O O   . HOH C 3 .   ? 4.007   -10.468 -13.680 1.00 37.62 ? 2039 HOH A O   1 
HETATM 1470 O O   . HOH C 3 .   ? 7.185   -4.511  -12.105 1.00 29.24 ? 2040 HOH A O   1 
HETATM 1471 O O   . HOH C 3 .   ? 1.957   -10.051 -15.244 1.00 39.59 ? 2041 HOH A O   1 
HETATM 1472 O O   . HOH C 3 .   ? 1.902   -6.165  15.986  1.00 25.98 ? 2042 HOH A O   1 
HETATM 1473 O O   . HOH C 3 .   ? 6.598   -2.859  12.214  1.00 25.95 ? 2043 HOH A O   1 
HETATM 1474 O O   . HOH C 3 .   ? 5.872   -9.541  11.375  1.00 19.09 ? 2044 HOH A O   1 
HETATM 1475 O O   . HOH C 3 .   ? -2.794  -13.986 14.207  1.00 17.77 ? 2045 HOH A O   1 
HETATM 1476 O O   . HOH C 3 .   ? 8.861   -4.564  7.757   1.00 26.71 ? 2046 HOH A O   1 
HETATM 1477 O O   . HOH C 3 .   ? 3.216   -15.357 3.968   1.00 33.66 ? 2047 HOH A O   1 
HETATM 1478 O O   . HOH C 3 .   ? -7.911  5.155   3.736   1.00 28.49 ? 2048 HOH A O   1 
HETATM 1479 O O   . HOH C 3 .   ? -8.733  5.573   1.605   1.00 13.72 ? 2049 HOH A O   1 
HETATM 1480 O O   . HOH C 3 .   ? -6.094  8.296   0.911   1.00 13.92 ? 2050 HOH A O   1 
HETATM 1481 O O   . HOH C 3 .   ? -0.907  -15.950 -3.232  1.00 39.07 ? 2051 HOH A O   1 
HETATM 1482 O O   . HOH C 3 .   ? 14.285  -9.320  -5.641  1.00 20.29 ? 2052 HOH A O   1 
HETATM 1483 O O   . HOH C 3 .   ? -4.702  11.526  7.345   1.00 4.96  ? 2053 HOH A O   1 
HETATM 1484 O O   . HOH C 3 .   ? -5.922  9.724   4.195   1.00 15.97 ? 2054 HOH A O   1 
HETATM 1485 O O   . HOH C 3 .   ? 9.479   -11.364 -10.548 1.00 32.26 ? 2055 HOH A O   1 
HETATM 1486 O O   . HOH C 3 .   ? -9.455  -0.790  7.333   1.00 11.77 ? 2056 HOH A O   1 
HETATM 1487 O O   . HOH C 3 .   ? -7.260  2.903   3.147   1.00 21.77 ? 2057 HOH A O   1 
HETATM 1488 O O   . HOH C 3 .   ? -3.119  20.509  1.937   1.00 35.82 ? 2058 HOH A O   1 
HETATM 1489 O O   . HOH C 3 .   ? -6.439  3.259   16.124  1.00 18.20 ? 2059 HOH A O   1 
HETATM 1490 O O   . HOH C 3 .   ? 11.960  10.915  8.784   1.00 44.24 ? 2060 HOH A O   1 
HETATM 1491 O O   . HOH C 3 .   ? -8.320  6.659   5.151   1.00 33.40 ? 2061 HOH A O   1 
HETATM 1492 O O   . HOH C 3 .   ? 12.924  8.967   10.577  1.00 49.92 ? 2062 HOH A O   1 
HETATM 1493 O O   . HOH C 3 .   ? -1.974  14.744  12.895  1.00 6.81  ? 2063 HOH A O   1 
HETATM 1494 O O   . HOH C 3 .   ? -7.605  12.416  7.075   1.00 15.43 ? 2064 HOH A O   1 
HETATM 1495 O O   . HOH C 3 .   ? -7.478  15.946  5.376   1.00 8.25  ? 2065 HOH A O   1 
HETATM 1496 O O   . HOH C 3 .   ? -3.498  17.834  10.658  1.00 11.61 ? 2066 HOH A O   1 
HETATM 1497 O O   . HOH C 3 .   ? -4.060  17.006  14.162  1.00 21.30 ? 2067 HOH A O   1 
HETATM 1498 O O   . HOH C 3 .   ? 3.606   16.499  -5.693  1.00 31.46 ? 2068 HOH A O   1 
HETATM 1499 O O   . HOH C 3 .   ? 2.627   18.432  -1.918  1.00 36.25 ? 2069 HOH A O   1 
HETATM 1500 O O   . HOH C 3 .   ? -1.777  17.931  15.497  1.00 19.92 ? 2070 HOH A O   1 
HETATM 1501 O O   . HOH C 3 .   ? 1.498   19.648  17.330  1.00 30.06 ? 2071 HOH A O   1 
HETATM 1502 O O   . HOH C 3 .   ? 0.035   19.256  -1.281  1.00 32.07 ? 2072 HOH A O   1 
HETATM 1503 O O   . HOH C 3 .   ? 1.812   18.664  14.230  1.00 34.51 ? 2073 HOH A O   1 
HETATM 1504 O O   . HOH C 3 .   ? 5.971   16.701  12.215  1.00 27.22 ? 2074 HOH A O   1 
HETATM 1505 O O   . HOH C 3 .   ? 7.661   12.331  18.842  0.50 2.00  ? 2075 HOH A O   1 
HETATM 1506 O O   . HOH C 3 .   ? 3.747   12.831  -14.084 1.00 20.34 ? 2076 HOH A O   1 
HETATM 1507 O O   . HOH C 3 .   ? 1.695   18.067  -5.286  1.00 35.49 ? 2077 HOH A O   1 
HETATM 1508 O O   . HOH C 3 .   ? -4.837  3.520   -19.875 1.00 20.97 ? 2078 HOH A O   1 
HETATM 1509 O O   . HOH C 3 .   ? -0.434  2.080   -20.715 1.00 24.78 ? 2079 HOH A O   1 
HETATM 1510 O O   . HOH C 3 .   ? 3.756   5.971   -19.059 1.00 26.21 ? 2080 HOH A O   1 
HETATM 1511 O O   . HOH C 3 .   ? 14.768  4.771   18.403  1.00 11.81 ? 2081 HOH A O   1 
HETATM 1512 O O   . HOH C 3 .   ? 16.426  1.157   15.128  1.00 24.90 ? 2082 HOH A O   1 
HETATM 1513 O O   . HOH C 3 .   ? 9.692   -1.157  -12.166 1.00 36.36 ? 2083 HOH A O   1 
HETATM 1514 O O   . HOH C 3 .   ? 14.785  2.453   19.645  1.00 20.35 ? 2084 HOH A O   1 
HETATM 1515 O O   . HOH C 3 .   ? -5.876  -4.940  -20.949 1.00 45.06 ? 2085 HOH A O   1 
HETATM 1516 O O   . HOH C 3 .   ? 12.429  5.930   24.945  1.00 16.30 ? 2086 HOH A O   1 
HETATM 1517 O O   . HOH C 3 .   ? 14.231  -1.663  20.737  1.00 35.34 ? 2087 HOH A O   1 
HETATM 1518 O O   . HOH C 3 .   ? 15.960  -1.122  24.283  1.00 24.18 ? 2088 HOH A O   1 
HETATM 1519 O O   . HOH C 3 .   ? 14.006  5.499   27.998  1.00 28.36 ? 2089 HOH A O   1 
HETATM 1520 O O   . HOH C 3 .   ? 12.912  0.532   27.112  1.00 23.19 ? 2090 HOH A O   1 
HETATM 1521 O O   . HOH C 3 .   ? -19.851 4.126   -1.298  1.00 23.82 ? 2091 HOH A O   1 
HETATM 1522 O O   . HOH C 3 .   ? -16.315 -1.843  -5.102  1.00 24.19 ? 2092 HOH A O   1 
HETATM 1523 O O   . HOH C 3 .   ? -19.053 5.445   -5.488  1.00 21.18 ? 2093 HOH A O   1 
HETATM 1524 O O   . HOH C 3 .   ? 6.622   -2.493  19.734  1.00 42.08 ? 2094 HOH A O   1 
HETATM 1525 O O   . HOH C 3 .   ? -15.519 0.441   -15.810 1.00 15.23 ? 2095 HOH A O   1 
HETATM 1526 O O   . HOH C 3 .   ? -13.872 1.579   -19.963 1.00 38.70 ? 2096 HOH A O   1 
HETATM 1527 O O   . HOH C 3 .   ? 6.501   11.350  23.088  1.00 26.04 ? 2097 HOH A O   1 
HETATM 1528 O O   . HOH C 3 .   ? -12.222 -8.003  -5.069  1.00 32.29 ? 2098 HOH A O   1 
HETATM 1529 O O   . HOH C 3 .   ? -15.129 -4.353  -3.973  1.00 32.66 ? 2099 HOH A O   1 
HETATM 1530 O O   . HOH C 3 .   ? 7.330   15.277  22.972  1.00 32.83 ? 2100 HOH A O   1 
HETATM 1531 O O   . HOH C 3 .   ? 5.223   12.912  25.516  1.00 29.18 ? 2101 HOH A O   1 
HETATM 1532 O O   . HOH C 3 .   ? 1.225   18.356  24.428  1.00 32.21 ? 2102 HOH A O   1 
HETATM 1533 O O   . HOH C 3 .   ? -10.317 -9.271  9.670   1.00 39.65 ? 2103 HOH A O   1 
HETATM 1534 O O   . HOH C 3 .   ? -9.574  -3.451  15.573  1.00 31.38 ? 2104 HOH A O   1 
HETATM 1535 O O   . HOH C 3 .   ? 1.185   14.087  26.515  1.00 31.49 ? 2105 HOH A O   1 
HETATM 1536 O O   . HOH C 3 .   ? -1.086  15.354  25.851  1.00 26.38 ? 2106 HOH A O   1 
HETATM 1537 O O   . HOH C 3 .   ? 0.672   -15.806 3.175   1.00 28.32 ? 2107 HOH A O   1 
HETATM 1538 O O   . HOH C 3 .   ? 3.259   6.677   26.409  1.00 29.00 ? 2108 HOH A O   1 
HETATM 1539 O O   . HOH C 3 .   ? -9.113  -16.481 -3.140  1.00 36.49 ? 2109 HOH A O   1 
HETATM 1540 O O   . HOH C 3 .   ? -2.742  11.860  23.467  1.00 12.16 ? 2110 HOH A O   1 
HETATM 1541 O O   . HOH C 3 .   ? -1.821  12.088  20.740  1.00 15.76 ? 2111 HOH A O   1 
HETATM 1542 O O   . HOH C 3 .   ? -4.604  6.497   17.750  1.00 42.77 ? 2112 HOH A O   1 
HETATM 1543 O O   . HOH C 3 .   ? -4.959  7.898   22.181  1.00 29.74 ? 2113 HOH A O   1 
HETATM 1544 O O   . HOH C 3 .   ? -2.884  4.814   17.158  1.00 35.92 ? 2114 HOH A O   1 
HETATM 1545 O O   . HOH C 3 .   ? -1.355  4.671   23.129  1.00 23.74 ? 2115 HOH A O   1 
HETATM 1546 O O   . HOH C 3 .   ? 3.034   1.011   24.689  1.00 15.84 ? 2116 HOH A O   1 
HETATM 1547 O O   . HOH C 3 .   ? -2.352  4.668   20.419  1.00 29.55 ? 2117 HOH A O   1 
HETATM 1548 O O   . HOH C 3 .   ? 5.083   0.819   17.041  1.00 14.05 ? 2118 HOH A O   1 
HETATM 1549 O O   . HOH C 3 .   ? 3.957   1.139   18.648  1.00 41.77 ? 2119 HOH A O   1 
HETATM 1550 O O   . HOH C 3 .   ? -1.725  2.498   15.869  1.00 15.85 ? 2120 HOH A O   1 
HETATM 1551 O O   . HOH C 3 .   ? 4.350   -1.401  18.696  1.00 30.45 ? 2121 HOH A O   1 
HETATM 1552 O O   . HOH C 3 .   ? -2.830  0.191   17.213  1.00 18.46 ? 2122 HOH A O   1 
HETATM 1553 O O   . HOH C 3 .   ? 3.542   -1.630  21.411  1.00 31.20 ? 2123 HOH A O   1 
HETATM 1554 O O   . HOH C 3 .   ? -2.065  1.008   20.957  1.00 27.48 ? 2124 HOH A O   1 
HETATM 1555 O O   . HOH C 3 .   ? 2.221   -3.747  15.137  1.00 50.49 ? 2125 HOH A O   1 
HETATM 1556 O O   . HOH C 3 .   ? -0.101  -4.041  15.180  1.00 42.52 ? 2126 HOH A O   1 
HETATM 1557 O O   . HOH C 3 .   ? 3.736   -1.996  14.090  1.00 24.11 ? 2127 HOH A O   1 
HETATM 1558 O O   . HOH C 3 .   ? -9.138  -0.297  11.729  1.00 16.00 ? 2128 HOH A O   1 
HETATM 1559 O O   . HOH C 3 .   ? -10.722 -0.152  9.770   1.00 35.86 ? 2129 HOH A O   1 
HETATM 1560 O O   . HOH C 3 .   ? 3.548   -6.732  13.409  1.00 15.12 ? 2130 HOH A O   1 
HETATM 1561 O O   . HOH C 3 .   ? 3.461   -9.279  10.138  1.00 8.19  ? 2131 HOH A O   1 
HETATM 1562 O O   . HOH C 3 .   ? -4.920  -12.946 7.202   1.00 12.17 ? 2132 HOH A O   1 
HETATM 1563 O O   . HOH C 3 .   ? -3.078  -7.297  10.200  1.00 11.61 ? 2133 HOH A O   1 
HETATM 1564 O O   . HOH C 3 .   ? -2.939  -11.870 12.704  1.00 19.34 ? 2134 HOH A O   1 
HETATM 1565 O O   . HOH C 3 .   ? 8.265   -6.462  6.092   1.00 20.63 ? 2135 HOH A O   1 
HETATM 1566 O O   . HOH C 3 .   ? 7.419   -10.283 8.606   1.00 28.87 ? 2136 HOH A O   1 
HETATM 1567 O O   . HOH C 3 .   ? 2.054   -11.574 10.358  1.00 19.02 ? 2137 HOH A O   1 
HETATM 1568 O O   . HOH C 3 .   ? 5.619   -12.925 4.429   1.00 20.54 ? 2138 HOH A O   1 
HETATM 1569 O O   . HOH C 3 .   ? -0.083  -14.718 -0.923  1.00 18.77 ? 2139 HOH A O   1 
HETATM 1570 O O   . HOH C 3 .   ? 6.920   -18.439 -2.946  1.00 30.06 ? 2140 HOH A O   1 
HETATM 1571 O O   . HOH C 3 .   ? 12.591  -7.380  0.316   1.00 35.55 ? 2141 HOH A O   1 
HETATM 1572 O O   . HOH C 3 .   ? 12.705  -9.314  -3.272  1.00 28.68 ? 2142 HOH A O   1 
HETATM 1573 O O   . HOH C 3 .   ? 9.881   -5.996  4.128   1.00 23.83 ? 2143 HOH A O   1 
HETATM 1574 O O   . HOH C 3 .   ? 11.580  -8.560  -4.791  1.00 23.37 ? 2144 HOH A O   1 
HETATM 1575 O O   . HOH C 3 .   ? 9.073   -4.131  3.746   1.00 29.68 ? 2145 HOH A O   1 
HETATM 1576 O O   . HOH C 3 .   ? 7.578   -14.137 2.539   1.00 21.76 ? 2146 HOH A O   1 
HETATM 1577 O O   . HOH C 3 .   ? 6.708   -15.914 0.909   1.00 32.75 ? 2147 HOH A O   1 
HETATM 1578 O O   . HOH C 3 .   ? 10.776  -11.091 1.203   1.00 17.27 ? 2148 HOH A O   1 
HETATM 1579 O O   . HOH C 3 .   ? 11.367  -15.603 -2.696  1.00 10.13 ? 2149 HOH A O   1 
HETATM 1580 O O   . HOH C 3 .   ? 7.248   -11.494 -10.218 1.00 22.72 ? 2150 HOH A O   1 
HETATM 1581 O O   . HOH C 3 .   ? 7.436   -7.265  -11.274 1.00 27.49 ? 2151 HOH A O   1 
HETATM 1582 O O   . HOH C 3 .   ? 9.694   -6.412  -5.041  1.00 20.80 ? 2152 HOH A O   1 
HETATM 1583 O O   . HOH C 3 .   ? -4.014  7.647   3.523   1.00 10.24 ? 2153 HOH A O   1 
HETATM 1584 O O   . HOH C 3 .   ? -7.204  14.654  2.973   1.00 9.41  ? 2154 HOH A O   1 
HETATM 1585 O O   . HOH C 3 .   ? -10.162 10.469  -5.223  1.00 6.54  ? 2155 HOH A O   1 
HETATM 1586 O O   . HOH C 3 .   ? -2.523  18.554  8.285   1.00 13.38 ? 2156 HOH A O   1 
HETATM 1587 O O   . HOH C 3 .   ? -0.551  19.452  3.640   1.00 19.59 ? 2157 HOH A O   1 
HETATM 1588 O O   . HOH C 3 .   ? 3.076   18.415  8.299   1.00 39.04 ? 2158 HOH A O   1 
HETATM 1589 O O   . HOH C 3 .   ? 0.181   19.020  8.350   1.00 36.12 ? 2159 HOH A O   1 
HETATM 1590 O O   . HOH C 3 .   ? -1.006  17.195  11.871  1.00 12.39 ? 2160 HOH A O   1 
HETATM 1591 O O   . HOH C 3 .   ? 8.997   13.381  6.934   1.00 19.41 ? 2161 HOH A O   1 
HETATM 1592 O O   . HOH C 3 .   ? 3.015   17.988  5.908   1.00 12.49 ? 2162 HOH A O   1 
HETATM 1593 O O   . HOH C 3 .   ? 10.763  11.433  6.298   1.00 30.76 ? 2163 HOH A O   1 
HETATM 1594 O O   . HOH C 3 .   ? 5.709   12.192  -0.594  1.00 27.11 ? 2164 HOH A O   1 
HETATM 1595 O O   . HOH C 3 .   ? 7.331   10.540  -0.026  1.00 35.93 ? 2165 HOH A O   1 
HETATM 1596 O O   . HOH C 3 .   ? 6.914   14.198  11.237  1.00 24.57 ? 2166 HOH A O   1 
HETATM 1597 O O   . HOH C 3 .   ? 12.783  10.476  12.332  1.00 23.34 ? 2167 HOH A O   1 
HETATM 1598 O O   . HOH C 3 .   ? 12.987  2.377   12.570  1.00 33.15 ? 2168 HOH A O   1 
HETATM 1599 O O   . HOH C 3 .   ? 9.254   0.035   13.581  1.00 31.98 ? 2169 HOH A O   1 
HETATM 1600 O O   . HOH C 3 .   ? 7.711   -2.934  9.512   1.00 24.97 ? 2170 HOH A O   1 
HETATM 1601 O O   . HOH C 3 .   ? 13.033  1.383   4.420   1.00 33.47 ? 2171 HOH A O   1 
HETATM 1602 O O   . HOH C 3 .   ? 12.585  3.222   5.745   1.00 30.32 ? 2172 HOH A O   1 
HETATM 1603 O O   . HOH C 3 .   ? 14.223  -0.182  -2.632  1.00 31.54 ? 2173 HOH A O   1 
HETATM 1604 O O   . HOH C 3 .   ? 9.139   -1.792  -4.248  1.00 19.29 ? 2174 HOH A O   1 
HETATM 1605 O O   . HOH C 3 .   ? 9.531   8.186   -7.582  1.00 25.21 ? 2175 HOH A O   1 
HETATM 1606 O O   . HOH C 3 .   ? 8.744   9.846   -3.778  1.00 47.67 ? 2176 HOH A O   1 
HETATM 1607 O O   . HOH C 3 .   ? 3.825   13.870  -7.587  1.00 24.10 ? 2177 HOH A O   1 
HETATM 1608 O O   . HOH C 3 .   ? 4.745   12.944  -9.824  1.00 29.47 ? 2178 HOH A O   1 
HETATM 1609 O O   . HOH C 3 .   ? 3.803   15.302  -1.332  1.00 20.25 ? 2179 HOH A O   1 
HETATM 1610 O O   . HOH C 3 .   ? 4.189   12.408  -3.044  1.00 9.85  ? 2180 HOH A O   1 
HETATM 1611 O O   . HOH C 3 .   ? -3.777  17.412  -6.021  1.00 26.94 ? 2181 HOH A O   1 
HETATM 1612 O O   . HOH C 3 .   ? -2.600  18.921  -2.590  1.00 12.14 ? 2182 HOH A O   1 
HETATM 1613 O O   . HOH C 3 .   ? -6.176  16.056  -7.932  1.00 13.14 ? 2183 HOH A O   1 
HETATM 1614 O O   . HOH C 3 .   ? -10.499 12.978  -10.762 1.00 6.34  ? 2184 HOH A O   1 
HETATM 1615 O O   . HOH C 3 .   ? -4.956  13.126  -17.293 1.00 21.33 ? 2185 HOH A O   1 
HETATM 1616 O O   . HOH C 3 .   ? 1.458   13.176  -14.994 1.00 30.50 ? 2186 HOH A O   1 
HETATM 1617 O O   . HOH C 3 .   ? 0.063   8.150   -17.526 1.00 29.29 ? 2187 HOH A O   1 
HETATM 1618 O O   . HOH C 3 .   ? -1.224  18.084  -7.061  1.00 28.62 ? 2188 HOH A O   1 
HETATM 1619 O O   . HOH C 3 .   ? 4.785   11.529  -12.063 1.00 21.56 ? 2189 HOH A O   1 
HETATM 1620 O O   . HOH C 3 .   ? -0.114  14.863  -13.540 1.00 33.53 ? 2190 HOH A O   1 
HETATM 1621 O O   . HOH C 3 .   ? -2.683  2.096   -18.827 1.00 12.04 ? 2191 HOH A O   1 
HETATM 1622 O O   . HOH C 3 .   ? 6.127   6.486   -17.942 1.00 16.17 ? 2192 HOH A O   1 
HETATM 1623 O O   . HOH C 3 .   ? 7.909   8.983   -5.600  1.00 16.06 ? 2193 HOH A O   1 
HETATM 1624 O O   . HOH C 3 .   ? 6.802   13.197  -6.709  1.00 29.51 ? 2194 HOH A O   1 
HETATM 1625 O O   . HOH C 3 .   ? 10.372  7.511   -12.712 1.00 14.24 ? 2195 HOH A O   1 
HETATM 1626 O O   . HOH C 3 .   ? 10.590  3.432   -12.332 1.00 13.20 ? 2196 HOH A O   1 
HETATM 1627 O O   . HOH C 3 .   ? 9.025   0.259   -16.270 1.00 21.64 ? 2197 HOH A O   1 
HETATM 1628 O O   . HOH C 3 .   ? 9.974   0.769   -13.812 1.00 30.65 ? 2198 HOH A O   1 
HETATM 1629 O O   . HOH C 3 .   ? 2.580   2.311   -20.001 1.00 35.81 ? 2199 HOH A O   1 
HETATM 1630 O O   . HOH C 3 .   ? -4.033  -0.593  -18.880 1.00 9.71  ? 2200 HOH A O   1 
HETATM 1631 O O   . HOH C 3 .   ? -3.314  -2.403  -20.897 1.00 27.71 ? 2201 HOH A O   1 
HETATM 1632 O O   . HOH C 3 .   ? -10.298 5.157   4.594   1.00 24.79 ? 2202 HOH A O   1 
HETATM 1633 O O   . HOH C 3 .   ? -12.789 -1.304  7.631   1.00 28.73 ? 2203 HOH A O   1 
HETATM 1634 O O   . HOH C 3 .   ? -14.301 2.751   4.685   1.00 22.51 ? 2204 HOH A O   1 
HETATM 1635 O O   . HOH C 3 .   ? -18.887 4.114   0.783   1.00 30.38 ? 2205 HOH A O   1 
HETATM 1636 O O   . HOH C 3 .   ? -16.898 4.215   1.662   1.00 40.91 ? 2206 HOH A O   1 
HETATM 1637 O O   . HOH C 3 .   ? -11.334 9.721   1.423   1.00 45.04 ? 2207 HOH A O   1 
HETATM 1638 O O   . HOH C 3 .   ? -18.532 1.758   2.749   1.00 41.36 ? 2208 HOH A O   1 
HETATM 1639 O O   . HOH C 3 .   ? -18.538 -1.889  -4.182  1.00 31.76 ? 2209 HOH A O   1 
HETATM 1640 O O   . HOH C 3 .   ? -15.746 1.961   2.406   1.00 12.55 ? 2210 HOH A O   1 
HETATM 1641 O O   . HOH C 3 .   ? -20.904 6.430   -2.193  1.00 26.50 ? 2211 HOH A O   1 
HETATM 1642 O O   . HOH C 3 .   ? -16.665 6.544   -6.164  1.00 8.32  ? 2212 HOH A O   1 
HETATM 1643 O O   . HOH C 3 .   ? -9.538  8.191   0.729   1.00 28.15 ? 2213 HOH A O   1 
HETATM 1644 O O   . HOH C 3 .   ? -11.147 8.086   -5.720  1.00 8.34  ? 2214 HOH A O   1 
HETATM 1645 O O   . HOH C 3 .   ? -15.903 1.332   -11.267 1.00 4.93  ? 2215 HOH A O   1 
HETATM 1646 O O   . HOH C 3 .   ? -16.461 6.607   -10.317 1.00 22.87 ? 2216 HOH A O   1 
HETATM 1647 O O   . HOH C 3 .   ? -14.824 -0.155  -13.328 1.00 14.16 ? 2217 HOH A O   1 
HETATM 1648 O O   . HOH C 3 .   ? -13.912 -3.443  -8.838  1.00 30.08 ? 2218 HOH A O   1 
HETATM 1649 O O   . HOH C 3 .   ? -13.623 2.074   -17.422 1.00 16.83 ? 2219 HOH A O   1 
HETATM 1650 O O   . HOH C 3 .   ? -6.650  0.199   -18.844 1.00 28.79 ? 2220 HOH A O   1 
HETATM 1651 O O   . HOH C 3 .   ? -8.106  -4.359  -16.640 1.00 25.33 ? 2221 HOH A O   1 
HETATM 1652 O O   . HOH C 3 .   ? -10.644 -2.928  -12.929 1.00 22.76 ? 2222 HOH A O   1 
HETATM 1653 O O   . HOH C 3 .   ? -6.176  -5.256  -13.701 1.00 17.23 ? 2223 HOH A O   1 
HETATM 1654 O O   . HOH C 3 .   ? -9.650  -6.567  -12.527 1.00 25.70 ? 2224 HOH A O   1 
HETATM 1655 O O   . HOH C 3 .   ? -11.307 -3.985  -9.613  1.00 11.50 ? 2225 HOH A O   1 
HETATM 1656 O O   . HOH C 3 .   ? -12.795 -5.811  -3.335  1.00 21.00 ? 2226 HOH A O   1 
HETATM 1657 O O   . HOH C 3 .   ? -16.133 -5.254  0.201   1.00 32.53 ? 2227 HOH A O   1 
HETATM 1658 O O   . HOH C 3 .   ? -13.381 -0.866  4.868   1.00 20.75 ? 2228 HOH A O   1 
HETATM 1659 O O   . HOH C 3 .   ? -10.188 -8.516  6.180   1.00 34.30 ? 2229 HOH A O   1 
HETATM 1660 O O   . HOH C 3 .   ? -9.745  -2.880  12.618  1.00 26.69 ? 2230 HOH A O   1 
HETATM 1661 O O   . HOH C 3 .   ? -8.112  -5.055  12.441  1.00 15.39 ? 2231 HOH A O   1 
HETATM 1662 O O   . HOH C 3 .   ? -5.534  -6.250  9.536   1.00 23.07 ? 2232 HOH A O   1 
HETATM 1663 O O   . HOH C 3 .   ? -12.295 -8.200  8.190   1.00 27.95 ? 2233 HOH A O   1 
HETATM 1664 O O   . HOH C 3 .   ? -8.031  -7.863  10.056  1.00 37.48 ? 2234 HOH A O   1 
HETATM 1665 O O   . HOH C 3 .   ? -0.864  -13.928 1.686   1.00 19.74 ? 2235 HOH A O   1 
HETATM 1666 O O   . HOH C 3 .   ? -9.669  -10.944 5.262   1.00 42.65 ? 2236 HOH A O   1 
HETATM 1667 O O   . HOH C 3 .   ? -8.781  -6.368  4.374   1.00 24.26 ? 2237 HOH A O   1 
HETATM 1668 O O   . HOH C 3 .   ? -3.442  -16.096 -4.155  1.00 13.22 ? 2238 HOH A O   1 
HETATM 1669 O O   . HOH C 3 .   ? -3.409  -16.345 3.442   1.00 33.63 ? 2239 HOH A O   1 
HETATM 1670 O O   . HOH C 3 .   ? -10.168 -14.168 -4.609  1.00 22.41 ? 2240 HOH A O   1 
HETATM 1671 O O   . HOH C 3 .   ? -10.485 -9.826  -0.813  1.00 42.28 ? 2241 HOH A O   1 
HETATM 1672 O O   . HOH C 3 .   ? -10.202 -10.280 -3.666  1.00 29.20 ? 2242 HOH A O   1 
HETATM 1673 O O   . HOH C 3 .   ? -11.176 -11.675 -10.991 1.00 26.34 ? 2243 HOH A O   1 
HETATM 1674 O O   . HOH C 3 .   ? -12.479 -12.515 -7.384  1.00 35.52 ? 2244 HOH A O   1 
HETATM 1675 O O   . HOH C 3 .   ? -4.321  -15.922 -15.110 1.00 29.03 ? 2245 HOH A O   1 
HETATM 1676 O O   . HOH C 3 .   ? -10.816 -15.114 -7.000  1.00 37.06 ? 2246 HOH A O   1 
HETATM 1677 O O   . HOH C 3 .   ? -9.379  -18.369 -4.883  1.00 48.59 ? 2247 HOH A O   1 
HETATM 1678 O O   . HOH C 3 .   ? -1.550  -14.965 -16.855 1.00 20.98 ? 2248 HOH A O   1 
HETATM 1679 O O   . HOH C 3 .   ? -2.257  -8.662  -16.185 1.00 36.66 ? 2249 HOH A O   1 
HETATM 1680 O O   . HOH C 3 .   ? -7.361  -15.140 -17.227 1.00 45.57 ? 2250 HOH A O   1 
HETATM 1681 O O   . HOH C 3 .   ? 6.662   8.897   24.574  1.00 27.20 ? 2251 HOH A O   1 
# 
loop_
_pdbx_poly_seq_scheme.asym_id 
_pdbx_poly_seq_scheme.entity_id 
_pdbx_poly_seq_scheme.seq_id 
_pdbx_poly_seq_scheme.mon_id 
_pdbx_poly_seq_scheme.ndb_seq_num 
_pdbx_poly_seq_scheme.pdb_seq_num 
_pdbx_poly_seq_scheme.auth_seq_num 
_pdbx_poly_seq_scheme.pdb_mon_id 
_pdbx_poly_seq_scheme.auth_mon_id 
_pdbx_poly_seq_scheme.pdb_strand_id 
_pdbx_poly_seq_scheme.pdb_ins_code 
_pdbx_poly_seq_scheme.hetero 
A 1 1   MET 1   -20 ?   ?   ?   A . n 
A 1 2   HIS 2   -19 ?   ?   ?   A . n 
A 1 3   HIS 3   -18 ?   ?   ?   A . n 
A 1 4   HIS 4   -17 ?   ?   ?   A . n 
A 1 5   HIS 5   -16 ?   ?   ?   A . n 
A 1 6   HIS 6   -15 ?   ?   ?   A . n 
A 1 7   HIS 7   -14 ?   ?   ?   A . n 
A 1 8   SER 8   -13 ?   ?   ?   A . n 
A 1 9   SER 9   -12 ?   ?   ?   A . n 
A 1 10  GLY 10  -11 ?   ?   ?   A . n 
A 1 11  VAL 11  -10 ?   ?   ?   A . n 
A 1 12  ASP 12  -9  ?   ?   ?   A . n 
A 1 13  LEU 13  -8  ?   ?   ?   A . n 
A 1 14  GLY 14  -7  -7  GLY GLY A . n 
A 1 15  THR 15  -6  -6  THR THR A . n 
A 1 16  GLU 16  -5  -5  GLU GLU A . n 
A 1 17  ASN 17  -4  -4  ASN ASN A . n 
A 1 18  LEU 18  -3  -3  LEU LEU A . n 
A 1 19  TYR 19  -2  -2  TYR TYR A . n 
A 1 20  PHE 20  -1  -1  PHE PHE A . n 
A 1 21  GLN 21  0   0   GLN GLN A . n 
A 1 22  SER 22  1   1   SER SER A . n 
A 1 23  MET 23  2   2   MET MET A . n 
A 1 24  ALA 24  3   3   ALA ALA A . n 
A 1 25  ARG 25  4   4   ARG ARG A . n 
A 1 26  LEU 26  5   5   LEU LEU A . n 
A 1 27  PRO 27  6   6   PRO PRO A . n 
A 1 28  LYS 28  7   7   LYS LYS A . n 
A 1 29  LEU 29  8   8   LEU LEU A . n 
A 1 30  ALA 30  9   9   ALA ALA A . n 
A 1 31  VAL 31  10  10  VAL VAL A . n 
A 1 32  PHE 32  11  11  PHE PHE A . n 
A 1 33  ASP 33  12  12  ASP ASP A . n 
A 1 34  LEU 34  13  13  LEU LEU A . n 
A 1 35  ASP 35  14  14  ASP ASP A . n 
A 1 36  TYR 36  15  15  TYR TYR A . n 
A 1 37  THR 37  16  16  THR THR A . n 
A 1 38  LEU 38  17  17  LEU LEU A . n 
A 1 39  TRP 39  18  18  TRP TRP A . n 
A 1 40  PRO 40  19  19  PRO PRO A . n 
A 1 41  PHE 41  20  20  PHE PHE A . n 
A 1 42  TRP 42  21  21  TRP TRP A . n 
A 1 43  VAL 43  22  22  VAL VAL A . n 
A 1 44  ASP 44  23  23  ASP ASP A . n 
A 1 45  THR 45  24  24  THR THR A . n 
A 1 46  HIS 46  25  25  HIS HIS A . n 
A 1 47  VAL 47  26  26  VAL VAL A . n 
A 1 48  ASP 48  27  27  ASP ASP A . n 
A 1 49  PRO 49  28  28  PRO PRO A . n 
A 1 50  PRO 50  29  29  PRO PRO A . n 
A 1 51  PHE 51  30  30  PHE PHE A . n 
A 1 52  HIS 52  31  31  HIS HIS A . n 
A 1 53  LYS 53  32  32  LYS LYS A . n 
A 1 54  SER 54  33  33  SER SER A . n 
A 1 55  SER 55  34  34  SER SER A . n 
A 1 56  ASP 56  35  35  ASP ASP A . n 
A 1 57  GLY 57  36  36  GLY GLY A . n 
A 1 58  THR 58  37  37  THR THR A . n 
A 1 59  VAL 59  38  38  VAL VAL A . n 
A 1 60  ARG 60  39  39  ARG ARG A . n 
A 1 61  ASP 61  40  40  ASP ASP A . n 
A 1 62  ARG 62  41  41  ARG ARG A . n 
A 1 63  ARG 63  42  42  ARG ARG A . n 
A 1 64  GLY 64  43  43  GLY GLY A . n 
A 1 65  GLN 65  44  44  GLN GLN A . n 
A 1 66  ASP 66  45  45  ASP ASP A . n 
A 1 67  VAL 67  46  46  VAL VAL A . n 
A 1 68  ARG 68  47  47  ARG ARG A . n 
A 1 69  LEU 69  48  48  LEU LEU A . n 
A 1 70  TYR 70  49  49  TYR TYR A . n 
A 1 71  PRO 71  50  50  PRO PRO A . n 
A 1 72  GLU 72  51  51  GLU GLU A . n 
A 1 73  VAL 73  52  52  VAL VAL A . n 
A 1 74  PRO 74  53  53  PRO PRO A . n 
A 1 75  GLU 75  54  54  GLU GLU A . n 
A 1 76  VAL 76  55  55  VAL VAL A . n 
A 1 77  LEU 77  56  56  LEU LEU A . n 
A 1 78  LYS 78  57  57  LYS LYS A . n 
A 1 79  ARG 79  58  58  ARG ARG A . n 
A 1 80  LEU 80  59  59  LEU LEU A . n 
A 1 81  GLN 81  60  60  GLN GLN A . n 
A 1 82  SER 82  61  61  SER SER A . n 
A 1 83  LEU 83  62  62  LEU LEU A . n 
A 1 84  GLY 84  63  63  GLY GLY A . n 
A 1 85  VAL 85  64  64  VAL VAL A . n 
A 1 86  PRO 86  65  65  PRO PRO A . n 
A 1 87  GLY 87  66  66  GLY GLY A . n 
A 1 88  ALA 88  67  67  ALA ALA A . n 
A 1 89  ALA 89  68  68  ALA ALA A . n 
A 1 90  ALA 90  69  69  ALA ALA A . n 
A 1 91  SER 91  70  70  SER SER A . n 
A 1 92  ARG 92  71  71  ARG ARG A . n 
A 1 93  THR 93  72  72  THR THR A . n 
A 1 94  SER 94  73  73  SER SER A . n 
A 1 95  GLU 95  74  74  GLU GLU A . n 
A 1 96  ILE 96  75  75  ILE ILE A . n 
A 1 97  GLU 97  76  76  GLU GLU A . n 
A 1 98  GLY 98  77  77  GLY GLY A . n 
A 1 99  ALA 99  78  78  ALA ALA A . n 
A 1 100 ASN 100 79  79  ASN ASN A . n 
A 1 101 GLN 101 80  80  GLN GLN A . n 
A 1 102 LEU 102 81  81  LEU LEU A . n 
A 1 103 LEU 103 82  82  LEU LEU A . n 
A 1 104 GLU 104 83  83  GLU GLU A . n 
A 1 105 LEU 105 84  84  LEU LEU A . n 
A 1 106 PHE 106 85  85  PHE PHE A . n 
A 1 107 ASP 107 86  86  ASP ASP A . n 
A 1 108 LEU 108 87  87  LEU LEU A . n 
A 1 109 PHE 109 88  88  PHE PHE A . n 
A 1 110 ARG 110 89  89  ARG ARG A . n 
A 1 111 TYR 111 90  90  TYR TYR A . n 
A 1 112 PHE 112 91  91  PHE PHE A . n 
A 1 113 VAL 113 92  92  VAL VAL A . n 
A 1 114 HIS 114 93  93  HIS HIS A . n 
A 1 115 ARG 115 94  94  ARG ARG A . n 
A 1 116 GLU 116 95  95  GLU GLU A . n 
A 1 117 ILE 117 96  96  ILE ILE A . n 
A 1 118 TYR 118 97  97  TYR TYR A . n 
A 1 119 PRO 119 98  98  PRO PRO A . n 
A 1 120 GLY 120 99  99  GLY GLY A . n 
A 1 121 SER 121 100 100 SER SER A . n 
A 1 122 LYS 122 101 101 LYS LYS A . n 
A 1 123 ILE 123 102 102 ILE ILE A . n 
A 1 124 THR 124 103 103 THR THR A . n 
A 1 125 HIS 125 104 104 HIS HIS A . n 
A 1 126 PHE 126 105 105 PHE PHE A . n 
A 1 127 GLU 127 106 106 GLU GLU A . n 
A 1 128 ARG 128 107 107 ARG ARG A . n 
A 1 129 LEU 129 108 108 LEU LEU A . n 
A 1 130 GLN 130 109 109 GLN GLN A . n 
A 1 131 GLN 131 110 110 GLN GLN A . n 
A 1 132 LYS 132 111 111 LYS LYS A . n 
A 1 133 THR 133 112 112 THR THR A . n 
A 1 134 GLY 134 113 113 GLY GLY A . n 
A 1 135 ILE 135 114 114 ILE ILE A . n 
A 1 136 PRO 136 115 115 PRO PRO A . n 
A 1 137 PHE 137 116 116 PHE PHE A . n 
A 1 138 SER 138 117 117 SER SER A . n 
A 1 139 GLN 139 118 118 GLN GLN A . n 
A 1 140 MET 140 119 119 MET MET A . n 
A 1 141 ILE 141 120 120 ILE ILE A . n 
A 1 142 PHE 142 121 121 PHE PHE A . n 
A 1 143 PHE 143 122 122 PHE PHE A . n 
A 1 144 ASP 144 123 123 ASP ASP A . n 
A 1 145 ASP 145 124 124 ASP ASP A . n 
A 1 146 GLU 146 125 125 GLU GLU A . n 
A 1 147 ARG 147 126 126 ARG ARG A . n 
A 1 148 ARG 148 127 127 ARG ARG A . n 
A 1 149 ASN 149 128 128 ASN ASN A . n 
A 1 150 ILE 150 129 129 ILE ILE A . n 
A 1 151 VAL 151 130 130 VAL VAL A . n 
A 1 152 ASP 152 131 131 ASP ASP A . n 
A 1 153 VAL 153 132 132 VAL VAL A . n 
A 1 154 SER 154 133 133 SER SER A . n 
A 1 155 LYS 155 134 134 LYS LYS A . n 
A 1 156 LEU 156 135 135 LEU LEU A . n 
A 1 157 GLY 157 136 136 GLY GLY A . n 
A 1 158 VAL 158 137 137 VAL VAL A . n 
A 1 159 THR 159 138 138 THR THR A . n 
A 1 160 CYS 160 139 139 CYS CYS A . n 
A 1 161 ILE 161 140 140 ILE ILE A . n 
A 1 162 HIS 162 141 141 HIS HIS A . n 
A 1 163 ILE 163 142 142 ILE ILE A . n 
A 1 164 GLN 164 143 143 GLN GLN A . n 
A 1 165 ASN 165 144 144 ASN ASN A . n 
A 1 166 GLY 166 145 145 GLY GLY A . n 
A 1 167 MET 167 146 146 MET MET A . n 
A 1 168 ASN 168 147 147 ASN ASN A . n 
A 1 169 LEU 169 148 148 LEU LEU A . n 
A 1 170 GLN 170 149 149 GLN GLN A . n 
A 1 171 THR 171 150 150 THR THR A . n 
A 1 172 LEU 172 151 151 LEU LEU A . n 
A 1 173 SER 173 152 152 SER SER A . n 
A 1 174 GLN 174 153 153 GLN GLN A . n 
A 1 175 GLY 175 154 154 GLY GLY A . n 
A 1 176 LEU 176 155 155 LEU LEU A . n 
A 1 177 GLU 177 156 156 GLU GLU A . n 
A 1 178 THR 178 157 157 THR THR A . n 
A 1 179 PHE 179 158 158 PHE PHE A . n 
A 1 180 ALA 180 159 159 ALA ALA A . n 
A 1 181 LYS 181 160 160 LYS LYS A . n 
A 1 182 ALA 182 161 161 ALA ALA A . n 
A 1 183 GLN 183 162 162 GLN GLN A . n 
A 1 184 THR 184 163 ?   ?   ?   A . n 
A 1 185 GLY 185 164 ?   ?   ?   A . n 
A 1 186 PRO 186 165 ?   ?   ?   A . n 
A 1 187 LEU 187 166 ?   ?   ?   A . n 
# 
loop_
_pdbx_nonpoly_scheme.asym_id 
_pdbx_nonpoly_scheme.entity_id 
_pdbx_nonpoly_scheme.mon_id 
_pdbx_nonpoly_scheme.ndb_seq_num 
_pdbx_nonpoly_scheme.pdb_seq_num 
_pdbx_nonpoly_scheme.auth_seq_num 
_pdbx_nonpoly_scheme.pdb_mon_id 
_pdbx_nonpoly_scheme.auth_mon_id 
_pdbx_nonpoly_scheme.pdb_strand_id 
_pdbx_nonpoly_scheme.pdb_ins_code 
B 2 EDO 1   1163 1163 EDO EDO A . 
C 3 HOH 1   2001 2001 HOH HOH A . 
C 3 HOH 2   2002 2002 HOH HOH A . 
C 3 HOH 3   2003 2003 HOH HOH A . 
C 3 HOH 4   2004 2004 HOH HOH A . 
C 3 HOH 5   2005 2005 HOH HOH A . 
C 3 HOH 6   2006 2006 HOH HOH A . 
C 3 HOH 7   2007 2007 HOH HOH A . 
C 3 HOH 8   2008 2008 HOH HOH A . 
C 3 HOH 9   2009 2009 HOH HOH A . 
C 3 HOH 10  2010 2010 HOH HOH A . 
C 3 HOH 11  2011 2011 HOH HOH A . 
C 3 HOH 12  2012 2012 HOH HOH A . 
C 3 HOH 13  2013 2013 HOH HOH A . 
C 3 HOH 14  2014 2014 HOH HOH A . 
C 3 HOH 15  2015 2015 HOH HOH A . 
C 3 HOH 16  2016 2016 HOH HOH A . 
C 3 HOH 17  2017 2017 HOH HOH A . 
C 3 HOH 18  2018 2018 HOH HOH A . 
C 3 HOH 19  2019 2019 HOH HOH A . 
C 3 HOH 20  2020 2020 HOH HOH A . 
C 3 HOH 21  2021 2021 HOH HOH A . 
C 3 HOH 22  2022 2022 HOH HOH A . 
C 3 HOH 23  2023 2023 HOH HOH A . 
C 3 HOH 24  2024 2024 HOH HOH A . 
C 3 HOH 25  2025 2025 HOH HOH A . 
C 3 HOH 26  2026 2026 HOH HOH A . 
C 3 HOH 27  2027 2027 HOH HOH A . 
C 3 HOH 28  2028 2028 HOH HOH A . 
C 3 HOH 29  2029 2029 HOH HOH A . 
C 3 HOH 30  2030 2030 HOH HOH A . 
C 3 HOH 31  2031 2031 HOH HOH A . 
C 3 HOH 32  2032 2032 HOH HOH A . 
C 3 HOH 33  2033 2033 HOH HOH A . 
C 3 HOH 34  2034 2034 HOH HOH A . 
C 3 HOH 35  2035 2035 HOH HOH A . 
C 3 HOH 36  2036 2036 HOH HOH A . 
C 3 HOH 37  2037 2037 HOH HOH A . 
C 3 HOH 38  2038 2038 HOH HOH A . 
C 3 HOH 39  2039 2039 HOH HOH A . 
C 3 HOH 40  2040 2040 HOH HOH A . 
C 3 HOH 41  2041 2041 HOH HOH A . 
C 3 HOH 42  2042 2042 HOH HOH A . 
C 3 HOH 43  2043 2043 HOH HOH A . 
C 3 HOH 44  2044 2044 HOH HOH A . 
C 3 HOH 45  2045 2045 HOH HOH A . 
C 3 HOH 46  2046 2046 HOH HOH A . 
C 3 HOH 47  2047 2047 HOH HOH A . 
C 3 HOH 48  2048 2048 HOH HOH A . 
C 3 HOH 49  2049 2049 HOH HOH A . 
C 3 HOH 50  2050 2050 HOH HOH A . 
C 3 HOH 51  2051 2051 HOH HOH A . 
C 3 HOH 52  2052 2052 HOH HOH A . 
C 3 HOH 53  2053 2053 HOH HOH A . 
C 3 HOH 54  2054 2054 HOH HOH A . 
C 3 HOH 55  2055 2055 HOH HOH A . 
C 3 HOH 56  2056 2056 HOH HOH A . 
C 3 HOH 57  2057 2057 HOH HOH A . 
C 3 HOH 58  2058 2058 HOH HOH A . 
C 3 HOH 59  2059 2059 HOH HOH A . 
C 3 HOH 60  2060 2060 HOH HOH A . 
C 3 HOH 61  2061 2061 HOH HOH A . 
C 3 HOH 62  2062 2062 HOH HOH A . 
C 3 HOH 63  2063 2063 HOH HOH A . 
C 3 HOH 64  2064 2064 HOH HOH A . 
C 3 HOH 65  2065 2065 HOH HOH A . 
C 3 HOH 66  2066 2066 HOH HOH A . 
C 3 HOH 67  2067 2067 HOH HOH A . 
C 3 HOH 68  2068 2068 HOH HOH A . 
C 3 HOH 69  2069 2069 HOH HOH A . 
C 3 HOH 70  2070 2070 HOH HOH A . 
C 3 HOH 71  2071 2071 HOH HOH A . 
C 3 HOH 72  2072 2072 HOH HOH A . 
C 3 HOH 73  2073 2073 HOH HOH A . 
C 3 HOH 74  2074 2074 HOH HOH A . 
C 3 HOH 75  2075 2075 HOH HOH A . 
C 3 HOH 76  2076 2076 HOH HOH A . 
C 3 HOH 77  2077 2077 HOH HOH A . 
C 3 HOH 78  2078 2078 HOH HOH A . 
C 3 HOH 79  2079 2079 HOH HOH A . 
C 3 HOH 80  2080 2080 HOH HOH A . 
C 3 HOH 81  2081 2081 HOH HOH A . 
C 3 HOH 82  2082 2082 HOH HOH A . 
C 3 HOH 83  2083 2083 HOH HOH A . 
C 3 HOH 84  2084 2084 HOH HOH A . 
C 3 HOH 85  2085 2085 HOH HOH A . 
C 3 HOH 86  2086 2086 HOH HOH A . 
C 3 HOH 87  2087 2087 HOH HOH A . 
C 3 HOH 88  2088 2088 HOH HOH A . 
C 3 HOH 89  2089 2089 HOH HOH A . 
C 3 HOH 90  2090 2090 HOH HOH A . 
C 3 HOH 91  2091 2091 HOH HOH A . 
C 3 HOH 92  2092 2092 HOH HOH A . 
C 3 HOH 93  2093 2093 HOH HOH A . 
C 3 HOH 94  2094 2094 HOH HOH A . 
C 3 HOH 95  2095 2095 HOH HOH A . 
C 3 HOH 96  2096 2096 HOH HOH A . 
C 3 HOH 97  2097 2097 HOH HOH A . 
C 3 HOH 98  2098 2098 HOH HOH A . 
C 3 HOH 99  2099 2099 HOH HOH A . 
C 3 HOH 100 2100 2100 HOH HOH A . 
C 3 HOH 101 2101 2101 HOH HOH A . 
C 3 HOH 102 2102 2102 HOH HOH A . 
C 3 HOH 103 2103 2103 HOH HOH A . 
C 3 HOH 104 2104 2104 HOH HOH A . 
C 3 HOH 105 2105 2105 HOH HOH A . 
C 3 HOH 106 2106 2106 HOH HOH A . 
C 3 HOH 107 2107 2107 HOH HOH A . 
C 3 HOH 108 2108 2108 HOH HOH A . 
C 3 HOH 109 2109 2109 HOH HOH A . 
C 3 HOH 110 2110 2110 HOH HOH A . 
C 3 HOH 111 2111 2111 HOH HOH A . 
C 3 HOH 112 2112 2112 HOH HOH A . 
C 3 HOH 113 2113 2113 HOH HOH A . 
C 3 HOH 114 2114 2114 HOH HOH A . 
C 3 HOH 115 2115 2115 HOH HOH A . 
C 3 HOH 116 2116 2116 HOH HOH A . 
C 3 HOH 117 2117 2117 HOH HOH A . 
C 3 HOH 118 2118 2118 HOH HOH A . 
C 3 HOH 119 2119 2119 HOH HOH A . 
C 3 HOH 120 2120 2120 HOH HOH A . 
C 3 HOH 121 2121 2121 HOH HOH A . 
C 3 HOH 122 2122 2122 HOH HOH A . 
C 3 HOH 123 2123 2123 HOH HOH A . 
C 3 HOH 124 2124 2124 HOH HOH A . 
C 3 HOH 125 2125 2125 HOH HOH A . 
C 3 HOH 126 2126 2126 HOH HOH A . 
C 3 HOH 127 2127 2127 HOH HOH A . 
C 3 HOH 128 2128 2128 HOH HOH A . 
C 3 HOH 129 2129 2129 HOH HOH A . 
C 3 HOH 130 2130 2130 HOH HOH A . 
C 3 HOH 131 2131 2131 HOH HOH A . 
C 3 HOH 132 2132 2132 HOH HOH A . 
C 3 HOH 133 2133 2133 HOH HOH A . 
C 3 HOH 134 2134 2134 HOH HOH A . 
C 3 HOH 135 2135 2135 HOH HOH A . 
C 3 HOH 136 2136 2136 HOH HOH A . 
C 3 HOH 137 2137 2137 HOH HOH A . 
C 3 HOH 138 2138 2138 HOH HOH A . 
C 3 HOH 139 2139 2139 HOH HOH A . 
C 3 HOH 140 2140 2140 HOH HOH A . 
C 3 HOH 141 2141 2141 HOH HOH A . 
C 3 HOH 142 2142 2142 HOH HOH A . 
C 3 HOH 143 2143 2143 HOH HOH A . 
C 3 HOH 144 2144 2144 HOH HOH A . 
C 3 HOH 145 2145 2145 HOH HOH A . 
C 3 HOH 146 2146 2146 HOH HOH A . 
C 3 HOH 147 2147 2147 HOH HOH A . 
C 3 HOH 148 2148 2148 HOH HOH A . 
C 3 HOH 149 2149 2149 HOH HOH A . 
C 3 HOH 150 2150 2150 HOH HOH A . 
C 3 HOH 151 2151 2151 HOH HOH A . 
C 3 HOH 152 2152 2152 HOH HOH A . 
C 3 HOH 153 2153 2153 HOH HOH A . 
C 3 HOH 154 2154 2154 HOH HOH A . 
C 3 HOH 155 2155 2155 HOH HOH A . 
C 3 HOH 156 2156 2156 HOH HOH A . 
C 3 HOH 157 2157 2157 HOH HOH A . 
C 3 HOH 158 2158 2158 HOH HOH A . 
C 3 HOH 159 2159 2159 HOH HOH A . 
C 3 HOH 160 2160 2160 HOH HOH A . 
C 3 HOH 161 2161 2161 HOH HOH A . 
C 3 HOH 162 2162 2162 HOH HOH A . 
C 3 HOH 163 2163 2163 HOH HOH A . 
C 3 HOH 164 2164 2164 HOH HOH A . 
C 3 HOH 165 2165 2165 HOH HOH A . 
C 3 HOH 166 2166 2166 HOH HOH A . 
C 3 HOH 167 2167 2167 HOH HOH A . 
C 3 HOH 168 2168 2168 HOH HOH A . 
C 3 HOH 169 2169 2169 HOH HOH A . 
C 3 HOH 170 2170 2170 HOH HOH A . 
C 3 HOH 171 2171 2171 HOH HOH A . 
C 3 HOH 172 2172 2172 HOH HOH A . 
C 3 HOH 173 2173 2173 HOH HOH A . 
C 3 HOH 174 2174 2174 HOH HOH A . 
C 3 HOH 175 2175 2175 HOH HOH A . 
C 3 HOH 176 2176 2176 HOH HOH A . 
C 3 HOH 177 2177 2177 HOH HOH A . 
C 3 HOH 178 2178 2178 HOH HOH A . 
C 3 HOH 179 2179 2179 HOH HOH A . 
C 3 HOH 180 2180 2180 HOH HOH A . 
C 3 HOH 181 2181 2181 HOH HOH A . 
C 3 HOH 182 2182 2182 HOH HOH A . 
C 3 HOH 183 2183 2183 HOH HOH A . 
C 3 HOH 184 2184 2184 HOH HOH A . 
C 3 HOH 185 2185 2185 HOH HOH A . 
C 3 HOH 186 2186 2186 HOH HOH A . 
C 3 HOH 187 2187 2187 HOH HOH A . 
C 3 HOH 188 2188 2188 HOH HOH A . 
C 3 HOH 189 2189 2189 HOH HOH A . 
C 3 HOH 190 2190 2190 HOH HOH A . 
C 3 HOH 191 2191 2191 HOH HOH A . 
C 3 HOH 192 2192 2192 HOH HOH A . 
C 3 HOH 193 2193 2193 HOH HOH A . 
C 3 HOH 194 2194 2194 HOH HOH A . 
C 3 HOH 195 2195 2195 HOH HOH A . 
C 3 HOH 196 2196 2196 HOH HOH A . 
C 3 HOH 197 2197 2197 HOH HOH A . 
C 3 HOH 198 2198 2198 HOH HOH A . 
C 3 HOH 199 2199 2199 HOH HOH A . 
C 3 HOH 200 2200 2200 HOH HOH A . 
C 3 HOH 201 2201 2201 HOH HOH A . 
C 3 HOH 202 2202 2202 HOH HOH A . 
C 3 HOH 203 2203 2203 HOH HOH A . 
C 3 HOH 204 2204 2204 HOH HOH A . 
C 3 HOH 205 2205 2205 HOH HOH A . 
C 3 HOH 206 2206 2206 HOH HOH A . 
C 3 HOH 207 2207 2207 HOH HOH A . 
C 3 HOH 208 2208 2208 HOH HOH A . 
C 3 HOH 209 2209 2209 HOH HOH A . 
C 3 HOH 210 2210 2210 HOH HOH A . 
C 3 HOH 211 2211 2211 HOH HOH A . 
C 3 HOH 212 2212 2212 HOH HOH A . 
C 3 HOH 213 2213 2213 HOH HOH A . 
C 3 HOH 214 2214 2214 HOH HOH A . 
C 3 HOH 215 2215 2215 HOH HOH A . 
C 3 HOH 216 2216 2216 HOH HOH A . 
C 3 HOH 217 2217 2217 HOH HOH A . 
C 3 HOH 218 2218 2218 HOH HOH A . 
C 3 HOH 219 2219 2219 HOH HOH A . 
C 3 HOH 220 2220 2220 HOH HOH A . 
C 3 HOH 221 2221 2221 HOH HOH A . 
C 3 HOH 222 2222 2222 HOH HOH A . 
C 3 HOH 223 2223 2223 HOH HOH A . 
C 3 HOH 224 2224 2224 HOH HOH A . 
C 3 HOH 225 2225 2225 HOH HOH A . 
C 3 HOH 226 2226 2226 HOH HOH A . 
C 3 HOH 227 2227 2227 HOH HOH A . 
C 3 HOH 228 2228 2228 HOH HOH A . 
C 3 HOH 229 2229 2229 HOH HOH A . 
C 3 HOH 230 2230 2230 HOH HOH A . 
C 3 HOH 231 2231 2231 HOH HOH A . 
C 3 HOH 232 2232 2232 HOH HOH A . 
C 3 HOH 233 2233 2233 HOH HOH A . 
C 3 HOH 234 2234 2234 HOH HOH A . 
C 3 HOH 235 2235 2235 HOH HOH A . 
C 3 HOH 236 2236 2236 HOH HOH A . 
C 3 HOH 237 2237 2237 HOH HOH A . 
C 3 HOH 238 2238 2238 HOH HOH A . 
C 3 HOH 239 2239 2239 HOH HOH A . 
C 3 HOH 240 2240 2240 HOH HOH A . 
C 3 HOH 241 2241 2241 HOH HOH A . 
C 3 HOH 242 2242 2242 HOH HOH A . 
C 3 HOH 243 2243 2243 HOH HOH A . 
C 3 HOH 244 2244 2244 HOH HOH A . 
C 3 HOH 245 2245 2245 HOH HOH A . 
C 3 HOH 246 2246 2246 HOH HOH A . 
C 3 HOH 247 2247 2247 HOH HOH A . 
C 3 HOH 248 2248 2248 HOH HOH A . 
C 3 HOH 249 2249 2249 HOH HOH A . 
C 3 HOH 250 2250 2250 HOH HOH A . 
C 3 HOH 251 2251 2251 HOH HOH A . 
# 
_pdbx_struct_assembly.id                   1 
_pdbx_struct_assembly.details              author_and_software_defined_assembly 
_pdbx_struct_assembly.method_details       PQS 
_pdbx_struct_assembly.oligomeric_details   monomeric 
_pdbx_struct_assembly.oligomeric_count     1 
# 
_pdbx_struct_assembly_gen.assembly_id       1 
_pdbx_struct_assembly_gen.oper_expression   1 
_pdbx_struct_assembly_gen.asym_id_list      A,B,C 
# 
_pdbx_struct_oper_list.id                   1 
_pdbx_struct_oper_list.type                 'identity operation' 
_pdbx_struct_oper_list.name                 1_555 
_pdbx_struct_oper_list.symmetry_operation   x,y,z 
_pdbx_struct_oper_list.matrix[1][1]         1.0000000000 
_pdbx_struct_oper_list.matrix[1][2]         0.0000000000 
_pdbx_struct_oper_list.matrix[1][3]         0.0000000000 
_pdbx_struct_oper_list.vector[1]            0.0000000000 
_pdbx_struct_oper_list.matrix[2][1]         0.0000000000 
_pdbx_struct_oper_list.matrix[2][2]         1.0000000000 
_pdbx_struct_oper_list.matrix[2][3]         0.0000000000 
_pdbx_struct_oper_list.vector[2]            0.0000000000 
_pdbx_struct_oper_list.matrix[3][1]         0.0000000000 
_pdbx_struct_oper_list.matrix[3][2]         0.0000000000 
_pdbx_struct_oper_list.matrix[3][3]         1.0000000000 
_pdbx_struct_oper_list.vector[3]            0.0000000000 
# 
loop_
_pdbx_audit_revision_history.ordinal 
_pdbx_audit_revision_history.data_content_type 
_pdbx_audit_revision_history.major_revision 
_pdbx_audit_revision_history.minor_revision 
_pdbx_audit_revision_history.revision_date 
1 'Structure model' 1 0 2009-07-28 
2 'Structure model' 1 1 2011-07-13 
3 'Structure model' 1 2 2018-01-24 
4 'Structure model' 1 3 2023-12-13 
# 
_pdbx_audit_revision_details.ordinal             1 
_pdbx_audit_revision_details.revision_ordinal    1 
_pdbx_audit_revision_details.data_content_type   'Structure model' 
_pdbx_audit_revision_details.provider            repository 
_pdbx_audit_revision_details.type                'Initial release' 
_pdbx_audit_revision_details.description         ? 
_pdbx_audit_revision_details.details             ? 
# 
loop_
_pdbx_audit_revision_group.ordinal 
_pdbx_audit_revision_group.revision_ordinal 
_pdbx_audit_revision_group.data_content_type 
_pdbx_audit_revision_group.group 
1 2 'Structure model' Advisory                    
2 2 'Structure model' 'Version format compliance' 
3 3 'Structure model' 'Database references'       
4 4 'Structure model' 'Data collection'           
5 4 'Structure model' 'Database references'       
6 4 'Structure model' 'Derived calculations'      
7 4 'Structure model' Other                       
8 4 'Structure model' 'Refinement description'    
# 
loop_
_pdbx_audit_revision_category.ordinal 
_pdbx_audit_revision_category.revision_ordinal 
_pdbx_audit_revision_category.data_content_type 
_pdbx_audit_revision_category.category 
1 3 'Structure model' citation_author               
2 4 'Structure model' chem_comp_atom                
3 4 'Structure model' chem_comp_bond                
4 4 'Structure model' database_2                    
5 4 'Structure model' pdbx_database_status          
6 4 'Structure model' pdbx_initial_refinement_model 
7 4 'Structure model' struct_site                   
# 
loop_
_pdbx_audit_revision_item.ordinal 
_pdbx_audit_revision_item.revision_ordinal 
_pdbx_audit_revision_item.data_content_type 
_pdbx_audit_revision_item.item 
1 3 'Structure model' '_citation_author.name'                
2 4 'Structure model' '_database_2.pdbx_DOI'                 
3 4 'Structure model' '_database_2.pdbx_database_accession'  
4 4 'Structure model' '_pdbx_database_status.status_code_sf' 
5 4 'Structure model' '_struct_site.pdbx_auth_asym_id'       
6 4 'Structure model' '_struct_site.pdbx_auth_comp_id'       
7 4 'Structure model' '_struct_site.pdbx_auth_seq_id'        
# 
loop_
_pdbx_refine_tls.pdbx_refine_id 
_pdbx_refine_tls.id 
_pdbx_refine_tls.details 
_pdbx_refine_tls.method 
_pdbx_refine_tls.origin_x 
_pdbx_refine_tls.origin_y 
_pdbx_refine_tls.origin_z 
_pdbx_refine_tls.T[1][1] 
_pdbx_refine_tls.T[2][2] 
_pdbx_refine_tls.T[3][3] 
_pdbx_refine_tls.T[1][2] 
_pdbx_refine_tls.T[1][3] 
_pdbx_refine_tls.T[2][3] 
_pdbx_refine_tls.L[1][1] 
_pdbx_refine_tls.L[2][2] 
_pdbx_refine_tls.L[3][3] 
_pdbx_refine_tls.L[1][2] 
_pdbx_refine_tls.L[1][3] 
_pdbx_refine_tls.L[2][3] 
_pdbx_refine_tls.S[1][1] 
_pdbx_refine_tls.S[1][2] 
_pdbx_refine_tls.S[1][3] 
_pdbx_refine_tls.S[2][1] 
_pdbx_refine_tls.S[2][2] 
_pdbx_refine_tls.S[2][3] 
_pdbx_refine_tls.S[3][1] 
_pdbx_refine_tls.S[3][2] 
_pdbx_refine_tls.S[3][3] 
'X-RAY DIFFRACTION' 1 ? refined 2.1768  -0.4769 4.3379  0.1100 0.0931 0.1244 0.0068  -0.0036 0.0113 0.2543 0.1015 0.1056 -0.1425 -0.1032 0.0934  0.0113  -0.0178 0.0004  -0.0043 -0.0226 -0.0054 0.0132 -0.0465 0.0112  
'X-RAY DIFFRACTION' 2 ? refined 1.4894  -2.9602 11.4991 0.1487 0.1070 0.1091 0.0326  0.0069  0.0294 0.5145 0.8227 3.3382 0.2741  0.1281  1.5624  -0.0692 -0.0783 -0.0087 0.1143  0.0526  0.0122  0.2922 0.1869  0.0166  
'X-RAY DIFFRACTION' 3 ? refined 3.1843  4.6868  -3.1425 0.0794 0.1177 0.1273 0.0120  0.0072  0.0085 0.1035 0.6315 0.7128 -0.1460 -0.1192 0.2672  0.0013  0.0218  0.0238  0.0068  0.0084  -0.0742 0.0156 0.0759  -0.0097 
'X-RAY DIFFRACTION' 4 ? refined -8.9132 -4.0882 -3.8253 0.0969 0.1073 0.1230 -0.0050 0.0046  0.0010 0.6536 0.4107 0.7683 -0.3410 0.1401  -0.0998 0.0053  0.0184  -0.0995 0.0297  -0.0132 0.0601  0.0417 -0.0738 0.0079 
# 
loop_
_pdbx_refine_tls_group.pdbx_refine_id 
_pdbx_refine_tls_group.id 
_pdbx_refine_tls_group.refine_tls_id 
_pdbx_refine_tls_group.beg_auth_asym_id 
_pdbx_refine_tls_group.beg_auth_seq_id 
_pdbx_refine_tls_group.beg_label_asym_id 
_pdbx_refine_tls_group.beg_label_seq_id 
_pdbx_refine_tls_group.end_auth_asym_id 
_pdbx_refine_tls_group.end_auth_seq_id 
_pdbx_refine_tls_group.end_label_asym_id 
_pdbx_refine_tls_group.end_label_seq_id 
_pdbx_refine_tls_group.selection 
_pdbx_refine_tls_group.selection_details 
'X-RAY DIFFRACTION' 1 1 A -7  ? ? A 43  ? ? ? ? 
'X-RAY DIFFRACTION' 2 2 A 44  ? ? A 57  ? ? ? ? 
'X-RAY DIFFRACTION' 3 3 A 58  ? ? A 119 ? ? ? ? 
'X-RAY DIFFRACTION' 4 4 A 120 ? ? A 162 ? ? ? ? 
# 
loop_
_software.name 
_software.classification 
_software.version 
_software.citation_id 
_software.pdbx_ordinal 
REFMAC refinement       5.5.0089 ? 1 
MOSFLM 'data reduction' .        ? 2 
SCALA  'data scaling'   .        ? 3 
PHASER phasing          .        ? 4 
# 
loop_
_pdbx_validate_close_contact.id 
_pdbx_validate_close_contact.PDB_model_num 
_pdbx_validate_close_contact.auth_atom_id_1 
_pdbx_validate_close_contact.auth_asym_id_1 
_pdbx_validate_close_contact.auth_comp_id_1 
_pdbx_validate_close_contact.auth_seq_id_1 
_pdbx_validate_close_contact.PDB_ins_code_1 
_pdbx_validate_close_contact.label_alt_id_1 
_pdbx_validate_close_contact.auth_atom_id_2 
_pdbx_validate_close_contact.auth_asym_id_2 
_pdbx_validate_close_contact.auth_comp_id_2 
_pdbx_validate_close_contact.auth_seq_id_2 
_pdbx_validate_close_contact.PDB_ins_code_2 
_pdbx_validate_close_contact.label_alt_id_2 
_pdbx_validate_close_contact.dist 
1 1 O   A HOH 2118 ? ? O A HOH 2119 ? ? 1.99 
2 1 O   A HOH 2142 ? ? O A HOH 2144 ? ? 2.04 
3 1 O   A HOH 2143 ? ? O A HOH 2145 ? ? 2.07 
4 1 O   A HOH 2048 ? ? O A HOH 2061 ? ? 2.11 
5 1 OE1 A GLU 125  ? B O A HOH 2206 ? ? 2.13 
6 1 NZ  A LYS 7    ? ? O A HOH 2039 ? ? 2.16 
7 1 O   A HOH 2205 ? ? O A HOH 2206 ? ? 2.18 
8 1 O   A HOH 2176 ? ? O A HOH 2193 ? ? 2.18 
9 1 O   A HOH 2005 ? ? O A HOH 2054 ? ? 2.19 
# 
loop_
_pdbx_validate_torsion.id 
_pdbx_validate_torsion.PDB_model_num 
_pdbx_validate_torsion.auth_comp_id 
_pdbx_validate_torsion.auth_asym_id 
_pdbx_validate_torsion.auth_seq_id 
_pdbx_validate_torsion.PDB_ins_code 
_pdbx_validate_torsion.label_alt_id 
_pdbx_validate_torsion.phi 
_pdbx_validate_torsion.psi 
1 1 LEU A 13 ? ? -103.38 -72.57 
2 1 PRO A 19 ? ? -85.33  49.08  
3 1 THR A 24 ? ? -130.67 -49.23 
# 
loop_
_pdbx_unobs_or_zero_occ_residues.id 
_pdbx_unobs_or_zero_occ_residues.PDB_model_num 
_pdbx_unobs_or_zero_occ_residues.polymer_flag 
_pdbx_unobs_or_zero_occ_residues.occupancy_flag 
_pdbx_unobs_or_zero_occ_residues.auth_asym_id 
_pdbx_unobs_or_zero_occ_residues.auth_comp_id 
_pdbx_unobs_or_zero_occ_residues.auth_seq_id 
_pdbx_unobs_or_zero_occ_residues.PDB_ins_code 
_pdbx_unobs_or_zero_occ_residues.label_asym_id 
_pdbx_unobs_or_zero_occ_residues.label_comp_id 
_pdbx_unobs_or_zero_occ_residues.label_seq_id 
1  1 Y 1 A MET -20 ? A MET 1   
2  1 Y 1 A HIS -19 ? A HIS 2   
3  1 Y 1 A HIS -18 ? A HIS 3   
4  1 Y 1 A HIS -17 ? A HIS 4   
5  1 Y 1 A HIS -16 ? A HIS 5   
6  1 Y 1 A HIS -15 ? A HIS 6   
7  1 Y 1 A HIS -14 ? A HIS 7   
8  1 Y 1 A SER -13 ? A SER 8   
9  1 Y 1 A SER -12 ? A SER 9   
10 1 Y 1 A GLY -11 ? A GLY 10  
11 1 Y 1 A VAL -10 ? A VAL 11  
12 1 Y 1 A ASP -9  ? A ASP 12  
13 1 Y 1 A LEU -8  ? A LEU 13  
14 1 Y 1 A THR 163 ? A THR 184 
15 1 Y 1 A GLY 164 ? A GLY 185 
16 1 Y 1 A PRO 165 ? A PRO 186 
17 1 Y 1 A LEU 166 ? A LEU 187 
# 
loop_
_chem_comp_atom.comp_id 
_chem_comp_atom.atom_id 
_chem_comp_atom.type_symbol 
_chem_comp_atom.pdbx_aromatic_flag 
_chem_comp_atom.pdbx_stereo_config 
_chem_comp_atom.pdbx_ordinal 
ALA N    N N N 1   
ALA CA   C N S 2   
ALA C    C N N 3   
ALA O    O N N 4   
ALA CB   C N N 5   
ALA OXT  O N N 6   
ALA H    H N N 7   
ALA H2   H N N 8   
ALA HA   H N N 9   
ALA HB1  H N N 10  
ALA HB2  H N N 11  
ALA HB3  H N N 12  
ALA HXT  H N N 13  
ARG N    N N N 14  
ARG CA   C N S 15  
ARG C    C N N 16  
ARG O    O N N 17  
ARG CB   C N N 18  
ARG CG   C N N 19  
ARG CD   C N N 20  
ARG NE   N N N 21  
ARG CZ   C N N 22  
ARG NH1  N N N 23  
ARG NH2  N N N 24  
ARG OXT  O N N 25  
ARG H    H N N 26  
ARG H2   H N N 27  
ARG HA   H N N 28  
ARG HB2  H N N 29  
ARG HB3  H N N 30  
ARG HG2  H N N 31  
ARG HG3  H N N 32  
ARG HD2  H N N 33  
ARG HD3  H N N 34  
ARG HE   H N N 35  
ARG HH11 H N N 36  
ARG HH12 H N N 37  
ARG HH21 H N N 38  
ARG HH22 H N N 39  
ARG HXT  H N N 40  
ASN N    N N N 41  
ASN CA   C N S 42  
ASN C    C N N 43  
ASN O    O N N 44  
ASN CB   C N N 45  
ASN CG   C N N 46  
ASN OD1  O N N 47  
ASN ND2  N N N 48  
ASN OXT  O N N 49  
ASN H    H N N 50  
ASN H2   H N N 51  
ASN HA   H N N 52  
ASN HB2  H N N 53  
ASN HB3  H N N 54  
ASN HD21 H N N 55  
ASN HD22 H N N 56  
ASN HXT  H N N 57  
ASP N    N N N 58  
ASP CA   C N S 59  
ASP C    C N N 60  
ASP O    O N N 61  
ASP CB   C N N 62  
ASP CG   C N N 63  
ASP OD1  O N N 64  
ASP OD2  O N N 65  
ASP OXT  O N N 66  
ASP H    H N N 67  
ASP H2   H N N 68  
ASP HA   H N N 69  
ASP HB2  H N N 70  
ASP HB3  H N N 71  
ASP HD2  H N N 72  
ASP HXT  H N N 73  
CYS N    N N N 74  
CYS CA   C N R 75  
CYS C    C N N 76  
CYS O    O N N 77  
CYS CB   C N N 78  
CYS SG   S N N 79  
CYS OXT  O N N 80  
CYS H    H N N 81  
CYS H2   H N N 82  
CYS HA   H N N 83  
CYS HB2  H N N 84  
CYS HB3  H N N 85  
CYS HG   H N N 86  
CYS HXT  H N N 87  
EDO C1   C N N 88  
EDO O1   O N N 89  
EDO C2   C N N 90  
EDO O2   O N N 91  
EDO H11  H N N 92  
EDO H12  H N N 93  
EDO HO1  H N N 94  
EDO H21  H N N 95  
EDO H22  H N N 96  
EDO HO2  H N N 97  
GLN N    N N N 98  
GLN CA   C N S 99  
GLN C    C N N 100 
GLN O    O N N 101 
GLN CB   C N N 102 
GLN CG   C N N 103 
GLN CD   C N N 104 
GLN OE1  O N N 105 
GLN NE2  N N N 106 
GLN OXT  O N N 107 
GLN H    H N N 108 
GLN H2   H N N 109 
GLN HA   H N N 110 
GLN HB2  H N N 111 
GLN HB3  H N N 112 
GLN HG2  H N N 113 
GLN HG3  H N N 114 
GLN HE21 H N N 115 
GLN HE22 H N N 116 
GLN HXT  H N N 117 
GLU N    N N N 118 
GLU CA   C N S 119 
GLU C    C N N 120 
GLU O    O N N 121 
GLU CB   C N N 122 
GLU CG   C N N 123 
GLU CD   C N N 124 
GLU OE1  O N N 125 
GLU OE2  O N N 126 
GLU OXT  O N N 127 
GLU H    H N N 128 
GLU H2   H N N 129 
GLU HA   H N N 130 
GLU HB2  H N N 131 
GLU HB3  H N N 132 
GLU HG2  H N N 133 
GLU HG3  H N N 134 
GLU HE2  H N N 135 
GLU HXT  H N N 136 
GLY N    N N N 137 
GLY CA   C N N 138 
GLY C    C N N 139 
GLY O    O N N 140 
GLY OXT  O N N 141 
GLY H    H N N 142 
GLY H2   H N N 143 
GLY HA2  H N N 144 
GLY HA3  H N N 145 
GLY HXT  H N N 146 
HIS N    N N N 147 
HIS CA   C N S 148 
HIS C    C N N 149 
HIS O    O N N 150 
HIS CB   C N N 151 
HIS CG   C Y N 152 
HIS ND1  N Y N 153 
HIS CD2  C Y N 154 
HIS CE1  C Y N 155 
HIS NE2  N Y N 156 
HIS OXT  O N N 157 
HIS H    H N N 158 
HIS H2   H N N 159 
HIS HA   H N N 160 
HIS HB2  H N N 161 
HIS HB3  H N N 162 
HIS HD1  H N N 163 
HIS HD2  H N N 164 
HIS HE1  H N N 165 
HIS HE2  H N N 166 
HIS HXT  H N N 167 
HOH O    O N N 168 
HOH H1   H N N 169 
HOH H2   H N N 170 
ILE N    N N N 171 
ILE CA   C N S 172 
ILE C    C N N 173 
ILE O    O N N 174 
ILE CB   C N S 175 
ILE CG1  C N N 176 
ILE CG2  C N N 177 
ILE CD1  C N N 178 
ILE OXT  O N N 179 
ILE H    H N N 180 
ILE H2   H N N 181 
ILE HA   H N N 182 
ILE HB   H N N 183 
ILE HG12 H N N 184 
ILE HG13 H N N 185 
ILE HG21 H N N 186 
ILE HG22 H N N 187 
ILE HG23 H N N 188 
ILE HD11 H N N 189 
ILE HD12 H N N 190 
ILE HD13 H N N 191 
ILE HXT  H N N 192 
LEU N    N N N 193 
LEU CA   C N S 194 
LEU C    C N N 195 
LEU O    O N N 196 
LEU CB   C N N 197 
LEU CG   C N N 198 
LEU CD1  C N N 199 
LEU CD2  C N N 200 
LEU OXT  O N N 201 
LEU H    H N N 202 
LEU H2   H N N 203 
LEU HA   H N N 204 
LEU HB2  H N N 205 
LEU HB3  H N N 206 
LEU HG   H N N 207 
LEU HD11 H N N 208 
LEU HD12 H N N 209 
LEU HD13 H N N 210 
LEU HD21 H N N 211 
LEU HD22 H N N 212 
LEU HD23 H N N 213 
LEU HXT  H N N 214 
LYS N    N N N 215 
LYS CA   C N S 216 
LYS C    C N N 217 
LYS O    O N N 218 
LYS CB   C N N 219 
LYS CG   C N N 220 
LYS CD   C N N 221 
LYS CE   C N N 222 
LYS NZ   N N N 223 
LYS OXT  O N N 224 
LYS H    H N N 225 
LYS H2   H N N 226 
LYS HA   H N N 227 
LYS HB2  H N N 228 
LYS HB3  H N N 229 
LYS HG2  H N N 230 
LYS HG3  H N N 231 
LYS HD2  H N N 232 
LYS HD3  H N N 233 
LYS HE2  H N N 234 
LYS HE3  H N N 235 
LYS HZ1  H N N 236 
LYS HZ2  H N N 237 
LYS HZ3  H N N 238 
LYS HXT  H N N 239 
MET N    N N N 240 
MET CA   C N S 241 
MET C    C N N 242 
MET O    O N N 243 
MET CB   C N N 244 
MET CG   C N N 245 
MET SD   S N N 246 
MET CE   C N N 247 
MET OXT  O N N 248 
MET H    H N N 249 
MET H2   H N N 250 
MET HA   H N N 251 
MET HB2  H N N 252 
MET HB3  H N N 253 
MET HG2  H N N 254 
MET HG3  H N N 255 
MET HE1  H N N 256 
MET HE2  H N N 257 
MET HE3  H N N 258 
MET HXT  H N N 259 
PHE N    N N N 260 
PHE CA   C N S 261 
PHE C    C N N 262 
PHE O    O N N 263 
PHE CB   C N N 264 
PHE CG   C Y N 265 
PHE CD1  C Y N 266 
PHE CD2  C Y N 267 
PHE CE1  C Y N 268 
PHE CE2  C Y N 269 
PHE CZ   C Y N 270 
PHE OXT  O N N 271 
PHE H    H N N 272 
PHE H2   H N N 273 
PHE HA   H N N 274 
PHE HB2  H N N 275 
PHE HB3  H N N 276 
PHE HD1  H N N 277 
PHE HD2  H N N 278 
PHE HE1  H N N 279 
PHE HE2  H N N 280 
PHE HZ   H N N 281 
PHE HXT  H N N 282 
PRO N    N N N 283 
PRO CA   C N S 284 
PRO C    C N N 285 
PRO O    O N N 286 
PRO CB   C N N 287 
PRO CG   C N N 288 
PRO CD   C N N 289 
PRO OXT  O N N 290 
PRO H    H N N 291 
PRO HA   H N N 292 
PRO HB2  H N N 293 
PRO HB3  H N N 294 
PRO HG2  H N N 295 
PRO HG3  H N N 296 
PRO HD2  H N N 297 
PRO HD3  H N N 298 
PRO HXT  H N N 299 
SER N    N N N 300 
SER CA   C N S 301 
SER C    C N N 302 
SER O    O N N 303 
SER CB   C N N 304 
SER OG   O N N 305 
SER OXT  O N N 306 
SER H    H N N 307 
SER H2   H N N 308 
SER HA   H N N 309 
SER HB2  H N N 310 
SER HB3  H N N 311 
SER HG   H N N 312 
SER HXT  H N N 313 
THR N    N N N 314 
THR CA   C N S 315 
THR C    C N N 316 
THR O    O N N 317 
THR CB   C N R 318 
THR OG1  O N N 319 
THR CG2  C N N 320 
THR OXT  O N N 321 
THR H    H N N 322 
THR H2   H N N 323 
THR HA   H N N 324 
THR HB   H N N 325 
THR HG1  H N N 326 
THR HG21 H N N 327 
THR HG22 H N N 328 
THR HG23 H N N 329 
THR HXT  H N N 330 
TRP N    N N N 331 
TRP CA   C N S 332 
TRP C    C N N 333 
TRP O    O N N 334 
TRP CB   C N N 335 
TRP CG   C Y N 336 
TRP CD1  C Y N 337 
TRP CD2  C Y N 338 
TRP NE1  N Y N 339 
TRP CE2  C Y N 340 
TRP CE3  C Y N 341 
TRP CZ2  C Y N 342 
TRP CZ3  C Y N 343 
TRP CH2  C Y N 344 
TRP OXT  O N N 345 
TRP H    H N N 346 
TRP H2   H N N 347 
TRP HA   H N N 348 
TRP HB2  H N N 349 
TRP HB3  H N N 350 
TRP HD1  H N N 351 
TRP HE1  H N N 352 
TRP HE3  H N N 353 
TRP HZ2  H N N 354 
TRP HZ3  H N N 355 
TRP HH2  H N N 356 
TRP HXT  H N N 357 
TYR N    N N N 358 
TYR CA   C N S 359 
TYR C    C N N 360 
TYR O    O N N 361 
TYR CB   C N N 362 
TYR CG   C Y N 363 
TYR CD1  C Y N 364 
TYR CD2  C Y N 365 
TYR CE1  C Y N 366 
TYR CE2  C Y N 367 
TYR CZ   C Y N 368 
TYR OH   O N N 369 
TYR OXT  O N N 370 
TYR H    H N N 371 
TYR H2   H N N 372 
TYR HA   H N N 373 
TYR HB2  H N N 374 
TYR HB3  H N N 375 
TYR HD1  H N N 376 
TYR HD2  H N N 377 
TYR HE1  H N N 378 
TYR HE2  H N N 379 
TYR HH   H N N 380 
TYR HXT  H N N 381 
VAL N    N N N 382 
VAL CA   C N S 383 
VAL C    C N N 384 
VAL O    O N N 385 
VAL CB   C N N 386 
VAL CG1  C N N 387 
VAL CG2  C N N 388 
VAL OXT  O N N 389 
VAL H    H N N 390 
VAL H2   H N N 391 
VAL HA   H N N 392 
VAL HB   H N N 393 
VAL HG11 H N N 394 
VAL HG12 H N N 395 
VAL HG13 H N N 396 
VAL HG21 H N N 397 
VAL HG22 H N N 398 
VAL HG23 H N N 399 
VAL HXT  H N N 400 
# 
loop_
_chem_comp_bond.comp_id 
_chem_comp_bond.atom_id_1 
_chem_comp_bond.atom_id_2 
_chem_comp_bond.value_order 
_chem_comp_bond.pdbx_aromatic_flag 
_chem_comp_bond.pdbx_stereo_config 
_chem_comp_bond.pdbx_ordinal 
ALA N   CA   sing N N 1   
ALA N   H    sing N N 2   
ALA N   H2   sing N N 3   
ALA CA  C    sing N N 4   
ALA CA  CB   sing N N 5   
ALA CA  HA   sing N N 6   
ALA C   O    doub N N 7   
ALA C   OXT  sing N N 8   
ALA CB  HB1  sing N N 9   
ALA CB  HB2  sing N N 10  
ALA CB  HB3  sing N N 11  
ALA OXT HXT  sing N N 12  
ARG N   CA   sing N N 13  
ARG N   H    sing N N 14  
ARG N   H2   sing N N 15  
ARG CA  C    sing N N 16  
ARG CA  CB   sing N N 17  
ARG CA  HA   sing N N 18  
ARG C   O    doub N N 19  
ARG C   OXT  sing N N 20  
ARG CB  CG   sing N N 21  
ARG CB  HB2  sing N N 22  
ARG CB  HB3  sing N N 23  
ARG CG  CD   sing N N 24  
ARG CG  HG2  sing N N 25  
ARG CG  HG3  sing N N 26  
ARG CD  NE   sing N N 27  
ARG CD  HD2  sing N N 28  
ARG CD  HD3  sing N N 29  
ARG NE  CZ   sing N N 30  
ARG NE  HE   sing N N 31  
ARG CZ  NH1  sing N N 32  
ARG CZ  NH2  doub N N 33  
ARG NH1 HH11 sing N N 34  
ARG NH1 HH12 sing N N 35  
ARG NH2 HH21 sing N N 36  
ARG NH2 HH22 sing N N 37  
ARG OXT HXT  sing N N 38  
ASN N   CA   sing N N 39  
ASN N   H    sing N N 40  
ASN N   H2   sing N N 41  
ASN CA  C    sing N N 42  
ASN CA  CB   sing N N 43  
ASN CA  HA   sing N N 44  
ASN C   O    doub N N 45  
ASN C   OXT  sing N N 46  
ASN CB  CG   sing N N 47  
ASN CB  HB2  sing N N 48  
ASN CB  HB3  sing N N 49  
ASN CG  OD1  doub N N 50  
ASN CG  ND2  sing N N 51  
ASN ND2 HD21 sing N N 52  
ASN ND2 HD22 sing N N 53  
ASN OXT HXT  sing N N 54  
ASP N   CA   sing N N 55  
ASP N   H    sing N N 56  
ASP N   H2   sing N N 57  
ASP CA  C    sing N N 58  
ASP CA  CB   sing N N 59  
ASP CA  HA   sing N N 60  
ASP C   O    doub N N 61  
ASP C   OXT  sing N N 62  
ASP CB  CG   sing N N 63  
ASP CB  HB2  sing N N 64  
ASP CB  HB3  sing N N 65  
ASP CG  OD1  doub N N 66  
ASP CG  OD2  sing N N 67  
ASP OD2 HD2  sing N N 68  
ASP OXT HXT  sing N N 69  
CYS N   CA   sing N N 70  
CYS N   H    sing N N 71  
CYS N   H2   sing N N 72  
CYS CA  C    sing N N 73  
CYS CA  CB   sing N N 74  
CYS CA  HA   sing N N 75  
CYS C   O    doub N N 76  
CYS C   OXT  sing N N 77  
CYS CB  SG   sing N N 78  
CYS CB  HB2  sing N N 79  
CYS CB  HB3  sing N N 80  
CYS SG  HG   sing N N 81  
CYS OXT HXT  sing N N 82  
EDO C1  O1   sing N N 83  
EDO C1  C2   sing N N 84  
EDO C1  H11  sing N N 85  
EDO C1  H12  sing N N 86  
EDO O1  HO1  sing N N 87  
EDO C2  O2   sing N N 88  
EDO C2  H21  sing N N 89  
EDO C2  H22  sing N N 90  
EDO O2  HO2  sing N N 91  
GLN N   CA   sing N N 92  
GLN N   H    sing N N 93  
GLN N   H2   sing N N 94  
GLN CA  C    sing N N 95  
GLN CA  CB   sing N N 96  
GLN CA  HA   sing N N 97  
GLN C   O    doub N N 98  
GLN C   OXT  sing N N 99  
GLN CB  CG   sing N N 100 
GLN CB  HB2  sing N N 101 
GLN CB  HB3  sing N N 102 
GLN CG  CD   sing N N 103 
GLN CG  HG2  sing N N 104 
GLN CG  HG3  sing N N 105 
GLN CD  OE1  doub N N 106 
GLN CD  NE2  sing N N 107 
GLN NE2 HE21 sing N N 108 
GLN NE2 HE22 sing N N 109 
GLN OXT HXT  sing N N 110 
GLU N   CA   sing N N 111 
GLU N   H    sing N N 112 
GLU N   H2   sing N N 113 
GLU CA  C    sing N N 114 
GLU CA  CB   sing N N 115 
GLU CA  HA   sing N N 116 
GLU C   O    doub N N 117 
GLU C   OXT  sing N N 118 
GLU CB  CG   sing N N 119 
GLU CB  HB2  sing N N 120 
GLU CB  HB3  sing N N 121 
GLU CG  CD   sing N N 122 
GLU CG  HG2  sing N N 123 
GLU CG  HG3  sing N N 124 
GLU CD  OE1  doub N N 125 
GLU CD  OE2  sing N N 126 
GLU OE2 HE2  sing N N 127 
GLU OXT HXT  sing N N 128 
GLY N   CA   sing N N 129 
GLY N   H    sing N N 130 
GLY N   H2   sing N N 131 
GLY CA  C    sing N N 132 
GLY CA  HA2  sing N N 133 
GLY CA  HA3  sing N N 134 
GLY C   O    doub N N 135 
GLY C   OXT  sing N N 136 
GLY OXT HXT  sing N N 137 
HIS N   CA   sing N N 138 
HIS N   H    sing N N 139 
HIS N   H2   sing N N 140 
HIS CA  C    sing N N 141 
HIS CA  CB   sing N N 142 
HIS CA  HA   sing N N 143 
HIS C   O    doub N N 144 
HIS C   OXT  sing N N 145 
HIS CB  CG   sing N N 146 
HIS CB  HB2  sing N N 147 
HIS CB  HB3  sing N N 148 
HIS CG  ND1  sing Y N 149 
HIS CG  CD2  doub Y N 150 
HIS ND1 CE1  doub Y N 151 
HIS ND1 HD1  sing N N 152 
HIS CD2 NE2  sing Y N 153 
HIS CD2 HD2  sing N N 154 
HIS CE1 NE2  sing Y N 155 
HIS CE1 HE1  sing N N 156 
HIS NE2 HE2  sing N N 157 
HIS OXT HXT  sing N N 158 
HOH O   H1   sing N N 159 
HOH O   H2   sing N N 160 
ILE N   CA   sing N N 161 
ILE N   H    sing N N 162 
ILE N   H2   sing N N 163 
ILE CA  C    sing N N 164 
ILE CA  CB   sing N N 165 
ILE CA  HA   sing N N 166 
ILE C   O    doub N N 167 
ILE C   OXT  sing N N 168 
ILE CB  CG1  sing N N 169 
ILE CB  CG2  sing N N 170 
ILE CB  HB   sing N N 171 
ILE CG1 CD1  sing N N 172 
ILE CG1 HG12 sing N N 173 
ILE CG1 HG13 sing N N 174 
ILE CG2 HG21 sing N N 175 
ILE CG2 HG22 sing N N 176 
ILE CG2 HG23 sing N N 177 
ILE CD1 HD11 sing N N 178 
ILE CD1 HD12 sing N N 179 
ILE CD1 HD13 sing N N 180 
ILE OXT HXT  sing N N 181 
LEU N   CA   sing N N 182 
LEU N   H    sing N N 183 
LEU N   H2   sing N N 184 
LEU CA  C    sing N N 185 
LEU CA  CB   sing N N 186 
LEU CA  HA   sing N N 187 
LEU C   O    doub N N 188 
LEU C   OXT  sing N N 189 
LEU CB  CG   sing N N 190 
LEU CB  HB2  sing N N 191 
LEU CB  HB3  sing N N 192 
LEU CG  CD1  sing N N 193 
LEU CG  CD2  sing N N 194 
LEU CG  HG   sing N N 195 
LEU CD1 HD11 sing N N 196 
LEU CD1 HD12 sing N N 197 
LEU CD1 HD13 sing N N 198 
LEU CD2 HD21 sing N N 199 
LEU CD2 HD22 sing N N 200 
LEU CD2 HD23 sing N N 201 
LEU OXT HXT  sing N N 202 
LYS N   CA   sing N N 203 
LYS N   H    sing N N 204 
LYS N   H2   sing N N 205 
LYS CA  C    sing N N 206 
LYS CA  CB   sing N N 207 
LYS CA  HA   sing N N 208 
LYS C   O    doub N N 209 
LYS C   OXT  sing N N 210 
LYS CB  CG   sing N N 211 
LYS CB  HB2  sing N N 212 
LYS CB  HB3  sing N N 213 
LYS CG  CD   sing N N 214 
LYS CG  HG2  sing N N 215 
LYS CG  HG3  sing N N 216 
LYS CD  CE   sing N N 217 
LYS CD  HD2  sing N N 218 
LYS CD  HD3  sing N N 219 
LYS CE  NZ   sing N N 220 
LYS CE  HE2  sing N N 221 
LYS CE  HE3  sing N N 222 
LYS NZ  HZ1  sing N N 223 
LYS NZ  HZ2  sing N N 224 
LYS NZ  HZ3  sing N N 225 
LYS OXT HXT  sing N N 226 
MET N   CA   sing N N 227 
MET N   H    sing N N 228 
MET N   H2   sing N N 229 
MET CA  C    sing N N 230 
MET CA  CB   sing N N 231 
MET CA  HA   sing N N 232 
MET C   O    doub N N 233 
MET C   OXT  sing N N 234 
MET CB  CG   sing N N 235 
MET CB  HB2  sing N N 236 
MET CB  HB3  sing N N 237 
MET CG  SD   sing N N 238 
MET CG  HG2  sing N N 239 
MET CG  HG3  sing N N 240 
MET SD  CE   sing N N 241 
MET CE  HE1  sing N N 242 
MET CE  HE2  sing N N 243 
MET CE  HE3  sing N N 244 
MET OXT HXT  sing N N 245 
PHE N   CA   sing N N 246 
PHE N   H    sing N N 247 
PHE N   H2   sing N N 248 
PHE CA  C    sing N N 249 
PHE CA  CB   sing N N 250 
PHE CA  HA   sing N N 251 
PHE C   O    doub N N 252 
PHE C   OXT  sing N N 253 
PHE CB  CG   sing N N 254 
PHE CB  HB2  sing N N 255 
PHE CB  HB3  sing N N 256 
PHE CG  CD1  doub Y N 257 
PHE CG  CD2  sing Y N 258 
PHE CD1 CE1  sing Y N 259 
PHE CD1 HD1  sing N N 260 
PHE CD2 CE2  doub Y N 261 
PHE CD2 HD2  sing N N 262 
PHE CE1 CZ   doub Y N 263 
PHE CE1 HE1  sing N N 264 
PHE CE2 CZ   sing Y N 265 
PHE CE2 HE2  sing N N 266 
PHE CZ  HZ   sing N N 267 
PHE OXT HXT  sing N N 268 
PRO N   CA   sing N N 269 
PRO N   CD   sing N N 270 
PRO N   H    sing N N 271 
PRO CA  C    sing N N 272 
PRO CA  CB   sing N N 273 
PRO CA  HA   sing N N 274 
PRO C   O    doub N N 275 
PRO C   OXT  sing N N 276 
PRO CB  CG   sing N N 277 
PRO CB  HB2  sing N N 278 
PRO CB  HB3  sing N N 279 
PRO CG  CD   sing N N 280 
PRO CG  HG2  sing N N 281 
PRO CG  HG3  sing N N 282 
PRO CD  HD2  sing N N 283 
PRO CD  HD3  sing N N 284 
PRO OXT HXT  sing N N 285 
SER N   CA   sing N N 286 
SER N   H    sing N N 287 
SER N   H2   sing N N 288 
SER CA  C    sing N N 289 
SER CA  CB   sing N N 290 
SER CA  HA   sing N N 291 
SER C   O    doub N N 292 
SER C   OXT  sing N N 293 
SER CB  OG   sing N N 294 
SER CB  HB2  sing N N 295 
SER CB  HB3  sing N N 296 
SER OG  HG   sing N N 297 
SER OXT HXT  sing N N 298 
THR N   CA   sing N N 299 
THR N   H    sing N N 300 
THR N   H2   sing N N 301 
THR CA  C    sing N N 302 
THR CA  CB   sing N N 303 
THR CA  HA   sing N N 304 
THR C   O    doub N N 305 
THR C   OXT  sing N N 306 
THR CB  OG1  sing N N 307 
THR CB  CG2  sing N N 308 
THR CB  HB   sing N N 309 
THR OG1 HG1  sing N N 310 
THR CG2 HG21 sing N N 311 
THR CG2 HG22 sing N N 312 
THR CG2 HG23 sing N N 313 
THR OXT HXT  sing N N 314 
TRP N   CA   sing N N 315 
TRP N   H    sing N N 316 
TRP N   H2   sing N N 317 
TRP CA  C    sing N N 318 
TRP CA  CB   sing N N 319 
TRP CA  HA   sing N N 320 
TRP C   O    doub N N 321 
TRP C   OXT  sing N N 322 
TRP CB  CG   sing N N 323 
TRP CB  HB2  sing N N 324 
TRP CB  HB3  sing N N 325 
TRP CG  CD1  doub Y N 326 
TRP CG  CD2  sing Y N 327 
TRP CD1 NE1  sing Y N 328 
TRP CD1 HD1  sing N N 329 
TRP CD2 CE2  doub Y N 330 
TRP CD2 CE3  sing Y N 331 
TRP NE1 CE2  sing Y N 332 
TRP NE1 HE1  sing N N 333 
TRP CE2 CZ2  sing Y N 334 
TRP CE3 CZ3  doub Y N 335 
TRP CE3 HE3  sing N N 336 
TRP CZ2 CH2  doub Y N 337 
TRP CZ2 HZ2  sing N N 338 
TRP CZ3 CH2  sing Y N 339 
TRP CZ3 HZ3  sing N N 340 
TRP CH2 HH2  sing N N 341 
TRP OXT HXT  sing N N 342 
TYR N   CA   sing N N 343 
TYR N   H    sing N N 344 
TYR N   H2   sing N N 345 
TYR CA  C    sing N N 346 
TYR CA  CB   sing N N 347 
TYR CA  HA   sing N N 348 
TYR C   O    doub N N 349 
TYR C   OXT  sing N N 350 
TYR CB  CG   sing N N 351 
TYR CB  HB2  sing N N 352 
TYR CB  HB3  sing N N 353 
TYR CG  CD1  doub Y N 354 
TYR CG  CD2  sing Y N 355 
TYR CD1 CE1  sing Y N 356 
TYR CD1 HD1  sing N N 357 
TYR CD2 CE2  doub Y N 358 
TYR CD2 HD2  sing N N 359 
TYR CE1 CZ   doub Y N 360 
TYR CE1 HE1  sing N N 361 
TYR CE2 CZ   sing Y N 362 
TYR CE2 HE2  sing N N 363 
TYR CZ  OH   sing N N 364 
TYR OH  HH   sing N N 365 
TYR OXT HXT  sing N N 366 
VAL N   CA   sing N N 367 
VAL N   H    sing N N 368 
VAL N   H2   sing N N 369 
VAL CA  C    sing N N 370 
VAL CA  CB   sing N N 371 
VAL CA  HA   sing N N 372 
VAL C   O    doub N N 373 
VAL C   OXT  sing N N 374 
VAL CB  CG1  sing N N 375 
VAL CB  CG2  sing N N 376 
VAL CB  HB   sing N N 377 
VAL CG1 HG11 sing N N 378 
VAL CG1 HG12 sing N N 379 
VAL CG1 HG13 sing N N 380 
VAL CG2 HG21 sing N N 381 
VAL CG2 HG22 sing N N 382 
VAL CG2 HG23 sing N N 383 
VAL OXT HXT  sing N N 384 
# 
loop_
_pdbx_entity_nonpoly.entity_id 
_pdbx_entity_nonpoly.name 
_pdbx_entity_nonpoly.comp_id 
2 1,2-ETHANEDIOL EDO 
3 water          HOH 
# 
_pdbx_initial_refinement_model.id               1 
_pdbx_initial_refinement_model.entity_id_list   ? 
_pdbx_initial_refinement_model.type             'experimental model' 
_pdbx_initial_refinement_model.source_name      PDB 
_pdbx_initial_refinement_model.accession_code   1U1P 
_pdbx_initial_refinement_model.details          'PDB ENTRY 1U1P' 
# 
